data_1TXP
#
_entry.id   1TXP
#
_entity_poly.entity_id   1
_entity_poly.type   'polypeptide(L)'
_entity_poly.pdbx_seq_one_letter_code
;IQAIKKELTQIKQKVDSLLENLEKIEKE
;
_entity_poly.pdbx_strand_id   A,B,C,D
#
# COMPACT_ATOMS: atom_id res chain seq x y z
N ILE A 1 10.04 -3.08 15.19
CA ILE A 1 9.08 -3.79 14.28
C ILE A 1 7.60 -3.59 14.66
N GLN A 2 7.16 -3.90 15.88
CA GLN A 2 5.74 -4.20 16.20
C GLN A 2 4.71 -3.19 15.67
N ALA A 3 4.86 -1.89 15.91
CA ALA A 3 3.92 -0.88 15.40
C ALA A 3 3.96 -0.75 13.86
N ILE A 4 5.15 -0.80 13.25
CA ILE A 4 5.33 -0.79 11.79
C ILE A 4 4.66 -2.01 11.16
N LYS A 5 4.80 -3.19 11.77
CA LYS A 5 4.08 -4.42 11.38
C LYS A 5 2.57 -4.22 11.42
N LYS A 6 2.05 -3.52 12.43
CA LYS A 6 0.61 -3.23 12.57
C LYS A 6 0.13 -2.24 11.51
N GLU A 7 0.90 -1.19 11.24
CA GLU A 7 0.65 -0.24 10.14
C GLU A 7 0.63 -0.92 8.77
N LEU A 8 1.64 -1.74 8.42
CA LEU A 8 1.68 -2.54 7.19
C LEU A 8 0.50 -3.53 7.10
N THR A 9 0.17 -4.22 8.18
CA THR A 9 -1.04 -5.08 8.26
C THR A 9 -2.32 -4.30 7.95
N GLN A 10 -2.46 -3.05 8.44
CA GLN A 10 -3.58 -2.18 8.08
C GLN A 10 -3.57 -1.75 6.59
N ILE A 11 -2.40 -1.61 5.96
CA ILE A 11 -2.33 -1.41 4.50
C ILE A 11 -2.88 -2.61 3.76
N LYS A 12 -2.45 -3.85 4.08
CA LYS A 12 -3.03 -5.08 3.50
C LYS A 12 -4.55 -5.14 3.67
N GLN A 13 -5.06 -4.77 4.86
CA GLN A 13 -6.46 -4.79 5.20
C GLN A 13 -7.26 -3.75 4.41
N LYS A 14 -6.79 -2.50 4.31
CA LYS A 14 -7.46 -1.49 3.46
C LYS A 14 -7.38 -1.85 1.98
N VAL A 15 -6.22 -2.29 1.49
CA VAL A 15 -6.04 -2.72 0.09
C VAL A 15 -6.96 -3.90 -0.26
N ASP A 16 -7.15 -4.86 0.64
CA ASP A 16 -8.14 -5.95 0.50
C ASP A 16 -9.59 -5.44 0.48
N SER A 17 -9.91 -4.44 1.31
CA SER A 17 -11.21 -3.77 1.30
C SER A 17 -11.53 -3.13 -0.06
N LEU A 18 -10.54 -2.61 -0.80
CA LEU A 18 -10.74 -2.08 -2.15
C LEU A 18 -11.06 -3.19 -3.17
N LEU A 19 -10.52 -4.41 -3.01
CA LEU A 19 -10.95 -5.58 -3.80
C LEU A 19 -12.44 -5.87 -3.59
N GLU A 20 -12.89 -5.86 -2.33
CA GLU A 20 -14.29 -6.07 -1.95
C GLU A 20 -15.23 -5.00 -2.56
N ASN A 21 -14.83 -3.73 -2.50
CA ASN A 21 -15.60 -2.61 -3.04
C ASN A 21 -15.61 -2.60 -4.59
N LEU A 22 -14.50 -2.95 -5.23
CA LEU A 22 -14.40 -3.15 -6.69
C LEU A 22 -15.31 -4.28 -7.18
N GLU A 23 -15.45 -5.37 -6.42
CA GLU A 23 -16.32 -6.51 -6.79
C GLU A 23 -17.81 -6.13 -6.93
N LYS A 24 -18.27 -5.11 -6.18
CA LYS A 24 -19.63 -4.54 -6.33
C LYS A 24 -19.80 -3.68 -7.58
N ILE A 25 -18.72 -3.07 -8.09
CA ILE A 25 -18.63 -2.22 -9.31
C ILE A 25 -19.40 -0.89 -9.23
N GLU A 26 -20.56 -0.86 -8.57
CA GLU A 26 -21.52 0.26 -8.54
C GLU A 26 -21.87 0.68 -7.09
N LYS A 27 -20.88 0.59 -6.18
CA LYS A 27 -20.98 0.97 -4.76
C LYS A 27 -19.75 1.79 -4.33
N GLU A 28 -19.85 2.45 -3.19
CA GLU A 28 -18.90 3.44 -2.65
C GLU A 28 -18.62 3.24 -1.15
N ILE B 1 -14.17 5.21 -10.44
CA ILE B 1 -12.86 5.79 -9.99
C ILE B 1 -12.92 6.41 -8.59
N GLN B 2 -13.70 7.47 -8.35
CA GLN B 2 -13.54 8.40 -7.21
C GLN B 2 -13.36 7.73 -5.82
N ALA B 3 -14.15 6.72 -5.50
CA ALA B 3 -14.06 5.98 -4.23
C ALA B 3 -12.70 5.28 -4.05
N ILE B 4 -12.27 4.51 -5.06
CA ILE B 4 -10.99 3.79 -5.07
C ILE B 4 -9.83 4.78 -5.10
N LYS B 5 -9.99 5.88 -5.84
CA LYS B 5 -9.03 6.99 -5.96
C LYS B 5 -8.75 7.66 -4.61
N LYS B 6 -9.81 7.98 -3.83
CA LYS B 6 -9.67 8.52 -2.47
C LYS B 6 -8.94 7.53 -1.55
N GLU B 7 -9.29 6.26 -1.61
CA GLU B 7 -8.62 5.21 -0.82
C GLU B 7 -7.16 4.95 -1.22
N LEU B 8 -6.81 4.93 -2.51
CA LEU B 8 -5.42 4.88 -2.97
C LEU B 8 -4.61 6.08 -2.46
N THR B 9 -5.17 7.30 -2.51
CA THR B 9 -4.55 8.48 -1.88
C THR B 9 -4.37 8.31 -0.36
N GLN B 10 -5.34 7.72 0.35
CA GLN B 10 -5.16 7.37 1.77
C GLN B 10 -4.02 6.36 1.98
N ILE B 11 -3.89 5.33 1.14
CA ILE B 11 -2.76 4.39 1.21
C ILE B 11 -1.42 5.11 1.04
N LYS B 12 -1.27 6.01 0.06
CA LYS B 12 -0.06 6.84 -0.07
C LYS B 12 0.24 7.64 1.19
N GLN B 13 -0.77 8.24 1.82
CA GLN B 13 -0.62 9.04 3.04
C GLN B 13 -0.25 8.17 4.26
N LYS B 14 -0.81 6.97 4.41
CA LYS B 14 -0.40 6.02 5.46
C LYS B 14 1.02 5.51 5.23
N VAL B 15 1.38 5.15 3.98
CA VAL B 15 2.74 4.76 3.60
C VAL B 15 3.75 5.89 3.82
N ASP B 16 3.38 7.16 3.58
CA ASP B 16 4.20 8.34 3.87
C ASP B 16 4.35 8.60 5.38
N SER B 17 3.28 8.42 6.15
CA SER B 17 3.32 8.43 7.62
C SER B 17 4.28 7.35 8.17
N LEU B 18 4.31 6.17 7.53
CA LEU B 18 5.27 5.11 7.82
C LEU B 18 6.73 5.51 7.53
N LEU B 19 7.02 6.24 6.43
CA LEU B 19 8.33 6.85 6.19
C LEU B 19 8.74 7.77 7.35
N GLU B 20 7.82 8.63 7.81
CA GLU B 20 8.05 9.55 8.92
C GLU B 20 8.28 8.84 10.27
N ASN B 21 7.66 7.67 10.48
CA ASN B 21 7.86 6.84 11.68
C ASN B 21 9.26 6.20 11.70
N LEU B 22 9.70 5.60 10.59
CA LEU B 22 11.01 4.93 10.48
C LEU B 22 12.19 5.85 10.81
N GLU B 23 12.11 7.11 10.39
CA GLU B 23 13.08 8.19 10.68
C GLU B 23 13.31 8.50 12.18
N LYS B 24 12.43 8.05 13.09
CA LYS B 24 12.71 8.12 14.55
C LYS B 24 13.71 7.07 15.01
N ILE B 25 13.70 5.90 14.36
CA ILE B 25 14.62 4.75 14.55
C ILE B 25 14.50 4.10 15.94
N GLU B 26 14.19 2.80 15.95
CA GLU B 26 14.04 1.94 17.14
C GLU B 26 13.07 2.47 18.23
N LYS B 27 12.13 3.36 17.84
CA LYS B 27 10.97 3.78 18.63
C LYS B 27 9.89 2.68 18.67
N GLU B 28 8.78 2.99 19.37
CA GLU B 28 7.57 2.16 19.50
C GLU B 28 7.08 1.50 18.19
N ILE C 1 16.04 1.05 8.47
CA ILE C 1 15.40 2.27 7.89
C ILE C 1 15.51 2.33 6.35
N GLN C 2 16.69 2.57 5.78
CA GLN C 2 16.85 2.99 4.36
C GLN C 2 16.19 2.04 3.33
N ALA C 3 16.35 0.72 3.49
CA ALA C 3 15.74 -0.26 2.58
C ALA C 3 14.20 -0.25 2.67
N ILE C 4 13.63 -0.08 3.88
CA ILE C 4 12.18 0.07 4.06
C ILE C 4 11.70 1.40 3.48
N LYS C 5 12.47 2.50 3.59
CA LYS C 5 12.13 3.76 2.90
C LYS C 5 12.05 3.59 1.38
N LYS C 6 12.97 2.83 0.76
CA LYS C 6 12.90 2.46 -0.67
C LYS C 6 11.65 1.66 -1.00
N GLU C 7 11.35 0.61 -0.24
CA GLU C 7 10.14 -0.22 -0.45
C GLU C 7 8.84 0.57 -0.28
N LEU C 8 8.69 1.39 0.77
CA LEU C 8 7.53 2.26 0.95
C LEU C 8 7.40 3.30 -0.18
N THR C 9 8.50 3.87 -0.65
CA THR C 9 8.51 4.75 -1.84
C THR C 9 8.02 3.99 -3.09
N GLN C 10 8.44 2.74 -3.29
CA GLN C 10 7.90 1.87 -4.34
C GLN C 10 6.40 1.61 -4.16
N ILE C 11 5.89 1.41 -2.93
CA ILE C 11 4.44 1.31 -2.70
C ILE C 11 3.70 2.58 -3.14
N LYS C 12 4.13 3.79 -2.73
CA LYS C 12 3.50 5.05 -3.18
C LYS C 12 3.46 5.15 -4.70
N GLN C 13 4.54 4.73 -5.38
CA GLN C 13 4.62 4.73 -6.84
C GLN C 13 3.69 3.70 -7.49
N LYS C 14 3.54 2.48 -6.93
CA LYS C 14 2.58 1.50 -7.46
C LYS C 14 1.14 1.93 -7.18
N VAL C 15 0.85 2.47 -6.00
CA VAL C 15 -0.47 3.05 -5.67
C VAL C 15 -0.82 4.25 -6.57
N ASP C 16 0.14 5.14 -6.88
CA ASP C 16 -0.01 6.18 -7.92
C ASP C 16 -0.27 5.60 -9.32
N SER C 17 0.39 4.49 -9.67
CA SER C 17 0.14 3.79 -10.94
C SER C 17 -1.32 3.30 -11.06
N LEU C 18 -1.99 2.94 -9.94
CA LEU C 18 -3.39 2.54 -9.99
C LEU C 18 -4.34 3.75 -10.16
N LEU C 19 -3.98 4.93 -9.65
CA LEU C 19 -4.67 6.18 -10.02
C LEU C 19 -4.56 6.46 -11.52
N GLU C 20 -3.35 6.35 -12.09
CA GLU C 20 -3.11 6.52 -13.52
C GLU C 20 -3.90 5.50 -14.37
N ASN C 21 -3.95 4.23 -13.93
CA ASN C 21 -4.71 3.18 -14.59
C ASN C 21 -6.23 3.42 -14.52
N LEU C 22 -6.78 3.78 -13.36
CA LEU C 22 -8.21 4.07 -13.17
C LEU C 22 -8.72 5.23 -14.05
N GLU C 23 -7.89 6.22 -14.38
CA GLU C 23 -8.20 7.28 -15.34
C GLU C 23 -8.35 6.80 -16.80
N LYS C 24 -8.04 5.53 -17.11
CA LYS C 24 -8.40 4.86 -18.37
C LYS C 24 -8.86 3.41 -18.14
N ILE C 25 -7.95 2.44 -18.05
CA ILE C 25 -8.23 1.03 -17.71
C ILE C 25 -7.05 0.40 -16.95
N GLU C 26 -5.89 0.26 -17.60
CA GLU C 26 -4.78 -0.62 -17.16
C GLU C 26 -3.41 -0.26 -17.78
N LYS C 27 -3.20 1.03 -18.10
CA LYS C 27 -2.05 1.61 -18.83
C LYS C 27 -0.69 0.94 -18.54
N GLU C 28 0.00 0.58 -19.62
CA GLU C 28 1.40 0.06 -19.65
C GLU C 28 2.27 0.84 -20.65
N ILE D 1 -12.38 -4.15 -13.19
CA ILE D 1 -11.81 -4.76 -11.94
C ILE D 1 -10.48 -5.46 -12.16
N GLN D 2 -10.38 -6.50 -13.01
CA GLN D 2 -9.31 -7.53 -12.95
C GLN D 2 -7.87 -6.99 -12.88
N ALA D 3 -7.54 -5.94 -13.64
CA ALA D 3 -6.23 -5.28 -13.59
C ALA D 3 -5.95 -4.64 -12.21
N ILE D 4 -6.83 -3.77 -11.73
CA ILE D 4 -6.73 -3.10 -10.42
C ILE D 4 -6.71 -4.14 -9.30
N LYS D 5 -7.48 -5.23 -9.45
CA LYS D 5 -7.51 -6.37 -8.53
C LYS D 5 -6.16 -7.09 -8.44
N LYS D 6 -5.55 -7.42 -9.58
CA LYS D 6 -4.20 -8.02 -9.65
C LYS D 6 -3.17 -7.09 -8.99
N GLU D 7 -3.26 -5.79 -9.27
CA GLU D 7 -2.31 -4.80 -8.77
C GLU D 7 -2.49 -4.44 -7.28
N LEU D 8 -3.71 -4.37 -6.74
CA LEU D 8 -3.95 -4.32 -5.29
C LEU D 8 -3.41 -5.57 -4.58
N THR D 9 -3.59 -6.77 -5.15
CA THR D 9 -2.93 -8.00 -4.64
C THR D 9 -1.40 -7.91 -4.68
N GLN D 10 -0.80 -7.29 -5.72
CA GLN D 10 0.63 -6.99 -5.72
C GLN D 10 1.03 -6.02 -4.59
N ILE D 11 0.22 -5.00 -4.26
CA ILE D 11 0.44 -4.16 -3.08
C ILE D 11 0.41 -4.98 -1.79
N LYS D 12 -0.60 -5.83 -1.57
CA LYS D 12 -0.66 -6.73 -0.40
C LYS D 12 0.60 -7.58 -0.28
N GLN D 13 1.09 -8.15 -1.38
CA GLN D 13 2.28 -9.01 -1.39
C GLN D 13 3.58 -8.23 -1.19
N LYS D 14 3.72 -7.01 -1.73
CA LYS D 14 4.88 -6.14 -1.47
C LYS D 14 4.88 -5.63 -0.03
N VAL D 15 3.73 -5.25 0.52
CA VAL D 15 3.56 -4.92 1.95
C VAL D 15 3.84 -6.13 2.86
N ASP D 16 3.44 -7.35 2.48
CA ASP D 16 3.76 -8.59 3.21
C ASP D 16 5.25 -8.94 3.18
N SER D 17 5.90 -8.74 2.02
CA SER D 17 7.35 -8.86 1.87
C SER D 17 8.10 -7.89 2.80
N LEU D 18 7.56 -6.68 3.02
CA LEU D 18 8.12 -5.74 4.01
C LEU D 18 8.07 -6.28 5.45
N LEU D 19 7.02 -7.00 5.84
CA LEU D 19 6.98 -7.69 7.15
C LEU D 19 8.13 -8.71 7.28
N GLU D 20 8.33 -9.53 6.24
CA GLU D 20 9.39 -10.55 6.20
C GLU D 20 10.81 -9.95 6.28
N ASN D 21 11.01 -8.77 5.68
CA ASN D 21 12.25 -7.99 5.77
C ASN D 21 12.44 -7.33 7.14
N LEU D 22 11.40 -6.74 7.74
CA LEU D 22 11.46 -6.15 9.08
C LEU D 22 11.83 -7.16 10.17
N GLU D 23 11.41 -8.43 10.04
CA GLU D 23 11.77 -9.51 10.97
C GLU D 23 13.29 -9.78 11.09
N LYS D 24 14.14 -9.36 10.14
CA LYS D 24 15.60 -9.41 10.31
C LYS D 24 16.12 -8.35 11.30
N ILE D 25 15.47 -7.19 11.34
CA ILE D 25 15.80 -5.96 12.11
C ILE D 25 17.18 -5.35 11.82
N GLU D 26 18.28 -6.11 11.98
CA GLU D 26 19.67 -5.65 11.83
C GLU D 26 20.18 -5.61 10.37
N LYS D 27 19.39 -6.09 9.40
CA LYS D 27 19.73 -6.24 7.98
C LYS D 27 18.56 -5.77 7.10
N GLU D 28 18.90 -4.98 6.06
CA GLU D 28 17.98 -4.26 5.15
C GLU D 28 16.70 -3.73 5.82
N ILE A 1 10.36 -2.93 14.93
CA ILE A 1 9.40 -3.76 14.15
C ILE A 1 7.93 -3.48 14.50
N GLN A 2 7.47 -3.69 15.75
CA GLN A 2 6.05 -3.87 16.09
C GLN A 2 5.09 -2.77 15.60
N ALA A 3 5.51 -1.50 15.61
CA ALA A 3 4.70 -0.40 15.07
C ALA A 3 4.46 -0.54 13.55
N ILE A 4 5.52 -0.80 12.78
CA ILE A 4 5.44 -0.97 11.32
C ILE A 4 4.75 -2.31 10.96
N LYS A 5 4.92 -3.36 11.77
CA LYS A 5 4.20 -4.63 11.68
C LYS A 5 2.68 -4.41 11.71
N LYS A 6 2.20 -3.60 12.66
CA LYS A 6 0.79 -3.22 12.80
C LYS A 6 0.31 -2.36 11.62
N GLU A 7 1.06 -1.32 11.27
CA GLU A 7 0.72 -0.39 10.18
C GLU A 7 0.70 -1.04 8.80
N LEU A 8 1.70 -1.87 8.42
CA LEU A 8 1.66 -2.58 7.14
C LEU A 8 0.66 -3.74 7.11
N THR A 9 0.36 -4.39 8.24
CA THR A 9 -0.84 -5.24 8.34
C THR A 9 -2.12 -4.47 8.04
N GLN A 10 -2.26 -3.22 8.54
CA GLN A 10 -3.38 -2.35 8.17
C GLN A 10 -3.35 -1.94 6.69
N ILE A 11 -2.18 -1.73 6.06
CA ILE A 11 -2.10 -1.51 4.61
C ILE A 11 -2.65 -2.71 3.83
N LYS A 12 -2.28 -3.96 4.18
CA LYS A 12 -2.88 -5.16 3.56
C LYS A 12 -4.40 -5.19 3.69
N GLN A 13 -4.94 -4.85 4.86
CA GLN A 13 -6.38 -4.83 5.13
C GLN A 13 -7.11 -3.68 4.42
N LYS A 14 -6.52 -2.49 4.35
CA LYS A 14 -7.09 -1.34 3.64
C LYS A 14 -7.03 -1.54 2.12
N VAL A 15 -5.96 -2.16 1.59
CA VAL A 15 -5.89 -2.64 0.20
C VAL A 15 -6.93 -3.74 -0.08
N ASP A 16 -7.12 -4.70 0.83
CA ASP A 16 -8.15 -5.76 0.74
C ASP A 16 -9.58 -5.20 0.69
N SER A 17 -9.83 -4.12 1.43
CA SER A 17 -11.10 -3.37 1.36
C SER A 17 -11.40 -2.89 -0.07
N LEU A 18 -10.38 -2.51 -0.86
CA LEU A 18 -10.57 -2.08 -2.24
C LEU A 18 -10.78 -3.26 -3.20
N LEU A 19 -10.20 -4.44 -2.92
CA LEU A 19 -10.55 -5.70 -3.61
C LEU A 19 -12.06 -5.99 -3.48
N GLU A 20 -12.64 -5.77 -2.30
CA GLU A 20 -14.08 -5.95 -2.05
C GLU A 20 -14.93 -4.84 -2.70
N ASN A 21 -14.55 -3.57 -2.54
CA ASN A 21 -15.28 -2.43 -3.09
C ASN A 21 -15.38 -2.46 -4.63
N LEU A 22 -14.35 -2.96 -5.33
CA LEU A 22 -14.32 -3.09 -6.79
C LEU A 22 -15.39 -4.06 -7.35
N GLU A 23 -15.87 -5.01 -6.56
CA GLU A 23 -16.92 -5.95 -6.97
C GLU A 23 -18.33 -5.31 -7.07
N LYS A 24 -18.49 -4.06 -6.62
CA LYS A 24 -19.80 -3.37 -6.52
C LYS A 24 -19.74 -1.88 -6.90
N ILE A 25 -18.89 -1.10 -6.22
CA ILE A 25 -18.59 0.34 -6.41
C ILE A 25 -19.77 1.27 -6.08
N GLU A 26 -21.00 0.78 -6.27
CA GLU A 26 -22.30 1.39 -5.95
C GLU A 26 -22.62 1.47 -4.42
N LYS A 27 -21.59 1.69 -3.59
CA LYS A 27 -21.58 1.67 -2.11
C LYS A 27 -21.88 0.28 -1.52
N GLU A 28 -21.81 0.19 -0.19
CA GLU A 28 -21.98 -1.01 0.65
C GLU A 28 -22.61 -0.70 2.03
N ILE B 1 -14.48 5.37 -10.43
CA ILE B 1 -13.11 5.86 -10.10
C ILE B 1 -13.02 6.55 -8.73
N GLN B 2 -13.77 7.63 -8.48
CA GLN B 2 -13.52 8.58 -7.37
C GLN B 2 -13.32 7.93 -5.99
N ALA B 3 -14.12 6.91 -5.63
CA ALA B 3 -13.97 6.17 -4.38
C ALA B 3 -12.60 5.47 -4.27
N ILE B 4 -12.26 4.61 -5.24
CA ILE B 4 -10.97 3.89 -5.30
C ILE B 4 -9.79 4.87 -5.41
N LYS B 5 -9.95 5.98 -6.15
CA LYS B 5 -8.96 7.05 -6.25
C LYS B 5 -8.67 7.68 -4.89
N LYS B 6 -9.71 7.98 -4.11
CA LYS B 6 -9.57 8.55 -2.76
C LYS B 6 -8.93 7.55 -1.80
N GLU B 7 -9.35 6.28 -1.87
CA GLU B 7 -8.84 5.22 -1.01
C GLU B 7 -7.39 4.78 -1.33
N LEU B 8 -6.97 4.77 -2.60
CA LEU B 8 -5.57 4.66 -2.99
C LEU B 8 -4.74 5.84 -2.46
N THR B 9 -5.24 7.08 -2.54
CA THR B 9 -4.57 8.23 -1.90
C THR B 9 -4.50 8.08 -0.37
N GLN B 10 -5.50 7.50 0.29
CA GLN B 10 -5.41 7.14 1.72
C GLN B 10 -4.32 6.09 1.99
N ILE B 11 -4.11 5.10 1.12
CA ILE B 11 -2.94 4.21 1.22
C ILE B 11 -1.63 5.01 1.14
N LYS B 12 -1.48 5.91 0.16
CA LYS B 12 -0.30 6.78 0.09
C LYS B 12 -0.08 7.59 1.36
N GLN B 13 -1.14 8.09 2.01
CA GLN B 13 -1.03 8.84 3.25
C GLN B 13 -0.50 7.97 4.41
N LYS B 14 -0.99 6.73 4.59
CA LYS B 14 -0.44 5.84 5.64
C LYS B 14 0.98 5.37 5.30
N VAL B 15 1.25 5.03 4.04
CA VAL B 15 2.59 4.61 3.58
C VAL B 15 3.63 5.74 3.66
N ASP B 16 3.25 7.00 3.41
CA ASP B 16 4.14 8.16 3.60
C ASP B 16 4.37 8.48 5.08
N SER B 17 3.32 8.40 5.91
CA SER B 17 3.42 8.57 7.37
C SER B 17 4.41 7.56 8.01
N LEU B 18 4.47 6.34 7.48
CA LEU B 18 5.44 5.32 7.91
C LEU B 18 6.91 5.72 7.66
N LEU B 19 7.22 6.55 6.66
CA LEU B 19 8.57 7.14 6.51
C LEU B 19 8.95 8.00 7.72
N GLU B 20 8.04 8.85 8.19
CA GLU B 20 8.24 9.73 9.35
C GLU B 20 8.36 8.94 10.67
N ASN B 21 7.69 7.79 10.77
CA ASN B 21 7.80 6.88 11.90
C ASN B 21 9.15 6.13 11.90
N LEU B 22 9.66 5.73 10.73
CA LEU B 22 10.99 5.12 10.57
C LEU B 22 12.13 6.12 10.86
N GLU B 23 11.93 7.41 10.52
CA GLU B 23 12.78 8.53 10.93
C GLU B 23 12.75 8.81 12.45
N LYS B 24 11.92 8.09 13.22
CA LYS B 24 11.76 8.19 14.70
C LYS B 24 11.28 9.57 15.17
N ILE B 25 10.62 10.34 14.30
CA ILE B 25 10.30 11.76 14.51
C ILE B 25 8.79 12.02 14.35
N GLU B 26 8.07 11.18 13.59
CA GLU B 26 6.60 11.13 13.52
C GLU B 26 5.94 12.47 13.09
N LYS B 27 6.69 13.34 12.40
CA LYS B 27 6.33 14.73 12.05
C LYS B 27 4.92 14.87 11.48
N GLU B 28 4.05 15.56 12.23
CA GLU B 28 2.67 15.92 11.85
C GLU B 28 2.60 17.03 10.77
N ILE C 1 16.35 1.70 8.50
CA ILE C 1 15.41 2.54 7.69
C ILE C 1 15.50 2.27 6.18
N GLN C 2 16.66 2.47 5.53
CA GLN C 2 16.77 2.68 4.07
C GLN C 2 15.99 1.68 3.19
N ALA C 3 16.04 0.37 3.48
CA ALA C 3 15.34 -0.64 2.71
C ALA C 3 13.80 -0.48 2.74
N ILE C 4 13.21 -0.32 3.93
CA ILE C 4 11.77 -0.10 4.10
C ILE C 4 11.38 1.30 3.61
N LYS C 5 12.21 2.32 3.84
CA LYS C 5 12.01 3.68 3.30
C LYS C 5 11.92 3.69 1.76
N LYS C 6 12.79 2.94 1.08
CA LYS C 6 12.74 2.76 -0.38
C LYS C 6 11.44 2.07 -0.79
N GLU C 7 11.13 0.93 -0.17
CA GLU C 7 9.94 0.15 -0.51
C GLU C 7 8.60 0.84 -0.21
N LEU C 8 8.46 1.61 0.88
CA LEU C 8 7.29 2.45 1.12
C LEU C 8 7.08 3.46 -0.03
N THR C 9 8.16 4.11 -0.50
CA THR C 9 8.11 4.94 -1.71
C THR C 9 7.77 4.13 -2.98
N GLN C 10 8.26 2.91 -3.16
CA GLN C 10 7.84 2.05 -4.27
C GLN C 10 6.36 1.62 -4.18
N ILE C 11 5.80 1.40 -2.97
CA ILE C 11 4.37 1.19 -2.76
C ILE C 11 3.56 2.43 -3.16
N LYS C 12 3.96 3.64 -2.72
CA LYS C 12 3.34 4.89 -3.18
C LYS C 12 3.37 5.05 -4.70
N GLN C 13 4.49 4.71 -5.35
CA GLN C 13 4.64 4.77 -6.80
C GLN C 13 3.75 3.75 -7.54
N LYS C 14 3.62 2.51 -7.02
CA LYS C 14 2.67 1.54 -7.57
C LYS C 14 1.22 1.95 -7.33
N VAL C 15 0.87 2.43 -6.14
CA VAL C 15 -0.46 3.01 -5.84
C VAL C 15 -0.79 4.21 -6.74
N ASP C 16 0.17 5.11 -7.01
CA ASP C 16 0.05 6.18 -8.01
C ASP C 16 -0.16 5.63 -9.44
N SER C 17 0.49 4.53 -9.80
CA SER C 17 0.24 3.85 -11.08
C SER C 17 -1.21 3.35 -11.18
N LEU C 18 -1.84 2.91 -10.09
CA LEU C 18 -3.26 2.52 -10.11
C LEU C 18 -4.19 3.73 -10.24
N LEU C 19 -3.83 4.90 -9.68
CA LEU C 19 -4.54 6.16 -9.96
C LEU C 19 -4.50 6.52 -11.46
N GLU C 20 -3.32 6.42 -12.09
CA GLU C 20 -3.14 6.69 -13.52
C GLU C 20 -3.93 5.71 -14.39
N ASN C 21 -3.84 4.41 -14.08
CA ASN C 21 -4.55 3.35 -14.80
C ASN C 21 -6.07 3.40 -14.62
N LEU C 22 -6.59 3.78 -13.44
CA LEU C 22 -8.05 3.92 -13.21
C LEU C 22 -8.71 4.88 -14.21
N GLU C 23 -8.10 6.03 -14.51
CA GLU C 23 -8.60 6.98 -15.53
C GLU C 23 -8.72 6.33 -16.92
N LYS C 24 -7.73 5.50 -17.31
CA LYS C 24 -7.67 4.80 -18.60
C LYS C 24 -8.69 3.67 -18.69
N ILE C 25 -8.84 2.91 -17.60
CA ILE C 25 -9.76 1.77 -17.46
C ILE C 25 -11.22 2.22 -17.37
N GLU C 26 -11.50 3.32 -16.65
CA GLU C 26 -12.84 3.94 -16.58
C GLU C 26 -13.27 4.55 -17.93
N LYS C 27 -12.31 4.98 -18.75
CA LYS C 27 -12.50 5.56 -20.09
C LYS C 27 -13.36 6.84 -20.09
N GLU C 28 -13.25 7.63 -19.02
CA GLU C 28 -13.94 8.93 -18.80
C GLU C 28 -12.97 10.04 -18.36
N ILE D 1 -12.58 -4.00 -13.04
CA ILE D 1 -12.03 -4.68 -11.83
C ILE D 1 -10.69 -5.37 -12.07
N GLN D 2 -10.58 -6.37 -12.96
CA GLN D 2 -9.48 -7.35 -12.98
C GLN D 2 -8.07 -6.74 -12.85
N ALA D 3 -7.74 -5.70 -13.62
CA ALA D 3 -6.43 -5.05 -13.55
C ALA D 3 -6.11 -4.47 -12.16
N ILE D 4 -6.98 -3.59 -11.62
CA ILE D 4 -6.80 -3.00 -10.29
C ILE D 4 -6.85 -4.08 -9.20
N LYS D 5 -7.69 -5.12 -9.33
CA LYS D 5 -7.74 -6.25 -8.40
C LYS D 5 -6.40 -6.97 -8.34
N LYS D 6 -5.78 -7.23 -9.50
CA LYS D 6 -4.50 -7.94 -9.60
C LYS D 6 -3.36 -7.10 -9.02
N GLU D 7 -3.38 -5.80 -9.28
CA GLU D 7 -2.36 -4.86 -8.80
C GLU D 7 -2.50 -4.53 -7.31
N LEU D 8 -3.71 -4.38 -6.76
CA LEU D 8 -3.96 -4.38 -5.31
C LEU D 8 -3.47 -5.68 -4.64
N THR D 9 -3.71 -6.84 -5.27
CA THR D 9 -3.16 -8.13 -4.80
C THR D 9 -1.62 -8.09 -4.75
N GLN D 10 -0.96 -7.50 -5.75
CA GLN D 10 0.50 -7.30 -5.75
C GLN D 10 0.97 -6.29 -4.67
N ILE D 11 0.19 -5.26 -4.32
CA ILE D 11 0.48 -4.41 -3.16
C ILE D 11 0.47 -5.22 -1.87
N LYS D 12 -0.54 -6.05 -1.60
CA LYS D 12 -0.55 -6.96 -0.44
C LYS D 12 0.69 -7.85 -0.39
N GLN D 13 1.13 -8.37 -1.53
CA GLN D 13 2.32 -9.22 -1.65
C GLN D 13 3.62 -8.45 -1.32
N LYS D 14 3.83 -7.25 -1.88
CA LYS D 14 5.00 -6.43 -1.50
C LYS D 14 4.94 -5.98 -0.04
N VAL D 15 3.79 -5.52 0.43
CA VAL D 15 3.61 -5.09 1.83
C VAL D 15 3.91 -6.23 2.82
N ASP D 16 3.49 -7.47 2.52
CA ASP D 16 3.86 -8.66 3.30
C ASP D 16 5.37 -8.97 3.26
N SER D 17 6.00 -8.77 2.10
CA SER D 17 7.47 -8.89 1.95
C SER D 17 8.23 -7.91 2.87
N LEU D 18 7.71 -6.69 3.10
CA LEU D 18 8.32 -5.76 4.07
C LEU D 18 8.19 -6.26 5.51
N LEU D 19 7.11 -6.96 5.87
CA LEU D 19 7.01 -7.62 7.17
C LEU D 19 8.09 -8.71 7.35
N GLU D 20 8.36 -9.51 6.32
CA GLU D 20 9.45 -10.49 6.32
C GLU D 20 10.84 -9.83 6.45
N ASN D 21 11.05 -8.69 5.78
CA ASN D 21 12.29 -7.91 5.85
C ASN D 21 12.48 -7.19 7.21
N LEU D 22 11.40 -6.74 7.85
CA LEU D 22 11.45 -6.21 9.23
C LEU D 22 11.87 -7.29 10.23
N GLU D 23 11.39 -8.53 10.07
CA GLU D 23 11.74 -9.68 10.93
C GLU D 23 13.21 -10.14 10.80
N LYS D 24 13.97 -9.68 9.79
CA LYS D 24 15.44 -9.81 9.75
C LYS D 24 16.13 -8.99 10.84
N ILE D 25 15.52 -7.89 11.27
CA ILE D 25 15.94 -6.86 12.25
C ILE D 25 17.31 -6.22 11.97
N GLU D 26 18.40 -7.00 11.99
CA GLU D 26 19.77 -6.52 11.76
C GLU D 26 20.02 -6.08 10.30
N LYS D 27 19.28 -6.66 9.34
CA LYS D 27 19.27 -6.32 7.90
C LYS D 27 20.68 -6.18 7.29
N GLU D 28 21.53 -7.17 7.59
CA GLU D 28 22.94 -7.29 7.15
C GLU D 28 23.17 -7.06 5.64
N ILE A 1 10.56 -2.96 14.46
CA ILE A 1 9.50 -3.78 13.80
C ILE A 1 8.08 -3.45 14.25
N GLN A 2 7.69 -3.69 15.51
CA GLN A 2 6.29 -3.95 15.89
C GLN A 2 5.25 -2.92 15.41
N ALA A 3 5.56 -1.62 15.50
CA ALA A 3 4.70 -0.55 14.99
C ALA A 3 4.50 -0.63 13.46
N ILE A 4 5.59 -0.74 12.69
CA ILE A 4 5.59 -0.86 11.23
C ILE A 4 4.92 -2.16 10.80
N LYS A 5 5.10 -3.24 11.57
CA LYS A 5 4.41 -4.52 11.35
C LYS A 5 2.88 -4.38 11.46
N LYS A 6 2.39 -3.70 12.49
CA LYS A 6 0.95 -3.40 12.66
C LYS A 6 0.45 -2.55 11.50
N GLU A 7 1.22 -1.55 11.08
CA GLU A 7 0.87 -0.63 10.01
C GLU A 7 0.91 -1.25 8.60
N LEU A 8 1.92 -2.06 8.26
CA LEU A 8 1.93 -2.89 7.04
C LEU A 8 0.71 -3.82 7.00
N THR A 9 0.35 -4.43 8.14
CA THR A 9 -0.91 -5.21 8.26
C THR A 9 -2.16 -4.35 8.01
N GLN A 10 -2.20 -3.11 8.52
CA GLN A 10 -3.27 -2.15 8.21
C GLN A 10 -3.33 -1.80 6.71
N ILE A 11 -2.19 -1.59 6.03
CA ILE A 11 -2.17 -1.35 4.58
C ILE A 11 -2.73 -2.57 3.82
N LYS A 12 -2.31 -3.79 4.16
CA LYS A 12 -2.90 -5.03 3.60
C LYS A 12 -4.42 -5.07 3.78
N GLN A 13 -4.93 -4.67 4.95
CA GLN A 13 -6.37 -4.66 5.25
C GLN A 13 -7.14 -3.56 4.51
N LYS A 14 -6.58 -2.34 4.37
CA LYS A 14 -7.20 -1.29 3.54
C LYS A 14 -7.20 -1.67 2.06
N VAL A 15 -6.10 -2.23 1.56
CA VAL A 15 -6.01 -2.74 0.19
C VAL A 15 -6.97 -3.93 -0.04
N ASP A 16 -7.14 -4.83 0.92
CA ASP A 16 -8.15 -5.92 0.88
C ASP A 16 -9.60 -5.39 0.88
N SER A 17 -9.87 -4.34 1.66
CA SER A 17 -11.15 -3.63 1.64
C SER A 17 -11.46 -3.06 0.24
N LEU A 18 -10.46 -2.55 -0.48
CA LEU A 18 -10.59 -2.17 -1.89
C LEU A 18 -10.81 -3.38 -2.83
N LEU A 19 -10.15 -4.52 -2.63
CA LEU A 19 -10.44 -5.75 -3.39
C LEU A 19 -11.93 -6.14 -3.28
N GLU A 20 -12.50 -6.03 -2.08
CA GLU A 20 -13.93 -6.29 -1.81
C GLU A 20 -14.86 -5.23 -2.43
N ASN A 21 -14.43 -3.96 -2.45
CA ASN A 21 -15.20 -2.86 -3.05
C ASN A 21 -15.27 -2.95 -4.59
N LEU A 22 -14.15 -3.26 -5.25
CA LEU A 22 -14.03 -3.36 -6.72
C LEU A 22 -15.00 -4.38 -7.36
N GLU A 23 -15.44 -5.36 -6.58
CA GLU A 23 -16.49 -6.34 -6.90
C GLU A 23 -17.86 -5.73 -7.29
N LYS A 24 -18.13 -4.46 -6.91
CA LYS A 24 -19.39 -3.75 -7.23
C LYS A 24 -19.25 -2.23 -7.43
N ILE A 25 -18.42 -1.55 -6.64
CA ILE A 25 -18.11 -0.09 -6.63
C ILE A 25 -19.31 0.84 -6.30
N GLU A 26 -20.51 0.56 -6.83
CA GLU A 26 -21.71 1.41 -6.69
C GLU A 26 -22.28 1.52 -5.26
N LYS A 27 -22.12 0.46 -4.44
CA LYS A 27 -22.56 0.28 -3.03
C LYS A 27 -24.05 0.48 -2.67
N GLU A 28 -24.80 1.24 -3.48
CA GLU A 28 -26.19 1.73 -3.28
C GLU A 28 -27.14 0.84 -2.43
N ILE B 1 -14.02 4.60 -10.60
CA ILE B 1 -12.85 5.54 -10.49
C ILE B 1 -12.81 6.27 -9.15
N GLN B 2 -13.62 7.33 -8.94
CA GLN B 2 -13.37 8.34 -7.89
C GLN B 2 -13.27 7.77 -6.46
N ALA B 3 -14.15 6.83 -6.10
CA ALA B 3 -14.13 6.17 -4.79
C ALA B 3 -12.81 5.41 -4.54
N ILE B 4 -12.28 4.73 -5.56
CA ILE B 4 -11.00 4.02 -5.45
C ILE B 4 -9.82 4.98 -5.45
N LYS B 5 -9.86 6.06 -6.25
CA LYS B 5 -8.83 7.12 -6.20
C LYS B 5 -8.69 7.70 -4.79
N LYS B 6 -9.80 7.99 -4.10
CA LYS B 6 -9.82 8.49 -2.73
C LYS B 6 -9.18 7.52 -1.73
N GLU B 7 -9.53 6.23 -1.79
CA GLU B 7 -8.91 5.19 -0.97
C GLU B 7 -7.41 4.99 -1.25
N LEU B 8 -6.98 5.00 -2.51
CA LEU B 8 -5.56 4.93 -2.89
C LEU B 8 -4.75 6.17 -2.49
N THR B 9 -5.34 7.37 -2.50
CA THR B 9 -4.74 8.54 -1.84
C THR B 9 -4.54 8.29 -0.34
N GLN B 10 -5.48 7.64 0.36
CA GLN B 10 -5.25 7.25 1.76
C GLN B 10 -4.12 6.22 1.89
N ILE B 11 -3.94 5.27 0.96
CA ILE B 11 -2.78 4.36 1.00
C ILE B 11 -1.47 5.12 0.86
N LYS B 12 -1.33 6.01 -0.14
CA LYS B 12 -0.13 6.84 -0.32
C LYS B 12 0.16 7.68 0.92
N GLN B 13 -0.87 8.28 1.53
CA GLN B 13 -0.73 9.12 2.73
C GLN B 13 -0.43 8.30 3.99
N LYS B 14 -1.02 7.11 4.17
CA LYS B 14 -0.71 6.26 5.33
C LYS B 14 0.65 5.61 5.20
N VAL B 15 1.06 5.21 4.00
CA VAL B 15 2.45 4.79 3.71
C VAL B 15 3.45 5.94 3.93
N ASP B 16 3.14 7.17 3.52
CA ASP B 16 3.96 8.36 3.82
C ASP B 16 4.10 8.65 5.32
N SER B 17 3.01 8.44 6.07
CA SER B 17 3.03 8.49 7.54
C SER B 17 4.04 7.49 8.13
N LEU B 18 4.19 6.29 7.56
CA LEU B 18 5.25 5.36 7.98
C LEU B 18 6.63 5.89 7.63
N LEU B 19 6.85 6.46 6.43
CA LEU B 19 8.14 7.08 6.06
C LEU B 19 8.59 8.13 7.08
N GLU B 20 7.67 8.95 7.60
CA GLU B 20 7.93 9.93 8.67
C GLU B 20 8.20 9.27 10.04
N ASN B 21 7.50 8.17 10.35
CA ASN B 21 7.70 7.40 11.58
C ASN B 21 9.00 6.57 11.59
N LEU B 22 9.53 6.09 10.45
CA LEU B 22 10.79 5.34 10.41
C LEU B 22 11.99 6.15 10.95
N GLU B 23 11.93 7.49 10.83
CA GLU B 23 13.00 8.40 11.26
C GLU B 23 13.17 8.46 12.79
N LYS B 24 12.08 8.36 13.57
CA LYS B 24 12.08 8.54 15.04
C LYS B 24 10.85 8.00 15.81
N ILE B 25 9.71 7.80 15.15
CA ILE B 25 8.39 7.48 15.67
C ILE B 25 7.82 8.77 16.22
N GLU B 26 8.00 9.03 17.51
CA GLU B 26 7.39 10.07 18.35
C GLU B 26 5.85 10.18 18.28
N LYS B 27 5.21 9.78 17.17
CA LYS B 27 3.75 9.89 16.91
C LYS B 27 3.16 11.24 17.35
N GLU B 28 3.82 12.31 16.90
CA GLU B 28 3.53 13.74 17.14
C GLU B 28 2.04 14.12 16.94
N ILE C 1 15.97 1.75 8.75
CA ILE C 1 15.17 2.65 7.89
C ILE C 1 15.35 2.38 6.39
N GLN C 2 16.54 2.61 5.80
CA GLN C 2 16.70 2.87 4.36
C GLN C 2 16.02 1.85 3.42
N ALA C 3 16.15 0.55 3.68
CA ALA C 3 15.49 -0.48 2.87
C ALA C 3 13.94 -0.40 2.94
N ILE C 4 13.37 -0.31 4.15
CA ILE C 4 11.93 -0.26 4.38
C ILE C 4 11.36 1.05 3.82
N LYS C 5 12.13 2.14 3.96
CA LYS C 5 11.85 3.46 3.40
C LYS C 5 11.73 3.36 1.87
N LYS C 6 12.74 2.81 1.18
CA LYS C 6 12.73 2.71 -0.30
C LYS C 6 11.57 1.84 -0.79
N GLU C 7 11.28 0.75 -0.09
CA GLU C 7 10.16 -0.13 -0.42
C GLU C 7 8.78 0.50 -0.16
N LEU C 8 8.57 1.24 0.94
CA LEU C 8 7.37 2.04 1.14
C LEU C 8 7.24 3.18 0.11
N THR C 9 8.33 3.83 -0.32
CA THR C 9 8.33 4.75 -1.46
C THR C 9 7.90 4.04 -2.75
N GLN C 10 8.36 2.80 -2.99
CA GLN C 10 7.89 1.98 -4.11
C GLN C 10 6.39 1.65 -4.00
N ILE C 11 5.85 1.39 -2.81
CA ILE C 11 4.39 1.25 -2.61
C ILE C 11 3.65 2.53 -3.00
N LYS C 12 4.12 3.72 -2.59
CA LYS C 12 3.52 5.00 -3.05
C LYS C 12 3.53 5.14 -4.58
N GLN C 13 4.63 4.76 -5.24
CA GLN C 13 4.78 4.82 -6.70
C GLN C 13 3.88 3.80 -7.42
N LYS C 14 3.74 2.59 -6.88
CA LYS C 14 2.91 1.53 -7.44
C LYS C 14 1.42 1.81 -7.23
N VAL C 15 1.04 2.42 -6.10
CA VAL C 15 -0.31 2.98 -5.92
C VAL C 15 -0.57 4.21 -6.81
N ASP C 16 0.41 5.08 -7.04
CA ASP C 16 0.30 6.20 -7.99
C ASP C 16 0.07 5.73 -9.43
N SER C 17 0.73 4.63 -9.82
CA SER C 17 0.49 3.94 -11.09
C SER C 17 -0.98 3.48 -11.22
N LEU C 18 -1.61 3.02 -10.12
CA LEU C 18 -3.04 2.74 -10.10
C LEU C 18 -3.91 4.01 -10.20
N LEU C 19 -3.55 5.11 -9.53
CA LEU C 19 -4.24 6.40 -9.66
C LEU C 19 -4.27 6.91 -11.10
N GLU C 20 -3.22 6.64 -11.90
CA GLU C 20 -3.19 6.87 -13.35
C GLU C 20 -4.11 5.88 -14.10
N ASN C 21 -3.95 4.57 -13.87
CA ASN C 21 -4.67 3.51 -14.58
C ASN C 21 -6.21 3.63 -14.45
N LEU C 22 -6.73 4.05 -13.29
CA LEU C 22 -8.16 4.22 -13.02
C LEU C 22 -8.88 5.21 -13.96
N GLU C 23 -8.15 6.13 -14.60
CA GLU C 23 -8.67 7.11 -15.57
C GLU C 23 -8.82 6.56 -17.01
N LYS C 24 -8.42 5.31 -17.29
CA LYS C 24 -8.53 4.71 -18.64
C LYS C 24 -8.91 3.21 -18.66
N ILE C 25 -8.38 2.40 -17.75
CA ILE C 25 -8.65 0.98 -17.42
C ILE C 25 -8.65 -0.02 -18.61
N GLU C 26 -9.51 0.15 -19.60
CA GLU C 26 -9.66 -0.75 -20.75
C GLU C 26 -8.40 -0.82 -21.64
N LYS C 27 -7.61 0.25 -21.67
CA LYS C 27 -6.31 0.38 -22.36
C LYS C 27 -5.38 1.32 -21.57
N GLU C 28 -4.08 1.21 -21.82
CA GLU C 28 -3.00 2.03 -21.21
C GLU C 28 -1.78 2.11 -22.15
N ILE D 1 -12.55 -3.55 -12.86
CA ILE D 1 -12.36 -4.51 -11.74
C ILE D 1 -11.04 -5.30 -11.84
N GLN D 2 -10.95 -6.33 -12.70
CA GLN D 2 -9.92 -7.38 -12.60
C GLN D 2 -8.48 -6.85 -12.62
N ALA D 3 -8.16 -5.89 -13.50
CA ALA D 3 -6.83 -5.28 -13.57
C ALA D 3 -6.44 -4.57 -12.26
N ILE D 4 -7.37 -3.84 -11.63
CA ILE D 4 -7.10 -3.16 -10.37
C ILE D 4 -7.01 -4.16 -9.21
N LYS D 5 -7.85 -5.20 -9.19
CA LYS D 5 -7.72 -6.28 -8.19
C LYS D 5 -6.36 -6.98 -8.28
N LYS D 6 -5.85 -7.24 -9.50
CA LYS D 6 -4.52 -7.81 -9.71
C LYS D 6 -3.40 -6.91 -9.17
N GLU D 7 -3.45 -5.60 -9.47
CA GLU D 7 -2.49 -4.62 -8.94
C GLU D 7 -2.57 -4.48 -7.40
N LEU D 8 -3.75 -4.46 -6.79
CA LEU D 8 -3.90 -4.44 -5.34
C LEU D 8 -3.46 -5.74 -4.64
N THR D 9 -3.67 -6.91 -5.25
CA THR D 9 -3.06 -8.17 -4.77
C THR D 9 -1.53 -8.09 -4.77
N GLN D 10 -0.93 -7.48 -5.80
CA GLN D 10 0.51 -7.19 -5.82
C GLN D 10 0.92 -6.23 -4.69
N ILE D 11 0.14 -5.19 -4.39
CA ILE D 11 0.40 -4.31 -3.22
C ILE D 11 0.35 -5.09 -1.90
N LYS D 12 -0.65 -5.94 -1.65
CA LYS D 12 -0.69 -6.80 -0.45
C LYS D 12 0.57 -7.67 -0.33
N GLN D 13 1.00 -8.28 -1.43
CA GLN D 13 2.20 -9.14 -1.47
C GLN D 13 3.50 -8.34 -1.23
N LYS D 14 3.62 -7.13 -1.80
CA LYS D 14 4.80 -6.29 -1.63
C LYS D 14 4.87 -5.62 -0.25
N VAL D 15 3.72 -5.28 0.35
CA VAL D 15 3.62 -4.90 1.77
C VAL D 15 3.94 -6.08 2.70
N ASP D 16 3.45 -7.30 2.41
CA ASP D 16 3.77 -8.53 3.16
C ASP D 16 5.27 -8.86 3.13
N SER D 17 5.92 -8.62 2.00
CA SER D 17 7.38 -8.78 1.85
C SER D 17 8.18 -7.97 2.88
N LEU D 18 7.69 -6.78 3.29
CA LEU D 18 8.35 -5.96 4.31
C LEU D 18 8.13 -6.46 5.74
N LEU D 19 7.04 -7.18 6.02
CA LEU D 19 6.91 -7.97 7.25
C LEU D 19 8.04 -9.01 7.36
N GLU D 20 8.29 -9.75 6.28
CA GLU D 20 9.37 -10.73 6.17
C GLU D 20 10.77 -10.08 6.27
N ASN D 21 10.94 -8.86 5.73
CA ASN D 21 12.19 -8.10 5.84
C ASN D 21 12.47 -7.63 7.29
N LEU D 22 11.48 -7.04 7.97
CA LEU D 22 11.57 -6.61 9.36
C LEU D 22 11.83 -7.77 10.35
N GLU D 23 11.36 -8.98 10.02
CA GLU D 23 11.69 -10.21 10.77
C GLU D 23 13.16 -10.64 10.67
N LYS D 24 13.94 -10.16 9.67
CA LYS D 24 15.37 -10.50 9.54
C LYS D 24 16.24 -9.84 10.62
N ILE D 25 15.94 -8.59 10.98
CA ILE D 25 16.53 -7.82 12.09
C ILE D 25 15.43 -6.86 12.55
N GLU D 26 15.07 -6.93 13.83
CA GLU D 26 13.92 -6.26 14.49
C GLU D 26 13.93 -4.71 14.48
N LYS D 27 14.85 -4.08 13.72
CA LYS D 27 14.97 -2.63 13.50
C LYS D 27 13.74 -2.04 12.80
N GLU D 28 13.79 -0.71 12.60
CA GLU D 28 12.93 0.06 11.69
C GLU D 28 13.54 0.15 10.27
N ILE A 1 10.12 -3.20 14.95
CA ILE A 1 9.15 -4.02 14.15
C ILE A 1 7.68 -3.70 14.46
N GLN A 2 7.19 -3.91 15.69
CA GLN A 2 5.75 -4.06 16.00
C GLN A 2 4.83 -2.94 15.46
N ALA A 3 5.17 -1.66 15.65
CA ALA A 3 4.38 -0.53 15.17
C ALA A 3 4.38 -0.42 13.63
N ILE A 4 5.51 -0.72 12.98
CA ILE A 4 5.65 -0.73 11.51
C ILE A 4 4.82 -1.87 10.92
N LYS A 5 4.87 -3.03 11.59
CA LYS A 5 4.07 -4.22 11.27
C LYS A 5 2.57 -3.95 11.37
N LYS A 6 2.10 -3.22 12.39
CA LYS A 6 0.70 -2.84 12.55
C LYS A 6 0.20 -1.94 11.41
N GLU A 7 0.99 -0.93 11.02
CA GLU A 7 0.69 -0.07 9.87
C GLU A 7 0.69 -0.84 8.54
N LEU A 8 1.71 -1.67 8.26
CA LEU A 8 1.74 -2.55 7.07
C LEU A 8 0.56 -3.53 7.03
N THR A 9 0.19 -4.13 8.17
CA THR A 9 -1.03 -4.95 8.29
C THR A 9 -2.28 -4.14 7.92
N GLN A 10 -2.40 -2.90 8.39
CA GLN A 10 -3.47 -1.98 7.99
C GLN A 10 -3.45 -1.62 6.50
N ILE A 11 -2.28 -1.52 5.86
CA ILE A 11 -2.19 -1.39 4.40
C ILE A 11 -2.76 -2.63 3.71
N LYS A 12 -2.37 -3.86 4.10
CA LYS A 12 -2.98 -5.08 3.55
C LYS A 12 -4.49 -5.11 3.72
N GLN A 13 -4.99 -4.70 4.90
CA GLN A 13 -6.42 -4.68 5.23
C GLN A 13 -7.19 -3.64 4.40
N LYS A 14 -6.65 -2.43 4.19
CA LYS A 14 -7.30 -1.41 3.36
C LYS A 14 -7.20 -1.72 1.86
N VAL A 15 -6.06 -2.28 1.40
CA VAL A 15 -5.91 -2.78 0.02
C VAL A 15 -6.83 -4.00 -0.24
N ASP A 16 -7.04 -4.89 0.74
CA ASP A 16 -8.03 -5.98 0.67
C ASP A 16 -9.48 -5.48 0.64
N SER A 17 -9.80 -4.48 1.47
CA SER A 17 -11.10 -3.79 1.43
C SER A 17 -11.40 -3.22 0.05
N LEU A 18 -10.40 -2.67 -0.65
CA LEU A 18 -10.55 -2.24 -2.05
C LEU A 18 -10.89 -3.37 -3.04
N LEU A 19 -10.40 -4.60 -2.84
CA LEU A 19 -10.82 -5.77 -3.64
C LEU A 19 -12.32 -6.04 -3.49
N GLU A 20 -12.84 -5.95 -2.26
CA GLU A 20 -14.26 -6.17 -1.93
C GLU A 20 -15.17 -5.06 -2.46
N ASN A 21 -14.68 -3.82 -2.50
CA ASN A 21 -15.37 -2.67 -3.08
C ASN A 21 -15.46 -2.76 -4.61
N LEU A 22 -14.34 -3.01 -5.32
CA LEU A 22 -14.27 -3.10 -6.79
C LEU A 22 -15.24 -4.13 -7.37
N GLU A 23 -15.43 -5.24 -6.66
CA GLU A 23 -16.40 -6.31 -6.96
C GLU A 23 -17.85 -5.83 -7.21
N LYS A 24 -18.28 -4.71 -6.61
CA LYS A 24 -19.63 -4.15 -6.85
C LYS A 24 -19.76 -3.49 -8.23
N ILE A 25 -18.71 -2.77 -8.66
CA ILE A 25 -18.48 -2.21 -10.02
C ILE A 25 -19.32 -0.95 -10.27
N GLU A 26 -20.58 -0.97 -9.86
CA GLU A 26 -21.61 0.05 -10.09
C GLU A 26 -21.22 1.46 -9.59
N LYS A 27 -20.84 1.58 -8.31
CA LYS A 27 -20.71 2.88 -7.60
C LYS A 27 -19.87 2.83 -6.32
N GLU A 28 -19.03 1.80 -6.17
CA GLU A 28 -18.19 1.50 -5.00
C GLU A 28 -16.77 1.08 -5.41
N ILE B 1 -14.14 5.41 -10.47
CA ILE B 1 -12.84 6.06 -10.13
C ILE B 1 -12.81 6.65 -8.71
N GLN B 2 -13.58 7.71 -8.40
CA GLN B 2 -13.36 8.58 -7.22
C GLN B 2 -13.23 7.84 -5.87
N ALA B 3 -14.08 6.84 -5.60
CA ALA B 3 -14.02 6.05 -4.36
C ALA B 3 -12.72 5.23 -4.24
N ILE B 4 -12.25 4.64 -5.34
CA ILE B 4 -11.00 3.88 -5.39
C ILE B 4 -9.80 4.82 -5.24
N LYS B 5 -9.87 5.97 -5.94
CA LYS B 5 -8.87 7.03 -5.92
C LYS B 5 -8.66 7.60 -4.52
N LYS B 6 -9.74 7.85 -3.77
CA LYS B 6 -9.70 8.26 -2.35
C LYS B 6 -8.93 7.25 -1.49
N GLU B 7 -9.27 5.97 -1.60
CA GLU B 7 -8.62 4.89 -0.84
C GLU B 7 -7.14 4.71 -1.22
N LEU B 8 -6.77 4.70 -2.51
CA LEU B 8 -5.38 4.66 -2.96
C LEU B 8 -4.57 5.86 -2.43
N THR B 9 -5.11 7.09 -2.48
CA THR B 9 -4.51 8.25 -1.79
C THR B 9 -4.35 8.03 -0.28
N GLN B 10 -5.31 7.41 0.41
CA GLN B 10 -5.17 7.05 1.83
C GLN B 10 -4.08 5.98 2.07
N ILE B 11 -3.85 5.05 1.14
CA ILE B 11 -2.69 4.15 1.18
C ILE B 11 -1.39 4.94 1.06
N LYS B 12 -1.26 5.86 0.10
CA LYS B 12 -0.09 6.76 0.00
C LYS B 12 0.13 7.55 1.29
N GLN B 13 -0.94 8.04 1.92
CA GLN B 13 -0.88 8.78 3.18
C GLN B 13 -0.36 7.92 4.33
N LYS B 14 -0.87 6.70 4.54
CA LYS B 14 -0.34 5.81 5.59
C LYS B 14 1.08 5.34 5.28
N VAL B 15 1.41 5.02 4.03
CA VAL B 15 2.78 4.67 3.63
C VAL B 15 3.77 5.85 3.79
N ASP B 16 3.33 7.11 3.62
CA ASP B 16 4.13 8.30 3.90
C ASP B 16 4.30 8.58 5.40
N SER B 17 3.24 8.41 6.19
CA SER B 17 3.29 8.46 7.66
C SER B 17 4.24 7.40 8.24
N LEU B 18 4.36 6.23 7.59
CA LEU B 18 5.39 5.25 7.93
C LEU B 18 6.82 5.76 7.69
N LEU B 19 7.09 6.48 6.59
CA LEU B 19 8.40 7.15 6.40
C LEU B 19 8.71 8.15 7.53
N GLU B 20 7.71 8.91 7.97
CA GLU B 20 7.86 9.83 9.09
C GLU B 20 8.17 9.10 10.42
N ASN B 21 7.54 7.96 10.67
CA ASN B 21 7.80 7.13 11.84
C ASN B 21 9.21 6.50 11.84
N LEU B 22 9.65 5.98 10.68
CA LEU B 22 10.98 5.37 10.49
C LEU B 22 12.16 6.33 10.78
N GLU B 23 11.92 7.64 10.77
CA GLU B 23 12.89 8.67 11.17
C GLU B 23 13.38 8.53 12.63
N LYS B 24 12.62 7.85 13.50
CA LYS B 24 12.95 7.67 14.94
C LYS B 24 12.57 6.31 15.53
N ILE B 25 11.37 5.79 15.23
CA ILE B 25 10.77 4.49 15.65
C ILE B 25 10.58 4.34 17.17
N GLU B 26 11.61 4.58 17.98
CA GLU B 26 11.61 4.42 19.44
C GLU B 26 10.60 5.34 20.14
N LYS B 27 10.50 6.60 19.67
CA LYS B 27 9.68 7.70 20.19
C LYS B 27 9.86 7.99 21.70
N GLU B 28 9.21 9.07 22.16
CA GLU B 28 9.15 9.54 23.57
C GLU B 28 7.78 10.12 23.92
N ILE C 1 16.17 2.24 8.67
CA ILE C 1 15.33 3.08 7.76
C ILE C 1 15.52 2.73 6.28
N GLN C 2 16.69 2.98 5.68
CA GLN C 2 16.88 3.10 4.22
C GLN C 2 16.25 1.98 3.37
N ALA C 3 16.45 0.71 3.74
CA ALA C 3 15.89 -0.44 3.01
C ALA C 3 14.35 -0.45 3.00
N ILE C 4 13.71 -0.19 4.15
CA ILE C 4 12.26 -0.13 4.28
C ILE C 4 11.71 1.15 3.62
N LYS C 5 12.41 2.27 3.74
CA LYS C 5 12.07 3.55 3.10
C LYS C 5 12.00 3.43 1.58
N LYS C 6 12.94 2.69 0.96
CA LYS C 6 12.94 2.43 -0.48
C LYS C 6 11.70 1.65 -0.93
N GLU C 7 11.35 0.59 -0.19
CA GLU C 7 10.16 -0.22 -0.46
C GLU C 7 8.84 0.56 -0.23
N LEU C 8 8.73 1.35 0.83
CA LEU C 8 7.56 2.22 1.07
C LEU C 8 7.39 3.25 -0.05
N THR C 9 8.47 3.88 -0.54
CA THR C 9 8.41 4.75 -1.71
C THR C 9 8.00 4.02 -2.99
N GLN C 10 8.46 2.78 -3.24
CA GLN C 10 7.97 2.03 -4.41
C GLN C 10 6.50 1.55 -4.25
N ILE C 11 5.98 1.39 -3.01
CA ILE C 11 4.53 1.24 -2.78
C ILE C 11 3.78 2.52 -3.13
N LYS C 12 4.21 3.70 -2.64
CA LYS C 12 3.58 5.00 -3.00
C LYS C 12 3.50 5.19 -4.51
N GLN C 13 4.58 4.88 -5.25
CA GLN C 13 4.60 5.07 -6.70
C GLN C 13 3.75 4.00 -7.41
N LYS C 14 3.71 2.73 -6.94
CA LYS C 14 2.87 1.70 -7.55
C LYS C 14 1.38 1.94 -7.27
N VAL C 15 1.02 2.39 -6.06
CA VAL C 15 -0.33 2.89 -5.74
C VAL C 15 -0.72 4.09 -6.61
N ASP C 16 0.21 5.02 -6.88
CA ASP C 16 -0.02 6.15 -7.81
C ASP C 16 -0.28 5.70 -9.25
N SER C 17 0.42 4.68 -9.74
CA SER C 17 0.17 4.06 -11.05
C SER C 17 -1.24 3.47 -11.19
N LEU C 18 -1.91 3.06 -10.10
CA LEU C 18 -3.31 2.63 -10.17
C LEU C 18 -4.28 3.81 -10.31
N LEU C 19 -3.93 5.01 -9.85
CA LEU C 19 -4.69 6.24 -10.19
C LEU C 19 -4.68 6.50 -11.70
N GLU C 20 -3.54 6.35 -12.38
CA GLU C 20 -3.43 6.46 -13.84
C GLU C 20 -4.20 5.34 -14.57
N ASN C 21 -4.17 4.11 -14.04
CA ASN C 21 -4.98 2.99 -14.54
C ASN C 21 -6.49 3.30 -14.46
N LEU C 22 -6.95 3.86 -13.33
CA LEU C 22 -8.35 4.25 -13.09
C LEU C 22 -8.81 5.42 -13.96
N GLU C 23 -7.91 6.36 -14.29
CA GLU C 23 -8.13 7.40 -15.29
C GLU C 23 -8.15 6.88 -16.74
N LYS C 24 -7.97 5.56 -16.96
CA LYS C 24 -8.10 4.84 -18.24
C LYS C 24 -7.10 5.32 -19.31
N ILE C 25 -5.91 5.76 -18.89
CA ILE C 25 -4.93 6.47 -19.71
C ILE C 25 -3.57 5.84 -19.44
N GLU C 26 -3.02 5.29 -20.52
CA GLU C 26 -1.86 4.39 -20.64
C GLU C 26 -2.02 3.03 -19.91
N LYS C 27 -2.43 3.08 -18.64
CA LYS C 27 -2.61 1.97 -17.67
C LYS C 27 -1.38 1.11 -17.39
N GLU C 28 -1.21 0.76 -16.11
CA GLU C 28 -0.16 -0.13 -15.57
C GLU C 28 -0.73 -1.08 -14.51
N ILE D 1 -12.17 -3.13 -13.01
CA ILE D 1 -12.05 -4.12 -11.90
C ILE D 1 -10.81 -5.02 -12.03
N GLN D 2 -10.78 -6.02 -12.90
CA GLN D 2 -9.81 -7.12 -12.84
C GLN D 2 -8.33 -6.70 -12.84
N ALA D 3 -7.95 -5.65 -13.58
CA ALA D 3 -6.58 -5.13 -13.60
C ALA D 3 -6.18 -4.53 -12.22
N ILE D 4 -7.02 -3.67 -11.65
CA ILE D 4 -6.79 -3.06 -10.34
C ILE D 4 -6.83 -4.12 -9.23
N LYS D 5 -7.69 -5.15 -9.32
CA LYS D 5 -7.67 -6.29 -8.37
C LYS D 5 -6.31 -6.98 -8.36
N LYS D 6 -5.74 -7.25 -9.53
CA LYS D 6 -4.44 -7.92 -9.67
C LYS D 6 -3.30 -7.09 -9.08
N GLU D 7 -3.31 -5.78 -9.32
CA GLU D 7 -2.35 -4.85 -8.75
C GLU D 7 -2.51 -4.63 -7.24
N LEU D 8 -3.74 -4.55 -6.71
CA LEU D 8 -4.00 -4.52 -5.26
C LEU D 8 -3.49 -5.81 -4.58
N THR D 9 -3.71 -6.98 -5.18
CA THR D 9 -3.10 -8.24 -4.74
C THR D 9 -1.57 -8.18 -4.76
N GLN D 10 -0.94 -7.58 -5.79
CA GLN D 10 0.51 -7.32 -5.76
C GLN D 10 0.91 -6.37 -4.61
N ILE D 11 0.18 -5.28 -4.35
CA ILE D 11 0.48 -4.40 -3.22
C ILE D 11 0.44 -5.17 -1.90
N LYS D 12 -0.58 -6.00 -1.65
CA LYS D 12 -0.64 -6.92 -0.49
C LYS D 12 0.61 -7.80 -0.40
N GLN D 13 1.08 -8.34 -1.52
CA GLN D 13 2.29 -9.19 -1.57
C GLN D 13 3.59 -8.42 -1.29
N LYS D 14 3.77 -7.19 -1.81
CA LYS D 14 4.96 -6.38 -1.50
C LYS D 14 4.92 -5.84 -0.07
N VAL D 15 3.74 -5.46 0.44
CA VAL D 15 3.56 -5.10 1.86
C VAL D 15 3.82 -6.30 2.79
N ASP D 16 3.40 -7.51 2.43
CA ASP D 16 3.74 -8.75 3.16
C ASP D 16 5.23 -9.09 3.11
N SER D 17 5.86 -8.88 1.96
CA SER D 17 7.31 -8.97 1.79
C SER D 17 8.06 -7.96 2.67
N LEU D 18 7.49 -6.77 2.91
CA LEU D 18 8.02 -5.84 3.90
C LEU D 18 7.89 -6.33 5.35
N LEU D 19 6.80 -7.02 5.72
CA LEU D 19 6.69 -7.69 7.02
C LEU D 19 7.81 -8.73 7.22
N GLU D 20 8.13 -9.51 6.18
CA GLU D 20 9.26 -10.44 6.19
C GLU D 20 10.62 -9.71 6.33
N ASN D 21 10.78 -8.57 5.65
CA ASN D 21 11.98 -7.71 5.73
C ASN D 21 12.16 -6.96 7.07
N LEU D 22 11.11 -6.83 7.89
CA LEU D 22 11.24 -6.34 9.27
C LEU D 22 11.76 -7.43 10.21
N GLU D 23 11.34 -8.68 10.03
CA GLU D 23 11.67 -9.81 10.92
C GLU D 23 13.17 -10.16 10.99
N LYS D 24 13.99 -9.71 10.02
CA LYS D 24 15.46 -9.81 10.10
C LYS D 24 16.07 -8.88 11.17
N ILE D 25 15.41 -7.74 11.45
CA ILE D 25 15.81 -6.70 12.44
C ILE D 25 17.30 -6.27 12.31
N GLU D 26 17.76 -6.09 11.08
CA GLU D 26 19.08 -5.53 10.73
C GLU D 26 18.99 -4.23 9.91
N LYS D 27 17.89 -4.04 9.16
CA LYS D 27 17.54 -2.82 8.38
C LYS D 27 18.63 -2.34 7.40
N GLU D 28 19.46 -3.29 6.93
CA GLU D 28 20.67 -3.12 6.10
C GLU D 28 21.77 -2.22 6.71
N ILE A 1 10.47 -2.39 14.65
CA ILE A 1 9.76 -3.55 14.03
C ILE A 1 8.25 -3.54 14.30
N GLN A 2 7.80 -3.83 15.53
CA GLN A 2 6.39 -4.17 15.82
C GLN A 2 5.37 -3.12 15.33
N ALA A 3 5.65 -1.83 15.52
CA ALA A 3 4.78 -0.75 15.06
C ALA A 3 4.61 -0.74 13.53
N ILE A 4 5.71 -0.80 12.76
CA ILE A 4 5.65 -0.83 11.30
C ILE A 4 5.01 -2.13 10.80
N LYS A 5 5.23 -3.30 11.45
CA LYS A 5 4.50 -4.53 11.11
C LYS A 5 2.99 -4.39 11.30
N LYS A 6 2.54 -3.81 12.43
CA LYS A 6 1.12 -3.54 12.72
C LYS A 6 0.51 -2.65 11.64
N GLU A 7 1.23 -1.60 11.26
CA GLU A 7 0.75 -0.62 10.26
C GLU A 7 0.85 -1.12 8.80
N LEU A 8 1.82 -1.95 8.45
CA LEU A 8 1.82 -2.71 7.18
C LEU A 8 0.63 -3.68 7.09
N THR A 9 0.30 -4.40 8.17
CA THR A 9 -0.94 -5.19 8.25
C THR A 9 -2.19 -4.32 8.05
N GLN A 10 -2.24 -3.09 8.59
CA GLN A 10 -3.30 -2.13 8.28
C GLN A 10 -3.31 -1.74 6.79
N ILE A 11 -2.16 -1.53 6.13
CA ILE A 11 -2.13 -1.34 4.67
C ILE A 11 -2.74 -2.54 3.94
N LYS A 12 -2.35 -3.78 4.27
CA LYS A 12 -2.94 -4.99 3.68
C LYS A 12 -4.46 -5.01 3.86
N GLN A 13 -4.96 -4.60 5.02
CA GLN A 13 -6.40 -4.57 5.33
C GLN A 13 -7.15 -3.49 4.53
N LYS A 14 -6.62 -2.27 4.33
CA LYS A 14 -7.26 -1.27 3.45
C LYS A 14 -7.13 -1.63 1.96
N VAL A 15 -6.00 -2.17 1.53
CA VAL A 15 -5.83 -2.68 0.16
C VAL A 15 -6.76 -3.87 -0.14
N ASP A 16 -6.98 -4.77 0.81
CA ASP A 16 -7.98 -5.85 0.73
C ASP A 16 -9.43 -5.34 0.68
N SER A 17 -9.74 -4.31 1.47
CA SER A 17 -11.04 -3.64 1.43
C SER A 17 -11.41 -3.12 0.04
N LEU A 18 -10.43 -2.67 -0.75
CA LEU A 18 -10.65 -2.28 -2.15
C LEU A 18 -10.88 -3.48 -3.10
N LEU A 19 -10.34 -4.67 -2.84
CA LEU A 19 -10.77 -5.89 -3.56
C LEU A 19 -12.26 -6.17 -3.33
N GLU A 20 -12.73 -6.03 -2.09
CA GLU A 20 -14.12 -6.25 -1.70
C GLU A 20 -15.08 -5.24 -2.36
N ASN A 21 -14.67 -3.97 -2.47
CA ASN A 21 -15.49 -2.92 -3.07
C ASN A 21 -15.47 -2.91 -4.61
N LEU A 22 -14.35 -3.28 -5.26
CA LEU A 22 -14.23 -3.36 -6.72
C LEU A 22 -15.27 -4.27 -7.39
N GLU A 23 -15.80 -5.24 -6.65
CA GLU A 23 -16.93 -6.11 -7.01
C GLU A 23 -18.25 -5.34 -7.31
N LYS A 24 -18.39 -4.08 -6.87
CA LYS A 24 -19.60 -3.25 -7.10
C LYS A 24 -19.35 -1.75 -7.32
N ILE A 25 -18.48 -1.10 -6.54
CA ILE A 25 -18.14 0.34 -6.61
C ILE A 25 -19.39 1.26 -6.50
N GLU A 26 -20.46 0.74 -5.87
CA GLU A 26 -21.73 1.45 -5.71
C GLU A 26 -21.65 2.56 -4.63
N LYS A 27 -20.71 2.43 -3.68
CA LYS A 27 -20.47 3.38 -2.58
C LYS A 27 -19.02 3.31 -2.06
N GLU A 28 -18.49 4.43 -1.57
CA GLU A 28 -17.13 4.53 -1.00
C GLU A 28 -16.95 3.80 0.36
N ILE B 1 -14.10 5.12 -10.90
CA ILE B 1 -12.85 5.78 -10.42
C ILE B 1 -12.97 6.36 -9.01
N GLN B 2 -13.78 7.41 -8.78
CA GLN B 2 -13.64 8.35 -7.66
C GLN B 2 -13.44 7.71 -6.27
N ALA B 3 -14.25 6.71 -5.90
CA ALA B 3 -14.13 6.00 -4.63
C ALA B 3 -12.78 5.27 -4.47
N ILE B 4 -12.36 4.50 -5.48
CA ILE B 4 -11.10 3.75 -5.47
C ILE B 4 -9.92 4.71 -5.48
N LYS B 5 -10.03 5.79 -6.27
CA LYS B 5 -9.04 6.87 -6.36
C LYS B 5 -8.80 7.54 -5.01
N LYS B 6 -9.87 7.90 -4.29
CA LYS B 6 -9.79 8.49 -2.95
C LYS B 6 -9.13 7.56 -1.94
N GLU B 7 -9.48 6.27 -1.97
CA GLU B 7 -8.90 5.24 -1.10
C GLU B 7 -7.43 4.90 -1.43
N LEU B 8 -7.02 4.87 -2.70
CA LEU B 8 -5.61 4.78 -3.09
C LEU B 8 -4.79 6.03 -2.66
N THR B 9 -5.34 7.24 -2.81
CA THR B 9 -4.74 8.47 -2.25
C THR B 9 -4.59 8.39 -0.72
N GLN B 10 -5.54 7.76 -0.01
CA GLN B 10 -5.38 7.44 1.41
C GLN B 10 -4.21 6.48 1.65
N ILE B 11 -4.03 5.40 0.86
CA ILE B 11 -2.86 4.52 0.99
C ILE B 11 -1.53 5.29 0.85
N LYS B 12 -1.41 6.20 -0.12
CA LYS B 12 -0.22 7.05 -0.30
C LYS B 12 0.08 7.94 0.92
N GLN B 13 -0.94 8.36 1.67
CA GLN B 13 -0.80 9.09 2.94
C GLN B 13 -0.55 8.16 4.13
N LYS B 14 -1.16 6.97 4.18
CA LYS B 14 -0.91 5.95 5.21
C LYS B 14 0.55 5.50 5.17
N VAL B 15 1.06 5.16 3.98
CA VAL B 15 2.46 4.78 3.75
C VAL B 15 3.43 5.93 4.06
N ASP B 16 3.02 7.19 3.82
CA ASP B 16 3.80 8.38 4.22
C ASP B 16 4.06 8.45 5.73
N SER B 17 3.07 8.09 6.56
CA SER B 17 3.22 8.03 8.01
C SER B 17 4.27 7.01 8.47
N LEU B 18 4.48 5.91 7.72
CA LEU B 18 5.51 4.92 8.02
C LEU B 18 6.90 5.37 7.57
N LEU B 19 7.01 6.12 6.46
CA LEU B 19 8.23 6.84 6.12
C LEU B 19 8.67 7.80 7.23
N GLU B 20 7.73 8.54 7.83
CA GLU B 20 7.98 9.42 8.96
C GLU B 20 8.35 8.65 10.25
N ASN B 21 7.61 7.57 10.57
CA ASN B 21 7.87 6.72 11.74
C ASN B 21 9.25 6.03 11.72
N LEU B 22 9.82 5.77 10.54
CA LEU B 22 11.16 5.19 10.37
C LEU B 22 12.30 6.18 10.62
N GLU B 23 12.03 7.50 10.58
CA GLU B 23 12.92 8.52 11.13
C GLU B 23 12.76 8.69 12.66
N LYS B 24 11.84 7.93 13.27
CA LYS B 24 11.54 7.84 14.72
C LYS B 24 11.15 9.17 15.37
N ILE B 25 10.66 10.12 14.56
CA ILE B 25 10.51 11.54 14.89
C ILE B 25 9.26 11.99 14.14
N GLU B 26 8.27 12.39 14.92
CA GLU B 26 6.90 12.72 14.48
C GLU B 26 6.80 14.11 13.80
N LYS B 27 7.86 14.54 13.12
CA LYS B 27 7.89 15.81 12.36
C LYS B 27 7.09 15.68 11.05
N GLU B 28 5.93 16.32 11.00
CA GLU B 28 4.94 16.24 9.91
C GLU B 28 4.25 17.59 9.64
N ILE C 1 16.31 2.02 8.43
CA ILE C 1 15.40 2.83 7.56
C ILE C 1 15.50 2.50 6.07
N GLN C 2 16.64 2.73 5.41
CA GLN C 2 16.71 2.89 3.93
C GLN C 2 16.03 1.80 3.11
N ALA C 3 16.24 0.51 3.44
CA ALA C 3 15.62 -0.61 2.73
C ALA C 3 14.09 -0.59 2.81
N ILE C 4 13.53 -0.33 3.99
CA ILE C 4 12.07 -0.23 4.20
C ILE C 4 11.52 1.06 3.58
N LYS C 5 12.25 2.18 3.69
CA LYS C 5 11.91 3.46 3.04
C LYS C 5 11.79 3.32 1.53
N LYS C 6 12.70 2.58 0.89
CA LYS C 6 12.69 2.33 -0.55
C LYS C 6 11.47 1.52 -1.00
N GLU C 7 11.11 0.48 -0.25
CA GLU C 7 9.91 -0.33 -0.49
C GLU C 7 8.59 0.42 -0.21
N LEU C 8 8.48 1.19 0.88
CA LEU C 8 7.34 2.10 1.11
C LEU C 8 7.21 3.15 0.00
N THR C 9 8.32 3.71 -0.50
CA THR C 9 8.32 4.59 -1.68
C THR C 9 7.83 3.86 -2.94
N GLN C 10 8.20 2.59 -3.13
CA GLN C 10 7.66 1.74 -4.19
C GLN C 10 6.15 1.51 -4.05
N ILE C 11 5.61 1.36 -2.83
CA ILE C 11 4.16 1.30 -2.62
C ILE C 11 3.48 2.60 -3.04
N LYS C 12 3.98 3.76 -2.59
CA LYS C 12 3.43 5.07 -2.97
C LYS C 12 3.38 5.26 -4.50
N GLN C 13 4.45 4.89 -5.21
CA GLN C 13 4.52 5.07 -6.67
C GLN C 13 3.74 3.98 -7.45
N LYS C 14 3.61 2.75 -6.92
CA LYS C 14 2.77 1.70 -7.55
C LYS C 14 1.28 1.96 -7.31
N VAL C 15 0.91 2.50 -6.15
CA VAL C 15 -0.42 3.08 -5.91
C VAL C 15 -0.66 4.31 -6.81
N ASP C 16 0.33 5.18 -7.04
CA ASP C 16 0.21 6.30 -8.00
C ASP C 16 0.03 5.83 -9.46
N SER C 17 0.70 4.75 -9.83
CA SER C 17 0.49 4.07 -11.13
C SER C 17 -0.95 3.56 -11.28
N LEU C 18 -1.55 3.02 -10.21
CA LEU C 18 -2.99 2.71 -10.18
C LEU C 18 -3.87 3.97 -10.32
N LEU C 19 -3.55 5.08 -9.64
CA LEU C 19 -4.28 6.35 -9.80
C LEU C 19 -4.30 6.84 -11.26
N GLU C 20 -3.18 6.71 -11.97
CA GLU C 20 -3.09 7.03 -13.40
C GLU C 20 -3.92 6.06 -14.26
N ASN C 21 -3.80 4.75 -14.03
CA ASN C 21 -4.53 3.72 -14.78
C ASN C 21 -6.06 3.79 -14.61
N LEU C 22 -6.57 4.17 -13.43
CA LEU C 22 -8.01 4.37 -13.19
C LEU C 22 -8.65 5.45 -14.07
N GLU C 23 -7.87 6.43 -14.54
CA GLU C 23 -8.32 7.48 -15.46
C GLU C 23 -8.59 6.97 -16.90
N LYS C 24 -8.16 5.73 -17.22
CA LYS C 24 -8.21 5.15 -18.58
C LYS C 24 -8.83 3.75 -18.63
N ILE C 25 -8.26 2.76 -17.94
CA ILE C 25 -8.65 1.33 -17.88
C ILE C 25 -8.84 0.61 -19.25
N GLU C 26 -8.55 1.26 -20.39
CA GLU C 26 -8.62 0.66 -21.73
C GLU C 26 -7.53 -0.40 -21.99
N LYS C 27 -6.42 -0.35 -21.23
CA LYS C 27 -5.25 -1.25 -21.32
C LYS C 27 -4.71 -1.60 -19.93
N GLU C 28 -3.72 -2.50 -19.90
CA GLU C 28 -3.09 -3.11 -18.70
C GLU C 28 -2.73 -2.13 -17.55
N ILE D 1 -12.38 -3.60 -12.84
CA ILE D 1 -12.24 -4.57 -11.72
C ILE D 1 -10.94 -5.39 -11.79
N GLN D 2 -10.83 -6.42 -12.64
CA GLN D 2 -9.79 -7.46 -12.54
C GLN D 2 -8.33 -6.93 -12.56
N ALA D 3 -8.01 -5.97 -13.43
CA ALA D 3 -6.68 -5.35 -13.47
C ALA D 3 -6.32 -4.64 -12.16
N ILE D 4 -7.27 -3.91 -11.56
CA ILE D 4 -7.07 -3.18 -10.31
C ILE D 4 -6.91 -4.15 -9.15
N LYS D 5 -7.72 -5.22 -9.14
CA LYS D 5 -7.61 -6.33 -8.18
C LYS D 5 -6.22 -6.98 -8.20
N LYS D 6 -5.67 -7.27 -9.39
CA LYS D 6 -4.33 -7.87 -9.54
C LYS D 6 -3.24 -6.97 -8.95
N GLU D 7 -3.27 -5.68 -9.26
CA GLU D 7 -2.40 -4.64 -8.71
C GLU D 7 -2.52 -4.52 -7.18
N LEU D 8 -3.73 -4.40 -6.61
CA LEU D 8 -3.97 -4.40 -5.16
C LEU D 8 -3.40 -5.67 -4.47
N THR D 9 -3.57 -6.84 -5.07
CA THR D 9 -2.94 -8.08 -4.55
C THR D 9 -1.41 -8.03 -4.62
N GLN D 10 -0.82 -7.46 -5.66
CA GLN D 10 0.63 -7.20 -5.66
C GLN D 10 1.06 -6.18 -4.60
N ILE D 11 0.27 -5.14 -4.30
CA ILE D 11 0.53 -4.23 -3.17
C ILE D 11 0.54 -5.01 -1.85
N LYS D 12 -0.46 -5.87 -1.60
CA LYS D 12 -0.46 -6.79 -0.44
C LYS D 12 0.79 -7.66 -0.39
N GLN D 13 1.29 -8.14 -1.52
CA GLN D 13 2.50 -8.97 -1.60
C GLN D 13 3.78 -8.18 -1.28
N LYS D 14 3.95 -6.94 -1.77
CA LYS D 14 5.12 -6.12 -1.36
C LYS D 14 5.00 -5.66 0.11
N VAL D 15 3.81 -5.29 0.57
CA VAL D 15 3.57 -4.95 1.98
C VAL D 15 3.79 -6.15 2.93
N ASP D 16 3.39 -7.37 2.51
CA ASP D 16 3.69 -8.63 3.23
C ASP D 16 5.18 -8.97 3.24
N SER D 17 5.85 -8.79 2.10
CA SER D 17 7.32 -8.92 1.99
C SER D 17 8.05 -8.00 2.98
N LEU D 18 7.54 -6.79 3.21
CA LEU D 18 8.05 -5.89 4.24
C LEU D 18 7.85 -6.38 5.68
N LEU D 19 6.81 -7.16 6.00
CA LEU D 19 6.66 -7.80 7.32
C LEU D 19 7.84 -8.74 7.62
N GLU D 20 8.25 -9.53 6.61
CA GLU D 20 9.41 -10.42 6.69
C GLU D 20 10.74 -9.64 6.71
N ASN D 21 10.86 -8.58 5.91
CA ASN D 21 12.05 -7.73 5.86
C ASN D 21 12.35 -7.03 7.21
N LEU D 22 11.30 -6.63 7.95
CA LEU D 22 11.44 -6.08 9.30
C LEU D 22 11.90 -7.13 10.33
N GLU D 23 11.35 -8.34 10.25
CA GLU D 23 11.74 -9.50 11.09
C GLU D 23 13.24 -9.85 11.01
N LYS D 24 13.93 -9.48 9.93
CA LYS D 24 15.40 -9.64 9.80
C LYS D 24 16.19 -8.78 10.79
N ILE D 25 15.67 -7.59 11.13
CA ILE D 25 16.19 -6.51 12.01
C ILE D 25 17.60 -5.98 11.65
N GLU D 26 18.60 -6.85 11.52
CA GLU D 26 20.03 -6.54 11.30
C GLU D 26 20.61 -7.19 10.02
N LYS D 27 19.76 -7.89 9.24
CA LYS D 27 20.17 -8.70 8.06
C LYS D 27 19.41 -8.28 6.80
N GLU D 28 19.58 -7.01 6.43
CA GLU D 28 19.10 -6.40 5.17
C GLU D 28 19.60 -7.12 3.89
N ILE A 1 10.49 -2.97 14.99
CA ILE A 1 9.55 -3.82 14.21
C ILE A 1 8.07 -3.60 14.56
N GLN A 2 7.62 -3.86 15.80
CA GLN A 2 6.19 -4.05 16.13
C GLN A 2 5.25 -2.96 15.61
N ALA A 3 5.63 -1.68 15.66
CA ALA A 3 4.85 -0.57 15.12
C ALA A 3 4.64 -0.70 13.59
N ILE A 4 5.71 -0.70 12.80
CA ILE A 4 5.67 -0.85 11.33
C ILE A 4 5.02 -2.18 10.93
N LYS A 5 5.24 -3.26 11.69
CA LYS A 5 4.58 -4.56 11.50
C LYS A 5 3.06 -4.44 11.62
N LYS A 6 2.57 -3.77 12.65
CA LYS A 6 1.13 -3.54 12.86
C LYS A 6 0.56 -2.66 11.73
N GLU A 7 1.29 -1.61 11.35
CA GLU A 7 0.87 -0.65 10.33
C GLU A 7 0.87 -1.24 8.90
N LEU A 8 1.87 -2.03 8.50
CA LEU A 8 1.87 -2.80 7.24
C LEU A 8 0.67 -3.75 7.16
N THR A 9 0.37 -4.50 8.23
CA THR A 9 -0.83 -5.36 8.27
C THR A 9 -2.11 -4.56 8.04
N GLN A 10 -2.21 -3.34 8.58
CA GLN A 10 -3.35 -2.45 8.30
C GLN A 10 -3.35 -1.88 6.87
N ILE A 11 -2.20 -1.74 6.19
CA ILE A 11 -2.19 -1.49 4.73
C ILE A 11 -2.76 -2.67 3.96
N LYS A 12 -2.35 -3.92 4.24
CA LYS A 12 -2.94 -5.11 3.60
C LYS A 12 -4.45 -5.17 3.77
N GLN A 13 -4.94 -4.87 4.98
CA GLN A 13 -6.33 -4.83 5.36
C GLN A 13 -7.10 -3.73 4.62
N LYS A 14 -6.55 -2.52 4.52
CA LYS A 14 -7.20 -1.41 3.81
C LYS A 14 -7.18 -1.63 2.29
N VAL A 15 -6.11 -2.19 1.73
CA VAL A 15 -6.06 -2.60 0.32
C VAL A 15 -7.06 -3.73 0.02
N ASP A 16 -7.23 -4.71 0.91
CA ASP A 16 -8.26 -5.76 0.80
C ASP A 16 -9.69 -5.18 0.78
N SER A 17 -9.92 -4.12 1.56
CA SER A 17 -11.18 -3.37 1.52
C SER A 17 -11.48 -2.79 0.11
N LEU A 18 -10.46 -2.38 -0.66
CA LEU A 18 -10.65 -1.92 -2.04
C LEU A 18 -10.93 -3.08 -3.00
N LEU A 19 -10.34 -4.28 -2.78
CA LEU A 19 -10.73 -5.50 -3.49
C LEU A 19 -12.22 -5.81 -3.31
N GLU A 20 -12.74 -5.68 -2.07
CA GLU A 20 -14.16 -5.88 -1.76
C GLU A 20 -15.06 -4.80 -2.41
N ASN A 21 -14.65 -3.52 -2.37
CA ASN A 21 -15.37 -2.42 -3.00
C ASN A 21 -15.41 -2.51 -4.54
N LEU A 22 -14.39 -3.12 -5.17
CA LEU A 22 -14.30 -3.39 -6.61
C LEU A 22 -15.14 -4.59 -7.05
N GLU A 23 -15.40 -5.54 -6.13
CA GLU A 23 -16.46 -6.55 -6.28
C GLU A 23 -17.87 -5.91 -6.26
N LYS A 24 -17.96 -4.60 -5.97
CA LYS A 24 -19.15 -3.74 -6.09
C LYS A 24 -20.35 -4.32 -5.37
N ILE A 25 -20.12 -4.51 -4.07
CA ILE A 25 -20.99 -5.08 -3.01
C ILE A 25 -22.50 -5.01 -3.31
N GLU A 26 -23.05 -3.82 -3.61
CA GLU A 26 -24.44 -3.60 -4.07
C GLU A 26 -24.50 -2.58 -5.23
N LYS A 27 -23.44 -2.50 -6.05
CA LYS A 27 -23.18 -1.53 -7.13
C LYS A 27 -23.53 -0.06 -6.78
N GLU A 28 -23.26 0.32 -5.53
CA GLU A 28 -23.37 1.69 -4.99
C GLU A 28 -22.50 2.74 -5.71
N ILE B 1 -14.27 4.72 -10.71
CA ILE B 1 -13.02 5.46 -10.42
C ILE B 1 -13.04 6.15 -9.04
N GLN B 2 -13.87 7.17 -8.80
CA GLN B 2 -13.69 8.15 -7.73
C GLN B 2 -13.44 7.57 -6.32
N ALA B 3 -14.17 6.53 -5.92
CA ALA B 3 -13.99 5.86 -4.62
C ALA B 3 -12.58 5.25 -4.47
N ILE B 4 -12.12 4.47 -5.45
CA ILE B 4 -10.79 3.85 -5.46
C ILE B 4 -9.70 4.91 -5.63
N LYS B 5 -9.92 5.94 -6.47
CA LYS B 5 -9.02 7.09 -6.64
C LYS B 5 -8.74 7.77 -5.28
N LYS B 6 -9.80 8.03 -4.51
CA LYS B 6 -9.73 8.61 -3.16
C LYS B 6 -8.98 7.70 -2.20
N GLU B 7 -9.34 6.42 -2.14
CA GLU B 7 -8.72 5.45 -1.22
C GLU B 7 -7.25 5.13 -1.54
N LEU B 8 -6.84 5.12 -2.81
CA LEU B 8 -5.43 5.02 -3.21
C LEU B 8 -4.61 6.20 -2.67
N THR B 9 -5.14 7.43 -2.72
CA THR B 9 -4.51 8.58 -2.03
C THR B 9 -4.39 8.35 -0.53
N GLN B 10 -5.39 7.75 0.13
CA GLN B 10 -5.29 7.38 1.55
C GLN B 10 -4.23 6.30 1.81
N ILE B 11 -4.02 5.34 0.91
CA ILE B 11 -2.89 4.40 1.01
C ILE B 11 -1.55 5.12 0.87
N LYS B 12 -1.37 6.03 -0.11
CA LYS B 12 -0.16 6.87 -0.20
C LYS B 12 0.09 7.65 1.09
N GLN B 13 -0.95 8.24 1.68
CA GLN B 13 -0.85 9.02 2.92
C GLN B 13 -0.52 8.15 4.13
N LYS B 14 -1.14 6.98 4.29
CA LYS B 14 -0.79 6.04 5.37
C LYS B 14 0.61 5.45 5.21
N VAL B 15 1.04 5.13 3.99
CA VAL B 15 2.42 4.71 3.72
C VAL B 15 3.43 5.83 4.00
N ASP B 16 3.12 7.09 3.63
CA ASP B 16 3.94 8.26 3.96
C ASP B 16 4.07 8.49 5.48
N SER B 17 2.99 8.22 6.22
CA SER B 17 3.01 8.19 7.69
C SER B 17 4.02 7.18 8.25
N LEU B 18 4.23 6.02 7.59
CA LEU B 18 5.27 5.07 8.00
C LEU B 18 6.67 5.54 7.58
N LEU B 19 6.81 6.22 6.43
CA LEU B 19 8.08 6.88 6.06
C LEU B 19 8.53 7.90 7.14
N GLU B 20 7.59 8.62 7.75
CA GLU B 20 7.86 9.48 8.91
C GLU B 20 8.19 8.67 10.18
N ASN B 21 7.40 7.63 10.50
CA ASN B 21 7.63 6.79 11.68
C ASN B 21 8.98 6.04 11.65
N LEU B 22 9.46 5.64 10.46
CA LEU B 22 10.77 5.03 10.23
C LEU B 22 11.95 5.96 10.57
N GLU B 23 11.73 7.28 10.60
CA GLU B 23 12.73 8.27 11.05
C GLU B 23 12.79 8.39 12.60
N LYS B 24 11.91 7.66 13.33
CA LYS B 24 11.68 7.83 14.78
C LYS B 24 11.86 6.53 15.55
N ILE B 25 11.12 5.48 15.16
CA ILE B 25 11.13 4.07 15.61
C ILE B 25 11.19 3.83 17.14
N GLU B 26 12.27 4.23 17.80
CA GLU B 26 12.49 4.13 19.25
C GLU B 26 11.83 5.30 20.04
N LYS B 27 11.31 6.31 19.32
CA LYS B 27 10.78 7.58 19.85
C LYS B 27 9.32 7.78 19.44
N GLU B 28 8.44 6.94 19.99
CA GLU B 28 6.98 6.92 19.76
C GLU B 28 6.16 6.57 21.02
N ILE C 1 16.14 1.94 8.64
CA ILE C 1 15.31 2.86 7.81
C ILE C 1 15.46 2.63 6.30
N GLN C 2 16.62 2.91 5.69
CA GLN C 2 16.76 3.19 4.25
C GLN C 2 16.09 2.15 3.31
N ALA C 3 16.29 0.85 3.55
CA ALA C 3 15.69 -0.21 2.74
C ALA C 3 14.14 -0.21 2.81
N ILE C 4 13.57 -0.08 4.01
CA ILE C 4 12.12 -0.06 4.21
C ILE C 4 11.52 1.23 3.66
N LYS C 5 12.23 2.37 3.83
CA LYS C 5 11.88 3.66 3.22
C LYS C 5 11.83 3.57 1.70
N LYS C 6 12.77 2.87 1.05
CA LYS C 6 12.75 2.66 -0.41
C LYS C 6 11.60 1.75 -0.86
N GLU C 7 11.36 0.65 -0.16
CA GLU C 7 10.23 -0.25 -0.44
C GLU C 7 8.87 0.45 -0.29
N LEU C 8 8.64 1.22 0.78
CA LEU C 8 7.42 2.03 0.93
C LEU C 8 7.32 3.21 -0.05
N THR C 9 8.43 3.82 -0.46
CA THR C 9 8.45 4.74 -1.62
C THR C 9 7.97 4.02 -2.90
N GLN C 10 8.38 2.77 -3.14
CA GLN C 10 7.86 1.97 -4.25
C GLN C 10 6.38 1.61 -4.09
N ILE C 11 5.87 1.36 -2.87
CA ILE C 11 4.41 1.22 -2.64
C ILE C 11 3.67 2.50 -3.03
N LYS C 12 4.11 3.68 -2.60
CA LYS C 12 3.54 4.97 -3.05
C LYS C 12 3.54 5.10 -4.57
N GLN C 13 4.61 4.68 -5.24
CA GLN C 13 4.72 4.72 -6.71
C GLN C 13 3.79 3.73 -7.42
N LYS C 14 3.61 2.50 -6.90
CA LYS C 14 2.63 1.55 -7.47
C LYS C 14 1.19 1.99 -7.21
N VAL C 15 0.90 2.51 -6.02
CA VAL C 15 -0.42 3.09 -5.70
C VAL C 15 -0.70 4.35 -6.56
N ASP C 16 0.30 5.18 -6.84
CA ASP C 16 0.22 6.31 -7.79
C ASP C 16 0.00 5.87 -9.24
N SER C 17 0.66 4.79 -9.66
CA SER C 17 0.41 4.15 -10.96
C SER C 17 -1.06 3.74 -11.12
N LEU C 18 -1.68 3.18 -10.06
CA LEU C 18 -3.12 2.90 -10.05
C LEU C 18 -4.00 4.15 -10.14
N LEU C 19 -3.60 5.30 -9.58
CA LEU C 19 -4.33 6.57 -9.77
C LEU C 19 -4.45 6.95 -11.26
N GLU C 20 -3.38 6.73 -12.04
CA GLU C 20 -3.37 6.93 -13.50
C GLU C 20 -4.20 5.85 -14.23
N ASN C 21 -4.00 4.57 -13.90
CA ASN C 21 -4.60 3.44 -14.59
C ASN C 21 -6.14 3.41 -14.49
N LEU C 22 -6.73 3.93 -13.40
CA LEU C 22 -8.19 4.08 -13.24
C LEU C 22 -8.83 5.02 -14.28
N GLU C 23 -8.10 6.02 -14.77
CA GLU C 23 -8.50 6.92 -15.86
C GLU C 23 -8.33 6.29 -17.27
N LYS C 24 -8.02 4.99 -17.34
CA LYS C 24 -8.00 4.15 -18.55
C LYS C 24 -6.97 4.63 -19.60
N ILE C 25 -5.84 5.13 -19.12
CA ILE C 25 -4.76 5.78 -19.85
C ILE C 25 -3.46 5.29 -19.19
N GLU C 26 -2.49 4.94 -20.04
CA GLU C 26 -1.19 4.34 -19.68
C GLU C 26 -1.28 3.05 -18.82
N LYS C 27 -2.41 2.35 -18.93
CA LYS C 27 -2.81 1.12 -18.20
C LYS C 27 -2.02 -0.16 -18.52
N GLU C 28 -0.75 -0.04 -18.91
CA GLU C 28 0.15 -1.11 -19.40
C GLU C 28 1.52 -1.12 -18.70
N ILE D 1 -12.71 -4.44 -12.78
CA ILE D 1 -12.11 -5.10 -11.59
C ILE D 1 -10.74 -5.73 -11.87
N GLN D 2 -10.62 -6.76 -12.71
CA GLN D 2 -9.51 -7.73 -12.72
C GLN D 2 -8.09 -7.11 -12.70
N ALA D 3 -7.82 -6.11 -13.54
CA ALA D 3 -6.53 -5.42 -13.59
C ALA D 3 -6.19 -4.69 -12.27
N ILE D 4 -7.17 -3.95 -11.70
CA ILE D 4 -7.00 -3.24 -10.43
C ILE D 4 -6.88 -4.23 -9.27
N LYS D 5 -7.64 -5.35 -9.29
CA LYS D 5 -7.52 -6.43 -8.32
C LYS D 5 -6.13 -7.05 -8.33
N LYS D 6 -5.54 -7.29 -9.51
CA LYS D 6 -4.15 -7.79 -9.67
C LYS D 6 -3.13 -6.79 -9.10
N GLU D 7 -3.26 -5.51 -9.41
CA GLU D 7 -2.37 -4.46 -8.91
C GLU D 7 -2.48 -4.23 -7.38
N LEU D 8 -3.69 -4.16 -6.81
CA LEU D 8 -3.91 -4.12 -5.35
C LEU D 8 -3.41 -5.40 -4.64
N THR D 9 -3.62 -6.59 -5.23
CA THR D 9 -3.01 -7.84 -4.73
C THR D 9 -1.48 -7.75 -4.67
N GLN D 10 -0.84 -7.14 -5.66
CA GLN D 10 0.60 -6.86 -5.64
C GLN D 10 1.01 -5.89 -4.53
N ILE D 11 0.18 -4.92 -4.15
CA ILE D 11 0.41 -4.09 -2.95
C ILE D 11 0.39 -4.95 -1.69
N LYS D 12 -0.64 -5.79 -1.48
CA LYS D 12 -0.71 -6.73 -0.35
C LYS D 12 0.53 -7.64 -0.28
N GLN D 13 0.97 -8.15 -1.43
CA GLN D 13 2.14 -9.04 -1.55
C GLN D 13 3.46 -8.31 -1.27
N LYS D 14 3.65 -7.08 -1.75
CA LYS D 14 4.86 -6.30 -1.46
C LYS D 14 4.89 -5.76 -0.02
N VAL D 15 3.74 -5.38 0.54
CA VAL D 15 3.60 -5.09 1.97
C VAL D 15 3.87 -6.33 2.84
N ASP D 16 3.47 -7.54 2.41
CA ASP D 16 3.80 -8.80 3.10
C ASP D 16 5.29 -9.18 2.98
N SER D 17 5.90 -8.92 1.83
CA SER D 17 7.35 -9.03 1.64
C SER D 17 8.12 -8.11 2.59
N LEU D 18 7.61 -6.89 2.83
CA LEU D 18 8.13 -6.01 3.89
C LEU D 18 7.94 -6.56 5.31
N LEU D 19 6.80 -7.20 5.63
CA LEU D 19 6.61 -7.86 6.93
C LEU D 19 7.67 -8.94 7.20
N GLU D 20 8.04 -9.74 6.18
CA GLU D 20 9.16 -10.68 6.25
C GLU D 20 10.50 -9.95 6.46
N ASN D 21 10.73 -8.86 5.74
CA ASN D 21 11.96 -8.06 5.83
C ASN D 21 12.16 -7.37 7.20
N LEU D 22 11.10 -6.95 7.89
CA LEU D 22 11.19 -6.35 9.23
C LEU D 22 11.81 -7.31 10.27
N GLU D 23 11.56 -8.62 10.17
CA GLU D 23 12.12 -9.62 11.10
C GLU D 23 13.66 -9.64 11.10
N LYS D 24 14.31 -9.32 9.97
CA LYS D 24 15.77 -9.21 9.85
C LYS D 24 16.37 -8.06 10.68
N ILE D 25 15.58 -7.02 10.98
CA ILE D 25 15.97 -5.94 11.89
C ILE D 25 16.13 -6.47 13.32
N GLU D 26 15.24 -7.39 13.75
CA GLU D 26 15.28 -8.03 15.06
C GLU D 26 16.32 -9.15 15.12
N LYS D 27 16.35 -10.03 14.11
CA LYS D 27 17.28 -11.16 13.95
C LYS D 27 17.42 -11.60 12.48
N GLU D 28 18.51 -11.18 11.83
CA GLU D 28 18.90 -11.59 10.46
C GLU D 28 19.15 -13.10 10.33
N ILE A 1 10.45 -2.57 15.08
CA ILE A 1 9.55 -3.43 14.27
C ILE A 1 8.06 -3.28 14.60
N GLN A 2 7.62 -3.59 15.84
CA GLN A 2 6.21 -3.91 16.13
C GLN A 2 5.15 -2.91 15.60
N ALA A 3 5.42 -1.59 15.66
CA ALA A 3 4.50 -0.57 15.14
C ALA A 3 4.34 -0.64 13.61
N ILE A 4 5.46 -0.63 12.86
CA ILE A 4 5.47 -0.77 11.41
C ILE A 4 4.90 -2.13 10.99
N LYS A 5 5.17 -3.20 11.74
CA LYS A 5 4.56 -4.53 11.53
C LYS A 5 3.02 -4.48 11.64
N LYS A 6 2.47 -3.77 12.63
CA LYS A 6 1.01 -3.60 12.77
C LYS A 6 0.43 -2.77 11.63
N GLU A 7 1.12 -1.71 11.22
CA GLU A 7 0.62 -0.75 10.24
C GLU A 7 0.81 -1.18 8.77
N LEU A 8 1.83 -1.99 8.44
CA LEU A 8 1.88 -2.74 7.18
C LEU A 8 0.64 -3.65 7.04
N THR A 9 0.26 -4.37 8.10
CA THR A 9 -0.99 -5.15 8.11
C THR A 9 -2.24 -4.26 7.96
N GLN A 10 -2.26 -3.04 8.50
CA GLN A 10 -3.32 -2.07 8.18
C GLN A 10 -3.35 -1.68 6.69
N ILE A 11 -2.20 -1.50 6.04
CA ILE A 11 -2.14 -1.31 4.58
C ILE A 11 -2.72 -2.52 3.84
N LYS A 12 -2.35 -3.77 4.18
CA LYS A 12 -2.94 -4.97 3.59
C LYS A 12 -4.47 -5.00 3.75
N GLN A 13 -4.98 -4.70 4.94
CA GLN A 13 -6.42 -4.69 5.24
C GLN A 13 -7.17 -3.59 4.47
N LYS A 14 -6.59 -2.38 4.39
CA LYS A 14 -7.22 -1.26 3.66
C LYS A 14 -7.16 -1.47 2.14
N VAL A 15 -6.07 -2.05 1.61
CA VAL A 15 -5.99 -2.53 0.22
C VAL A 15 -7.02 -3.65 -0.06
N ASP A 16 -7.19 -4.62 0.84
CA ASP A 16 -8.19 -5.69 0.72
C ASP A 16 -9.63 -5.16 0.71
N SER A 17 -9.89 -4.10 1.47
CA SER A 17 -11.16 -3.37 1.44
C SER A 17 -11.50 -2.82 0.04
N LEU A 18 -10.49 -2.43 -0.75
CA LEU A 18 -10.71 -1.97 -2.13
C LEU A 18 -10.98 -3.14 -3.09
N LEU A 19 -10.38 -4.32 -2.86
CA LEU A 19 -10.77 -5.55 -3.57
C LEU A 19 -12.26 -5.87 -3.35
N GLU A 20 -12.74 -5.79 -2.11
CA GLU A 20 -14.15 -6.03 -1.76
C GLU A 20 -15.10 -4.98 -2.36
N ASN A 21 -14.69 -3.71 -2.37
CA ASN A 21 -15.44 -2.61 -3.01
C ASN A 21 -15.50 -2.76 -4.55
N LEU A 22 -14.40 -3.12 -5.20
CA LEU A 22 -14.33 -3.32 -6.66
C LEU A 22 -15.29 -4.42 -7.17
N GLU A 23 -15.60 -5.43 -6.36
CA GLU A 23 -16.62 -6.44 -6.70
C GLU A 23 -18.04 -5.86 -6.77
N LYS A 24 -18.34 -4.76 -6.06
CA LYS A 24 -19.63 -4.05 -6.16
C LYS A 24 -19.70 -3.16 -7.40
N ILE A 25 -18.56 -2.63 -7.85
CA ILE A 25 -18.37 -1.77 -9.06
C ILE A 25 -18.98 -0.36 -8.86
N GLU A 26 -19.70 -0.12 -7.76
CA GLU A 26 -20.65 0.98 -7.61
C GLU A 26 -20.63 1.60 -6.18
N LYS A 27 -19.45 1.61 -5.54
CA LYS A 27 -19.16 2.24 -4.24
C LYS A 27 -19.94 1.60 -3.08
N GLU A 28 -19.39 0.49 -2.56
CA GLU A 28 -19.88 -0.33 -1.43
C GLU A 28 -20.24 0.48 -0.17
N ILE B 1 -14.36 5.17 -10.53
CA ILE B 1 -13.06 5.78 -10.12
C ILE B 1 -13.09 6.43 -8.73
N GLN B 2 -13.87 7.49 -8.50
CA GLN B 2 -13.64 8.47 -7.42
C GLN B 2 -13.42 7.88 -6.00
N ALA B 3 -14.14 6.82 -5.63
CA ALA B 3 -13.97 6.17 -4.33
C ALA B 3 -12.60 5.46 -4.20
N ILE B 4 -12.23 4.64 -5.19
CA ILE B 4 -10.93 3.97 -5.24
C ILE B 4 -9.80 4.99 -5.38
N LYS B 5 -9.99 6.08 -6.14
CA LYS B 5 -9.04 7.20 -6.24
C LYS B 5 -8.79 7.88 -4.89
N LYS B 6 -9.84 8.12 -4.08
CA LYS B 6 -9.69 8.65 -2.72
C LYS B 6 -8.93 7.68 -1.83
N GLU B 7 -9.33 6.41 -1.84
CA GLU B 7 -8.70 5.37 -1.02
C GLU B 7 -7.23 5.09 -1.39
N LEU B 8 -6.86 5.05 -2.67
CA LEU B 8 -5.46 4.97 -3.12
C LEU B 8 -4.64 6.18 -2.65
N THR B 9 -5.20 7.39 -2.73
CA THR B 9 -4.56 8.59 -2.16
C THR B 9 -4.35 8.46 -0.65
N GLN B 10 -5.33 7.89 0.07
CA GLN B 10 -5.20 7.57 1.50
C GLN B 10 -4.16 6.47 1.78
N ILE B 11 -3.99 5.47 0.91
CA ILE B 11 -2.88 4.49 1.04
C ILE B 11 -1.51 5.17 0.90
N LYS B 12 -1.30 6.08 -0.06
CA LYS B 12 -0.06 6.86 -0.14
C LYS B 12 0.21 7.66 1.12
N GLN B 13 -0.81 8.30 1.69
CA GLN B 13 -0.75 9.09 2.91
C GLN B 13 -0.43 8.24 4.14
N LYS B 14 -1.02 7.04 4.24
CA LYS B 14 -0.75 6.09 5.34
C LYS B 14 0.64 5.44 5.20
N VAL B 15 1.09 5.13 3.98
CA VAL B 15 2.49 4.77 3.72
C VAL B 15 3.48 5.89 4.09
N ASP B 16 3.18 7.15 3.76
CA ASP B 16 3.95 8.32 4.21
C ASP B 16 4.00 8.46 5.75
N SER B 17 2.93 8.06 6.45
CA SER B 17 2.92 8.01 7.92
C SER B 17 3.96 7.02 8.46
N LEU B 18 4.12 5.83 7.85
CA LEU B 18 5.16 4.87 8.28
C LEU B 18 6.56 5.40 7.95
N LEU B 19 6.75 6.02 6.77
CA LEU B 19 7.99 6.68 6.38
C LEU B 19 8.43 7.76 7.40
N GLU B 20 7.49 8.55 7.92
CA GLU B 20 7.75 9.54 8.97
C GLU B 20 8.11 8.88 10.32
N ASN B 21 7.38 7.86 10.74
CA ASN B 21 7.62 7.14 12.00
C ASN B 21 8.95 6.37 12.00
N LEU B 22 9.36 5.76 10.87
CA LEU B 22 10.65 5.08 10.70
C LEU B 22 11.84 6.02 10.95
N GLU B 23 11.74 7.28 10.53
CA GLU B 23 12.74 8.33 10.73
C GLU B 23 13.07 8.62 12.22
N LYS B 24 12.16 8.32 13.16
CA LYS B 24 12.43 8.42 14.60
C LYS B 24 13.32 7.30 15.13
N ILE B 25 13.26 6.11 14.53
CA ILE B 25 14.01 4.87 14.85
C ILE B 25 13.68 4.26 16.24
N GLU B 26 13.49 5.07 17.28
CA GLU B 26 13.38 4.66 18.69
C GLU B 26 11.98 4.91 19.30
N LYS B 27 10.98 5.20 18.46
CA LYS B 27 9.59 5.48 18.83
C LYS B 27 8.62 4.81 17.85
N GLU B 28 7.53 4.25 18.40
CA GLU B 28 6.41 3.64 17.67
C GLU B 28 5.68 4.61 16.74
N ILE C 1 15.48 1.14 8.99
CA ILE C 1 14.97 2.32 8.22
C ILE C 1 15.27 2.22 6.72
N GLN C 2 16.52 2.40 6.25
CA GLN C 2 16.82 2.81 4.87
C GLN C 2 16.23 1.90 3.77
N ALA C 3 16.32 0.57 3.91
CA ALA C 3 15.73 -0.38 2.96
C ALA C 3 14.18 -0.28 2.92
N ILE C 4 13.55 -0.11 4.08
CA ILE C 4 12.09 0.03 4.20
C ILE C 4 11.63 1.36 3.59
N LYS C 5 12.42 2.43 3.79
CA LYS C 5 12.19 3.75 3.20
C LYS C 5 12.07 3.68 1.66
N LYS C 6 12.90 2.84 1.04
CA LYS C 6 12.86 2.57 -0.40
C LYS C 6 11.65 1.71 -0.78
N GLU C 7 11.41 0.61 -0.07
CA GLU C 7 10.29 -0.30 -0.36
C GLU C 7 8.91 0.35 -0.20
N LEU C 8 8.67 1.17 0.84
CA LEU C 8 7.45 1.95 0.98
C LEU C 8 7.29 3.02 -0.12
N THR C 9 8.39 3.64 -0.57
CA THR C 9 8.36 4.53 -1.75
C THR C 9 7.89 3.79 -3.02
N GLN C 10 8.28 2.52 -3.20
CA GLN C 10 7.75 1.68 -4.29
C GLN C 10 6.24 1.39 -4.13
N ILE C 11 5.72 1.25 -2.91
CA ILE C 11 4.27 1.13 -2.68
C ILE C 11 3.52 2.39 -3.13
N LYS C 12 4.00 3.59 -2.78
CA LYS C 12 3.42 4.85 -3.26
C LYS C 12 3.41 4.94 -4.79
N GLN C 13 4.51 4.54 -5.43
CA GLN C 13 4.69 4.53 -6.87
C GLN C 13 3.74 3.53 -7.56
N LYS C 14 3.56 2.32 -7.00
CA LYS C 14 2.64 1.32 -7.55
C LYS C 14 1.17 1.70 -7.32
N VAL C 15 0.86 2.32 -6.19
CA VAL C 15 -0.44 2.99 -5.95
C VAL C 15 -0.69 4.18 -6.90
N ASP C 16 0.35 4.93 -7.30
CA ASP C 16 0.24 5.97 -8.35
C ASP C 16 -0.02 5.38 -9.76
N SER C 17 0.58 4.24 -10.11
CA SER C 17 0.27 3.52 -11.35
C SER C 17 -1.20 3.06 -11.37
N LEU C 18 -1.73 2.59 -10.24
CA LEU C 18 -3.15 2.30 -10.06
C LEU C 18 -4.05 3.54 -10.27
N LEU C 19 -3.69 4.68 -9.66
CA LEU C 19 -4.39 5.95 -9.87
C LEU C 19 -4.45 6.36 -11.35
N GLU C 20 -3.33 6.26 -12.07
CA GLU C 20 -3.26 6.56 -13.50
C GLU C 20 -4.14 5.63 -14.35
N ASN C 21 -4.10 4.33 -14.07
CA ASN C 21 -4.89 3.32 -14.78
C ASN C 21 -6.42 3.49 -14.61
N LEU C 22 -6.89 3.98 -13.45
CA LEU C 22 -8.31 4.24 -13.22
C LEU C 22 -8.87 5.39 -14.08
N GLU C 23 -8.07 6.43 -14.36
CA GLU C 23 -8.50 7.58 -15.19
C GLU C 23 -8.76 7.22 -16.66
N LYS C 24 -8.15 6.13 -17.16
CA LYS C 24 -8.35 5.61 -18.53
C LYS C 24 -9.72 4.96 -18.70
N ILE C 25 -10.16 4.29 -17.62
CA ILE C 25 -11.45 3.60 -17.42
C ILE C 25 -11.52 2.31 -18.24
N GLU C 26 -11.68 1.20 -17.52
CA GLU C 26 -11.57 -0.20 -17.95
C GLU C 26 -10.22 -0.64 -18.55
N LYS C 27 -9.64 0.12 -19.50
CA LYS C 27 -8.43 -0.21 -20.26
C LYS C 27 -7.91 0.97 -21.12
N GLU C 28 -6.91 0.68 -21.97
CA GLU C 28 -6.16 1.60 -22.87
C GLU C 28 -5.91 3.03 -22.32
N ILE D 1 -12.68 -4.36 -13.01
CA ILE D 1 -12.07 -4.98 -11.79
C ILE D 1 -10.68 -5.57 -12.03
N GLN D 2 -10.53 -6.61 -12.86
CA GLN D 2 -9.40 -7.55 -12.81
C GLN D 2 -7.99 -6.92 -12.76
N ALA D 3 -7.69 -5.94 -13.63
CA ALA D 3 -6.38 -5.26 -13.64
C ALA D 3 -6.09 -4.48 -12.34
N ILE D 4 -7.12 -3.80 -11.80
CA ILE D 4 -7.04 -3.04 -10.54
C ILE D 4 -6.84 -4.01 -9.37
N LYS D 5 -7.62 -5.12 -9.39
CA LYS D 5 -7.54 -6.22 -8.42
C LYS D 5 -6.17 -6.90 -8.40
N LYS D 6 -5.56 -7.16 -9.56
CA LYS D 6 -4.21 -7.73 -9.67
C LYS D 6 -3.17 -6.83 -9.01
N GLU D 7 -3.18 -5.54 -9.33
CA GLU D 7 -2.22 -4.58 -8.74
C GLU D 7 -2.44 -4.35 -7.24
N LEU D 8 -3.69 -4.23 -6.74
CA LEU D 8 -3.98 -4.21 -5.31
C LEU D 8 -3.49 -5.51 -4.61
N THR D 9 -3.68 -6.68 -5.23
CA THR D 9 -3.09 -7.94 -4.73
C THR D 9 -1.56 -7.87 -4.68
N GLN D 10 -0.91 -7.24 -5.68
CA GLN D 10 0.54 -7.01 -5.64
C GLN D 10 0.95 -6.04 -4.51
N ILE D 11 0.13 -5.06 -4.14
CA ILE D 11 0.39 -4.23 -2.94
C ILE D 11 0.39 -5.08 -1.67
N LYS D 12 -0.62 -5.93 -1.45
CA LYS D 12 -0.63 -6.86 -0.30
C LYS D 12 0.61 -7.77 -0.27
N GLN D 13 1.00 -8.30 -1.43
CA GLN D 13 2.16 -9.19 -1.57
C GLN D 13 3.49 -8.45 -1.33
N LYS D 14 3.66 -7.21 -1.84
CA LYS D 14 4.89 -6.45 -1.61
C LYS D 14 4.95 -5.92 -0.17
N VAL D 15 3.81 -5.52 0.42
CA VAL D 15 3.71 -5.23 1.86
C VAL D 15 4.00 -6.48 2.75
N ASP D 16 3.63 -7.70 2.34
CA ASP D 16 4.05 -8.95 3.00
C ASP D 16 5.56 -9.23 2.86
N SER D 17 6.16 -8.95 1.71
CA SER D 17 7.62 -9.01 1.54
C SER D 17 8.33 -8.02 2.47
N LEU D 18 7.75 -6.83 2.66
CA LEU D 18 8.18 -5.83 3.64
C LEU D 18 8.12 -6.34 5.09
N LEU D 19 7.03 -7.01 5.48
CA LEU D 19 6.90 -7.65 6.80
C LEU D 19 8.00 -8.68 7.07
N GLU D 20 8.35 -9.51 6.08
CA GLU D 20 9.45 -10.46 6.19
C GLU D 20 10.81 -9.75 6.38
N ASN D 21 11.02 -8.63 5.68
CA ASN D 21 12.22 -7.80 5.80
C ASN D 21 12.35 -7.11 7.17
N LEU D 22 11.26 -6.67 7.82
CA LEU D 22 11.33 -6.04 9.15
C LEU D 22 12.02 -6.93 10.20
N GLU D 23 11.71 -8.23 10.21
CA GLU D 23 12.28 -9.22 11.14
C GLU D 23 13.80 -9.40 11.04
N LYS D 24 14.45 -8.83 10.02
CA LYS D 24 15.89 -8.93 9.75
C LYS D 24 16.55 -7.58 9.37
N ILE D 25 15.85 -6.46 9.54
CA ILE D 25 16.34 -5.09 9.30
C ILE D 25 15.92 -4.10 10.42
N GLU D 26 14.77 -4.31 11.06
CA GLU D 26 14.07 -3.29 11.88
C GLU D 26 13.91 -3.70 13.36
N LYS D 27 14.72 -4.67 13.82
CA LYS D 27 14.96 -4.97 15.24
C LYS D 27 15.91 -3.95 15.89
N GLU D 28 16.08 -4.05 17.21
CA GLU D 28 17.07 -3.29 18.00
C GLU D 28 18.53 -3.48 17.56
N ILE A 1 10.04 -2.94 15.26
CA ILE A 1 9.07 -3.67 14.39
C ILE A 1 7.60 -3.34 14.67
N GLN A 2 7.07 -3.53 15.88
CA GLN A 2 5.62 -3.65 16.15
C GLN A 2 4.73 -2.55 15.53
N ALA A 3 5.13 -1.28 15.58
CA ALA A 3 4.38 -0.18 14.97
C ALA A 3 4.29 -0.30 13.44
N ILE A 4 5.42 -0.46 12.75
CA ILE A 4 5.48 -0.65 11.30
C ILE A 4 4.77 -1.95 10.90
N LYS A 5 4.88 -3.02 11.69
CA LYS A 5 4.15 -4.27 11.47
C LYS A 5 2.64 -4.08 11.54
N LYS A 6 2.13 -3.36 12.55
CA LYS A 6 0.71 -3.05 12.70
C LYS A 6 0.19 -2.28 11.49
N GLU A 7 0.92 -1.23 11.10
CA GLU A 7 0.60 -0.39 9.96
C GLU A 7 0.72 -1.08 8.59
N LEU A 8 1.72 -1.93 8.34
CA LEU A 8 1.77 -2.78 7.14
C LEU A 8 0.55 -3.72 7.07
N THR A 9 0.15 -4.34 8.20
CA THR A 9 -1.12 -5.09 8.27
C THR A 9 -2.33 -4.19 7.96
N GLN A 10 -2.35 -2.92 8.39
CA GLN A 10 -3.40 -1.98 7.98
C GLN A 10 -3.38 -1.70 6.47
N ILE A 11 -2.21 -1.58 5.83
CA ILE A 11 -2.14 -1.41 4.37
C ILE A 11 -2.67 -2.65 3.64
N LYS A 12 -2.30 -3.88 4.05
CA LYS A 12 -2.89 -5.11 3.50
C LYS A 12 -4.41 -5.13 3.64
N GLN A 13 -4.94 -4.79 4.81
CA GLN A 13 -6.34 -4.81 5.16
C GLN A 13 -7.13 -3.72 4.39
N LYS A 14 -6.60 -2.50 4.30
CA LYS A 14 -7.24 -1.41 3.56
C LYS A 14 -7.18 -1.65 2.05
N VAL A 15 -6.08 -2.19 1.51
CA VAL A 15 -6.02 -2.65 0.11
C VAL A 15 -7.00 -3.80 -0.17
N ASP A 16 -7.19 -4.74 0.77
CA ASP A 16 -8.20 -5.81 0.67
C ASP A 16 -9.64 -5.27 0.66
N SER A 17 -9.90 -4.20 1.39
CA SER A 17 -11.17 -3.46 1.33
C SER A 17 -11.46 -2.94 -0.09
N LEU A 18 -10.44 -2.50 -0.84
CA LEU A 18 -10.59 -2.08 -2.24
C LEU A 18 -10.79 -3.28 -3.18
N LEU A 19 -10.14 -4.42 -2.93
CA LEU A 19 -10.43 -5.69 -3.62
C LEU A 19 -11.91 -6.11 -3.46
N GLU A 20 -12.46 -5.97 -2.26
CA GLU A 20 -13.89 -6.24 -2.00
C GLU A 20 -14.82 -5.27 -2.74
N ASN A 21 -14.50 -3.97 -2.73
CA ASN A 21 -15.28 -2.94 -3.43
C ASN A 21 -15.30 -3.10 -4.97
N LEU A 22 -14.21 -3.56 -5.59
CA LEU A 22 -14.14 -3.78 -7.05
C LEU A 22 -15.18 -4.78 -7.58
N GLU A 23 -15.67 -5.70 -6.75
CA GLU A 23 -16.74 -6.65 -7.09
C GLU A 23 -18.12 -6.00 -7.30
N LYS A 24 -18.28 -4.70 -6.98
CA LYS A 24 -19.55 -3.95 -7.16
C LYS A 24 -19.36 -2.53 -7.71
N ILE A 25 -18.48 -1.71 -7.11
CA ILE A 25 -18.18 -0.29 -7.39
C ILE A 25 -19.37 0.69 -7.30
N GLU A 26 -20.51 0.39 -7.92
CA GLU A 26 -21.69 1.27 -8.05
C GLU A 26 -22.41 1.61 -6.73
N LYS A 27 -22.17 0.82 -5.66
CA LYS A 27 -22.78 0.97 -4.33
C LYS A 27 -21.89 0.33 -3.25
N GLU A 28 -22.13 0.66 -1.98
CA GLU A 28 -21.41 0.17 -0.79
C GLU A 28 -22.35 -0.01 0.41
N ILE B 1 -14.48 5.11 -10.30
CA ILE B 1 -13.20 5.78 -9.93
C ILE B 1 -13.23 6.39 -8.53
N GLN B 2 -14.04 7.44 -8.27
CA GLN B 2 -13.85 8.39 -7.16
C GLN B 2 -13.56 7.76 -5.80
N ALA B 3 -14.30 6.72 -5.40
CA ALA B 3 -14.10 5.99 -4.14
C ALA B 3 -12.73 5.29 -4.07
N ILE B 4 -12.37 4.47 -5.06
CA ILE B 4 -11.09 3.73 -5.08
C ILE B 4 -9.91 4.70 -5.20
N LYS B 5 -10.07 5.78 -5.99
CA LYS B 5 -9.10 6.88 -6.11
C LYS B 5 -8.84 7.52 -4.74
N LYS B 6 -9.90 7.85 -4.00
CA LYS B 6 -9.80 8.48 -2.67
C LYS B 6 -9.13 7.56 -1.65
N GLU B 7 -9.41 6.27 -1.70
CA GLU B 7 -8.77 5.28 -0.84
C GLU B 7 -7.29 5.05 -1.18
N LEU B 8 -6.93 4.92 -2.46
CA LEU B 8 -5.52 4.87 -2.88
C LEU B 8 -4.75 6.15 -2.47
N THR B 9 -5.35 7.33 -2.58
CA THR B 9 -4.80 8.57 -2.01
C THR B 9 -4.51 8.44 -0.51
N GLN B 10 -5.41 7.85 0.30
CA GLN B 10 -5.12 7.62 1.72
C GLN B 10 -4.03 6.55 1.93
N ILE B 11 -3.89 5.53 1.08
CA ILE B 11 -2.78 4.56 1.16
C ILE B 11 -1.43 5.24 0.95
N LYS B 12 -1.26 6.10 -0.06
CA LYS B 12 -0.02 6.88 -0.25
C LYS B 12 0.34 7.67 1.00
N GLN B 13 -0.65 8.33 1.61
CA GLN B 13 -0.45 9.16 2.80
C GLN B 13 -0.14 8.32 4.03
N LYS B 14 -0.84 7.19 4.24
CA LYS B 14 -0.57 6.28 5.37
C LYS B 14 0.80 5.62 5.24
N VAL B 15 1.19 5.20 4.03
CA VAL B 15 2.56 4.74 3.74
C VAL B 15 3.62 5.83 3.96
N ASP B 16 3.34 7.09 3.58
CA ASP B 16 4.24 8.22 3.81
C ASP B 16 4.51 8.48 5.31
N SER B 17 3.48 8.38 6.16
CA SER B 17 3.62 8.46 7.61
C SER B 17 4.57 7.41 8.18
N LEU B 18 4.65 6.20 7.59
CA LEU B 18 5.60 5.17 8.02
C LEU B 18 7.06 5.55 7.74
N LEU B 19 7.33 6.36 6.70
CA LEU B 19 8.66 6.91 6.43
C LEU B 19 9.13 7.84 7.55
N GLU B 20 8.30 8.79 7.98
CA GLU B 20 8.65 9.74 9.06
C GLU B 20 8.69 9.09 10.44
N ASN B 21 7.90 8.03 10.64
CA ASN B 21 8.00 7.10 11.76
C ASN B 21 9.32 6.31 11.76
N LEU B 22 9.80 5.81 10.62
CA LEU B 22 11.12 5.17 10.48
C LEU B 22 12.27 6.17 10.75
N GLU B 23 12.13 7.43 10.35
CA GLU B 23 13.01 8.54 10.74
C GLU B 23 12.87 8.95 12.23
N LYS B 24 11.99 8.29 13.00
CA LYS B 24 11.74 8.49 14.44
C LYS B 24 11.20 9.89 14.81
N ILE B 25 10.62 10.60 13.85
CA ILE B 25 10.32 12.05 13.93
C ILE B 25 8.83 12.34 14.19
N GLU B 26 7.91 11.44 13.82
CA GLU B 26 6.52 11.46 14.32
C GLU B 26 6.16 10.27 15.25
N LYS B 27 6.93 9.17 15.16
CA LYS B 27 6.82 7.94 15.97
C LYS B 27 5.38 7.44 16.22
N GLU B 28 4.54 7.49 15.17
CA GLU B 28 3.12 7.08 15.16
C GLU B 28 2.74 6.29 13.88
N ILE C 1 16.78 1.75 8.14
CA ILE C 1 15.72 2.55 7.46
C ILE C 1 15.71 2.38 5.93
N GLN C 2 16.82 2.67 5.22
CA GLN C 2 16.83 2.91 3.76
C GLN C 2 16.11 1.84 2.92
N ALA C 3 16.33 0.55 3.17
CA ALA C 3 15.66 -0.54 2.44
C ALA C 3 14.14 -0.55 2.65
N ILE C 4 13.69 -0.37 3.90
CA ILE C 4 12.26 -0.31 4.26
C ILE C 4 11.61 0.91 3.61
N LYS C 5 12.32 2.04 3.69
CA LYS C 5 11.93 3.32 3.08
C LYS C 5 11.77 3.21 1.56
N LYS C 6 12.67 2.51 0.88
CA LYS C 6 12.63 2.30 -0.58
C LYS C 6 11.42 1.46 -0.98
N GLU C 7 11.12 0.38 -0.26
CA GLU C 7 9.93 -0.44 -0.53
C GLU C 7 8.61 0.27 -0.18
N LEU C 8 8.52 1.03 0.91
CA LEU C 8 7.38 1.91 1.18
C LEU C 8 7.20 2.97 0.07
N THR C 9 8.29 3.60 -0.39
CA THR C 9 8.28 4.46 -1.60
C THR C 9 7.76 3.73 -2.84
N GLN C 10 8.12 2.45 -3.07
CA GLN C 10 7.55 1.65 -4.15
C GLN C 10 6.03 1.46 -3.99
N ILE C 11 5.52 1.27 -2.77
CA ILE C 11 4.08 1.21 -2.53
C ILE C 11 3.39 2.51 -2.94
N LYS C 12 3.91 3.69 -2.53
CA LYS C 12 3.38 4.98 -2.99
C LYS C 12 3.37 5.09 -4.52
N GLN C 13 4.45 4.67 -5.18
CA GLN C 13 4.59 4.73 -6.65
C GLN C 13 3.61 3.79 -7.36
N LYS C 14 3.44 2.56 -6.88
CA LYS C 14 2.52 1.58 -7.48
C LYS C 14 1.05 1.91 -7.18
N VAL C 15 0.75 2.45 -5.99
CA VAL C 15 -0.57 3.03 -5.65
C VAL C 15 -0.87 4.28 -6.51
N ASP C 16 0.11 5.14 -6.79
CA ASP C 16 -0.04 6.28 -7.71
C ASP C 16 -0.28 5.85 -9.16
N SER C 17 0.45 4.83 -9.62
CA SER C 17 0.22 4.20 -10.93
C SER C 17 -1.21 3.67 -11.08
N LEU C 18 -1.80 3.12 -10.00
CA LEU C 18 -3.21 2.73 -9.97
C LEU C 18 -4.20 3.90 -10.12
N LEU C 19 -3.89 5.11 -9.64
CA LEU C 19 -4.72 6.30 -9.91
C LEU C 19 -4.76 6.60 -11.42
N GLU C 20 -3.61 6.53 -12.09
CA GLU C 20 -3.46 6.75 -13.53
C GLU C 20 -4.15 5.65 -14.38
N ASN C 21 -4.25 4.42 -13.84
CA ASN C 21 -5.02 3.31 -14.38
C ASN C 21 -6.54 3.53 -14.23
N LEU C 22 -7.00 3.99 -13.06
CA LEU C 22 -8.41 4.26 -12.76
C LEU C 22 -8.96 5.45 -13.56
N GLU C 23 -8.14 6.46 -13.85
CA GLU C 23 -8.41 7.53 -14.83
C GLU C 23 -8.45 7.03 -16.29
N LYS C 24 -8.27 5.72 -16.53
CA LYS C 24 -8.41 4.99 -17.80
C LYS C 24 -7.36 5.30 -18.86
N ILE C 25 -6.28 6.01 -18.48
CA ILE C 25 -5.39 6.70 -19.45
C ILE C 25 -3.97 6.11 -19.48
N GLU C 26 -3.49 5.51 -18.39
CA GLU C 26 -2.19 4.80 -18.31
C GLU C 26 -2.35 3.36 -17.77
N LYS C 27 -3.55 2.78 -17.95
CA LYS C 27 -3.83 1.35 -17.76
C LYS C 27 -3.00 0.46 -18.70
N GLU C 28 -2.94 -0.82 -18.35
CA GLU C 28 -2.16 -1.91 -19.01
C GLU C 28 -0.73 -1.49 -19.42
N ILE D 1 -12.49 -4.26 -13.24
CA ILE D 1 -11.92 -5.00 -12.07
C ILE D 1 -10.53 -5.58 -12.34
N GLN D 2 -10.38 -6.58 -13.22
CA GLN D 2 -9.26 -7.53 -13.22
C GLN D 2 -7.86 -6.92 -13.11
N ALA D 3 -7.54 -5.88 -13.90
CA ALA D 3 -6.23 -5.22 -13.86
C ALA D 3 -5.95 -4.53 -12.51
N ILE D 4 -6.94 -3.83 -11.95
CA ILE D 4 -6.82 -3.14 -10.64
C ILE D 4 -6.75 -4.18 -9.51
N LYS D 5 -7.55 -5.25 -9.60
CA LYS D 5 -7.50 -6.40 -8.69
C LYS D 5 -6.11 -7.03 -8.65
N LYS D 6 -5.45 -7.21 -9.80
CA LYS D 6 -4.09 -7.76 -9.87
C LYS D 6 -3.10 -6.84 -9.15
N GLU D 7 -3.14 -5.54 -9.40
CA GLU D 7 -2.25 -4.56 -8.76
C GLU D 7 -2.48 -4.40 -7.26
N LEU D 8 -3.73 -4.34 -6.76
CA LEU D 8 -4.02 -4.38 -5.32
C LEU D 8 -3.47 -5.68 -4.67
N THR D 9 -3.63 -6.83 -5.32
CA THR D 9 -3.04 -8.11 -4.90
C THR D 9 -1.50 -8.09 -4.95
N GLN D 10 -0.86 -7.34 -5.85
CA GLN D 10 0.58 -7.07 -5.77
C GLN D 10 0.94 -6.22 -4.55
N ILE D 11 0.22 -5.12 -4.26
CA ILE D 11 0.51 -4.28 -3.08
C ILE D 11 0.49 -5.10 -1.78
N LYS D 12 -0.53 -5.93 -1.58
CA LYS D 12 -0.60 -6.86 -0.43
C LYS D 12 0.67 -7.71 -0.29
N GLN D 13 1.20 -8.24 -1.40
CA GLN D 13 2.40 -9.07 -1.42
C GLN D 13 3.70 -8.28 -1.20
N LYS D 14 3.84 -7.05 -1.74
CA LYS D 14 5.04 -6.22 -1.46
C LYS D 14 5.02 -5.72 -0.02
N VAL D 15 3.85 -5.35 0.51
CA VAL D 15 3.67 -5.06 1.95
C VAL D 15 3.93 -6.30 2.83
N ASP D 16 3.59 -7.51 2.39
CA ASP D 16 3.95 -8.76 3.09
C ASP D 16 5.46 -9.04 3.10
N SER D 17 6.14 -8.79 1.98
CA SER D 17 7.60 -8.89 1.89
C SER D 17 8.32 -7.93 2.87
N LEU D 18 7.75 -6.75 3.10
CA LEU D 18 8.21 -5.80 4.12
C LEU D 18 8.04 -6.35 5.55
N LEU D 19 6.93 -7.02 5.87
CA LEU D 19 6.75 -7.70 7.16
C LEU D 19 7.85 -8.77 7.42
N GLU D 20 8.16 -9.59 6.41
CA GLU D 20 9.21 -10.62 6.50
C GLU D 20 10.61 -10.03 6.67
N ASN D 21 10.88 -8.88 6.04
CA ASN D 21 12.13 -8.14 6.17
C ASN D 21 12.30 -7.45 7.54
N LEU D 22 11.22 -6.97 8.16
CA LEU D 22 11.25 -6.35 9.50
C LEU D 22 11.58 -7.37 10.60
N GLU D 23 11.12 -8.62 10.46
CA GLU D 23 11.53 -9.77 11.28
C GLU D 23 12.99 -10.22 11.04
N LYS D 24 13.73 -9.52 10.16
CA LYS D 24 15.16 -9.71 9.85
C LYS D 24 15.51 -11.05 9.19
N ILE D 25 14.52 -11.79 8.68
CA ILE D 25 14.72 -13.09 8.03
C ILE D 25 15.21 -12.90 6.58
N GLU D 26 14.76 -11.84 5.91
CA GLU D 26 15.02 -11.53 4.49
C GLU D 26 14.63 -12.66 3.50
N LYS D 27 13.80 -13.61 3.98
CA LYS D 27 13.31 -14.82 3.29
C LYS D 27 14.40 -15.61 2.56
N GLU D 28 15.50 -15.88 3.27
CA GLU D 28 16.72 -16.56 2.78
C GLU D 28 17.17 -17.72 3.69
N ILE A 1 10.10 -3.16 15.15
CA ILE A 1 9.17 -3.88 14.25
C ILE A 1 7.69 -3.57 14.53
N GLN A 2 7.18 -3.78 15.76
CA GLN A 2 5.74 -3.88 16.04
C GLN A 2 4.87 -2.76 15.44
N ALA A 3 5.30 -1.50 15.53
CA ALA A 3 4.58 -0.35 14.94
C ALA A 3 4.46 -0.46 13.41
N ILE A 4 5.58 -0.55 12.69
CA ILE A 4 5.60 -0.63 11.21
C ILE A 4 4.92 -1.92 10.74
N LYS A 5 5.08 -3.05 11.47
CA LYS A 5 4.38 -4.31 11.22
C LYS A 5 2.86 -4.11 11.27
N LYS A 6 2.34 -3.51 12.35
CA LYS A 6 0.90 -3.26 12.55
C LYS A 6 0.35 -2.33 11.46
N GLU A 7 1.09 -1.28 11.14
CA GLU A 7 0.70 -0.30 10.13
C GLU A 7 0.77 -0.86 8.70
N LEU A 8 1.76 -1.68 8.35
CA LEU A 8 1.80 -2.45 7.10
C LEU A 8 0.61 -3.43 7.00
N THR A 9 0.29 -4.19 8.05
CA THR A 9 -0.92 -5.02 8.09
C THR A 9 -2.18 -4.20 7.78
N GLN A 10 -2.30 -2.99 8.34
CA GLN A 10 -3.39 -2.06 8.02
C GLN A 10 -3.37 -1.52 6.57
N ILE A 11 -2.27 -1.62 5.82
CA ILE A 11 -2.22 -1.16 4.42
C ILE A 11 -2.74 -2.28 3.55
N LYS A 12 -2.17 -3.48 3.73
CA LYS A 12 -2.63 -4.72 3.11
C LYS A 12 -4.13 -4.97 3.38
N GLN A 13 -4.63 -4.69 4.59
CA GLN A 13 -6.06 -4.80 4.93
C GLN A 13 -6.93 -3.70 4.29
N LYS A 14 -6.46 -2.44 4.22
CA LYS A 14 -7.20 -1.38 3.49
C LYS A 14 -7.24 -1.65 1.98
N VAL A 15 -6.14 -2.13 1.40
CA VAL A 15 -6.05 -2.60 0.00
C VAL A 15 -6.99 -3.80 -0.26
N ASP A 16 -7.11 -4.74 0.68
CA ASP A 16 -8.10 -5.84 0.62
C ASP A 16 -9.56 -5.35 0.61
N SER A 17 -9.84 -4.29 1.37
CA SER A 17 -11.14 -3.59 1.31
C SER A 17 -11.46 -3.06 -0.10
N LEU A 18 -10.45 -2.60 -0.86
CA LEU A 18 -10.65 -2.14 -2.24
C LEU A 18 -10.88 -3.31 -3.21
N LEU A 19 -10.22 -4.46 -3.00
CA LEU A 19 -10.52 -5.71 -3.71
C LEU A 19 -12.00 -6.12 -3.55
N GLU A 20 -12.53 -6.03 -2.32
CA GLU A 20 -13.94 -6.33 -2.03
C GLU A 20 -14.89 -5.30 -2.67
N ASN A 21 -14.56 -4.00 -2.58
CA ASN A 21 -15.38 -2.93 -3.14
C ASN A 21 -15.45 -2.97 -4.69
N LEU A 22 -14.37 -3.32 -5.38
CA LEU A 22 -14.34 -3.36 -6.86
C LEU A 22 -15.30 -4.39 -7.48
N GLU A 23 -15.75 -5.39 -6.72
CA GLU A 23 -16.78 -6.35 -7.14
C GLU A 23 -18.19 -5.74 -7.25
N LYS A 24 -18.41 -4.52 -6.73
CA LYS A 24 -19.76 -3.91 -6.59
C LYS A 24 -19.81 -2.39 -6.82
N ILE A 25 -18.90 -1.62 -6.21
CA ILE A 25 -18.67 -0.16 -6.31
C ILE A 25 -19.85 0.75 -5.87
N GLU A 26 -21.09 0.27 -5.96
CA GLU A 26 -22.34 0.98 -5.62
C GLU A 26 -22.55 1.37 -4.14
N LYS A 27 -21.59 1.07 -3.25
CA LYS A 27 -21.66 1.31 -1.80
C LYS A 27 -20.39 2.03 -1.31
N GLU A 28 -20.37 3.35 -1.48
CA GLU A 28 -19.33 4.27 -0.94
C GLU A 28 -19.16 4.21 0.60
N ILE B 1 -14.41 5.50 -10.23
CA ILE B 1 -13.06 5.92 -9.77
C ILE B 1 -13.05 6.50 -8.36
N GLN B 2 -13.83 7.55 -8.08
CA GLN B 2 -13.68 8.47 -6.94
C GLN B 2 -13.45 7.82 -5.56
N ALA B 3 -14.19 6.75 -5.22
CA ALA B 3 -14.00 6.03 -3.95
C ALA B 3 -12.62 5.34 -3.88
N ILE B 4 -12.28 4.53 -4.89
CA ILE B 4 -10.99 3.82 -4.98
C ILE B 4 -9.84 4.82 -5.07
N LYS B 5 -10.01 5.96 -5.75
CA LYS B 5 -9.04 7.05 -5.81
C LYS B 5 -8.81 7.70 -4.43
N LYS B 6 -9.86 7.97 -3.67
CA LYS B 6 -9.75 8.50 -2.29
C LYS B 6 -9.00 7.52 -1.40
N GLU B 7 -9.36 6.24 -1.43
CA GLU B 7 -8.70 5.18 -0.71
C GLU B 7 -7.23 4.97 -1.11
N LEU B 8 -6.87 4.94 -2.39
CA LEU B 8 -5.47 4.86 -2.84
C LEU B 8 -4.65 6.10 -2.42
N THR B 9 -5.20 7.32 -2.50
CA THR B 9 -4.56 8.51 -1.91
C THR B 9 -4.36 8.38 -0.40
N GLN B 10 -5.32 7.82 0.34
CA GLN B 10 -5.15 7.48 1.76
C GLN B 10 -4.05 6.42 1.98
N ILE B 11 -3.88 5.43 1.09
CA ILE B 11 -2.73 4.51 1.12
C ILE B 11 -1.40 5.26 0.94
N LYS B 12 -1.27 6.15 -0.06
CA LYS B 12 -0.04 6.97 -0.22
C LYS B 12 0.28 7.77 1.04
N GLN B 13 -0.72 8.39 1.65
CA GLN B 13 -0.57 9.21 2.87
C GLN B 13 -0.21 8.35 4.09
N LYS B 14 -0.80 7.17 4.25
CA LYS B 14 -0.50 6.26 5.36
C LYS B 14 0.85 5.55 5.19
N VAL B 15 1.25 5.22 3.95
CA VAL B 15 2.61 4.73 3.65
C VAL B 15 3.67 5.83 3.88
N ASP B 16 3.37 7.09 3.52
CA ASP B 16 4.21 8.25 3.86
C ASP B 16 4.36 8.46 5.37
N SER B 17 3.30 8.23 6.13
CA SER B 17 3.33 8.21 7.60
C SER B 17 4.34 7.18 8.14
N LEU B 18 4.54 6.02 7.48
CA LEU B 18 5.53 5.03 7.93
C LEU B 18 6.97 5.48 7.62
N LEU B 19 7.19 6.24 6.53
CA LEU B 19 8.47 6.91 6.27
C LEU B 19 8.82 7.89 7.42
N GLU B 20 7.83 8.66 7.90
CA GLU B 20 8.01 9.56 9.05
C GLU B 20 8.25 8.79 10.37
N ASN B 21 7.51 7.69 10.61
CA ASN B 21 7.66 6.86 11.81
C ASN B 21 9.03 6.15 11.86
N LEU B 22 9.60 5.71 10.74
CA LEU B 22 10.94 5.09 10.71
C LEU B 22 12.02 6.05 11.23
N GLU B 23 11.93 7.36 10.95
CA GLU B 23 12.85 8.38 11.45
C GLU B 23 12.77 8.63 12.98
N LYS B 24 11.70 8.18 13.66
CA LYS B 24 11.52 8.32 15.12
C LYS B 24 11.56 6.97 15.88
N ILE B 25 11.83 5.88 15.17
CA ILE B 25 11.97 4.50 15.70
C ILE B 25 13.44 4.01 15.58
N GLU B 26 14.30 4.77 14.90
CA GLU B 26 15.76 4.57 14.78
C GLU B 26 16.20 3.12 14.45
N LYS B 27 15.62 2.59 13.35
CA LYS B 27 16.07 1.37 12.64
C LYS B 27 15.76 0.06 13.37
N GLU B 28 14.61 -0.01 14.04
CA GLU B 28 14.16 -1.15 14.87
C GLU B 28 12.79 -1.71 14.45
N ILE C 1 16.24 1.86 8.14
CA ILE C 1 15.34 2.78 7.39
C ILE C 1 15.46 2.60 5.87
N GLN C 2 16.61 2.89 5.23
CA GLN C 2 16.73 3.06 3.77
C GLN C 2 16.11 1.93 2.92
N ALA C 3 16.34 0.66 3.27
CA ALA C 3 15.75 -0.49 2.56
C ALA C 3 14.21 -0.55 2.67
N ILE C 4 13.67 -0.28 3.88
CA ILE C 4 12.21 -0.23 4.13
C ILE C 4 11.61 0.97 3.40
N LYS C 5 12.31 2.10 3.45
CA LYS C 5 11.94 3.36 2.79
C LYS C 5 11.86 3.19 1.27
N LYS C 6 12.82 2.51 0.64
CA LYS C 6 12.80 2.21 -0.80
C LYS C 6 11.52 1.43 -1.19
N GLU C 7 11.20 0.38 -0.44
CA GLU C 7 9.96 -0.40 -0.61
C GLU C 7 8.69 0.45 -0.40
N LEU C 8 8.59 1.22 0.70
CA LEU C 8 7.45 2.12 0.97
C LEU C 8 7.27 3.18 -0.14
N THR C 9 8.35 3.82 -0.59
CA THR C 9 8.35 4.75 -1.74
C THR C 9 7.92 4.06 -3.04
N GLN C 10 8.26 2.79 -3.27
CA GLN C 10 7.74 2.00 -4.39
C GLN C 10 6.25 1.64 -4.23
N ILE C 11 5.74 1.40 -3.01
CA ILE C 11 4.29 1.28 -2.76
C ILE C 11 3.56 2.57 -3.12
N LYS C 12 4.03 3.75 -2.67
CA LYS C 12 3.44 5.05 -3.04
C LYS C 12 3.38 5.23 -4.57
N GLN C 13 4.44 4.87 -5.29
CA GLN C 13 4.51 4.98 -6.75
C GLN C 13 3.59 3.98 -7.47
N LYS C 14 3.49 2.72 -7.00
CA LYS C 14 2.57 1.74 -7.59
C LYS C 14 1.10 2.06 -7.27
N VAL C 15 0.81 2.55 -6.08
CA VAL C 15 -0.51 3.10 -5.71
C VAL C 15 -0.87 4.35 -6.54
N ASP C 16 0.10 5.22 -6.85
CA ASP C 16 -0.11 6.35 -7.78
C ASP C 16 -0.33 5.90 -9.23
N SER C 17 0.42 4.89 -9.69
CA SER C 17 0.21 4.23 -10.99
C SER C 17 -1.19 3.62 -11.10
N LEU C 18 -1.75 3.08 -10.00
CA LEU C 18 -3.14 2.65 -9.94
C LEU C 18 -4.14 3.79 -10.15
N LEU C 19 -3.89 5.01 -9.67
CA LEU C 19 -4.71 6.19 -9.99
C LEU C 19 -4.71 6.50 -11.50
N GLU C 20 -3.53 6.41 -12.14
CA GLU C 20 -3.39 6.61 -13.59
C GLU C 20 -4.13 5.53 -14.41
N ASN C 21 -4.17 4.29 -13.91
CA ASN C 21 -4.94 3.20 -14.50
C ASN C 21 -6.47 3.35 -14.28
N LEU C 22 -6.91 3.84 -13.12
CA LEU C 22 -8.33 4.12 -12.84
C LEU C 22 -8.90 5.27 -13.69
N GLU C 23 -8.07 6.20 -14.15
CA GLU C 23 -8.43 7.24 -15.13
C GLU C 23 -8.70 6.71 -16.56
N LYS C 24 -8.52 5.40 -16.81
CA LYS C 24 -8.72 4.77 -18.14
C LYS C 24 -9.49 3.45 -18.10
N ILE C 25 -9.01 2.43 -17.38
CA ILE C 25 -9.60 1.09 -17.11
C ILE C 25 -9.80 0.20 -18.36
N GLU C 26 -9.93 0.78 -19.55
CA GLU C 26 -10.15 0.09 -20.84
C GLU C 26 -9.18 -1.08 -21.12
N LYS C 27 -7.89 -0.91 -20.78
CA LYS C 27 -6.77 -1.87 -21.03
C LYS C 27 -6.51 -2.17 -22.53
N GLU C 28 -5.27 -2.51 -22.88
CA GLU C 28 -4.85 -3.04 -24.20
C GLU C 28 -3.72 -4.10 -24.09
N ILE D 1 -12.48 -4.44 -13.27
CA ILE D 1 -11.84 -4.99 -12.04
C ILE D 1 -10.47 -5.64 -12.29
N GLN D 2 -10.35 -6.67 -13.14
CA GLN D 2 -9.24 -7.65 -13.11
C GLN D 2 -7.82 -7.06 -13.05
N ALA D 3 -7.49 -6.06 -13.88
CA ALA D 3 -6.17 -5.42 -13.88
C ALA D 3 -5.86 -4.69 -12.55
N ILE D 4 -6.84 -3.97 -12.01
CA ILE D 4 -6.74 -3.28 -10.71
C ILE D 4 -6.65 -4.31 -9.56
N LYS D 5 -7.44 -5.39 -9.64
CA LYS D 5 -7.39 -6.51 -8.69
C LYS D 5 -6.00 -7.15 -8.64
N LYS D 6 -5.34 -7.34 -9.79
CA LYS D 6 -3.97 -7.87 -9.86
C LYS D 6 -2.97 -6.93 -9.19
N GLU D 7 -3.05 -5.63 -9.47
CA GLU D 7 -2.21 -4.60 -8.84
C GLU D 7 -2.41 -4.54 -7.31
N LEU D 8 -3.65 -4.44 -6.81
CA LEU D 8 -3.96 -4.43 -5.38
C LEU D 8 -3.43 -5.69 -4.66
N THR D 9 -3.62 -6.88 -5.22
CA THR D 9 -3.03 -8.12 -4.69
C THR D 9 -1.51 -8.06 -4.61
N GLN D 10 -0.83 -7.49 -5.63
CA GLN D 10 0.62 -7.29 -5.60
C GLN D 10 1.06 -6.22 -4.58
N ILE D 11 0.23 -5.22 -4.25
CA ILE D 11 0.49 -4.32 -3.11
C ILE D 11 0.41 -5.08 -1.78
N LYS D 12 -0.65 -5.87 -1.52
CA LYS D 12 -0.74 -6.77 -0.34
C LYS D 12 0.49 -7.66 -0.21
N GLN D 13 0.98 -8.24 -1.31
CA GLN D 13 2.13 -9.12 -1.37
C GLN D 13 3.45 -8.38 -1.05
N LYS D 14 3.66 -7.18 -1.60
CA LYS D 14 4.86 -6.38 -1.31
C LYS D 14 4.84 -5.79 0.11
N VAL D 15 3.67 -5.36 0.59
CA VAL D 15 3.47 -4.99 2.00
C VAL D 15 3.72 -6.18 2.95
N ASP D 16 3.27 -7.40 2.61
CA ASP D 16 3.57 -8.63 3.38
C ASP D 16 5.06 -9.00 3.37
N SER D 17 5.73 -8.82 2.21
CA SER D 17 7.18 -8.98 2.09
C SER D 17 7.95 -8.04 3.03
N LEU D 18 7.48 -6.79 3.23
CA LEU D 18 8.03 -5.91 4.25
C LEU D 18 7.84 -6.43 5.69
N LEU D 19 6.70 -7.06 6.02
CA LEU D 19 6.52 -7.73 7.33
C LEU D 19 7.61 -8.78 7.57
N GLU D 20 7.92 -9.59 6.55
CA GLU D 20 8.93 -10.65 6.60
C GLU D 20 10.36 -10.10 6.72
N ASN D 21 10.66 -8.99 6.04
CA ASN D 21 11.96 -8.32 6.11
C ASN D 21 12.22 -7.66 7.48
N LEU D 22 11.21 -7.02 8.07
CA LEU D 22 11.31 -6.34 9.38
C LEU D 22 11.75 -7.25 10.54
N GLU D 23 11.57 -8.58 10.42
CA GLU D 23 12.01 -9.56 11.42
C GLU D 23 13.54 -9.63 11.60
N LYS D 24 14.34 -9.06 10.68
CA LYS D 24 15.82 -9.06 10.75
C LYS D 24 16.50 -7.82 10.15
N ILE D 25 16.08 -7.38 8.95
CA ILE D 25 16.68 -6.26 8.17
C ILE D 25 18.22 -6.40 7.96
N GLU D 26 18.78 -7.61 8.12
CA GLU D 26 20.22 -7.87 7.88
C GLU D 26 20.57 -7.86 6.38
N LYS D 27 19.61 -8.27 5.53
CA LYS D 27 19.63 -8.29 4.06
C LYS D 27 21.03 -8.44 3.41
N GLU D 28 21.62 -9.63 3.63
CA GLU D 28 22.90 -10.20 3.13
C GLU D 28 24.00 -10.23 4.22
N ILE A 1 10.51 -3.61 14.74
CA ILE A 1 9.49 -4.33 13.94
C ILE A 1 8.05 -3.98 14.32
N GLN A 2 7.58 -4.30 15.54
CA GLN A 2 6.15 -4.40 15.90
C GLN A 2 5.28 -3.20 15.48
N ALA A 3 5.74 -1.96 15.73
CA ALA A 3 4.99 -0.75 15.37
C ALA A 3 4.79 -0.59 13.85
N ILE A 4 5.82 -0.87 13.06
CA ILE A 4 5.77 -0.83 11.59
C ILE A 4 4.96 -2.02 11.05
N LYS A 5 5.11 -3.22 11.65
CA LYS A 5 4.34 -4.41 11.33
C LYS A 5 2.83 -4.17 11.47
N LYS A 6 2.39 -3.48 12.52
CA LYS A 6 0.98 -3.12 12.73
C LYS A 6 0.43 -2.28 11.56
N GLU A 7 1.16 -1.25 11.15
CA GLU A 7 0.79 -0.41 10.00
C GLU A 7 0.81 -1.19 8.67
N LEU A 8 1.84 -1.98 8.36
CA LEU A 8 1.88 -2.81 7.14
C LEU A 8 0.71 -3.80 7.08
N THR A 9 0.37 -4.48 8.19
CA THR A 9 -0.83 -5.33 8.27
C THR A 9 -2.12 -4.53 8.00
N GLN A 10 -2.23 -3.31 8.53
CA GLN A 10 -3.37 -2.43 8.22
C GLN A 10 -3.40 -1.94 6.76
N ILE A 11 -2.24 -1.74 6.10
CA ILE A 11 -2.21 -1.47 4.65
C ILE A 11 -2.77 -2.67 3.87
N LYS A 12 -2.33 -3.91 4.16
CA LYS A 12 -2.90 -5.12 3.53
C LYS A 12 -4.42 -5.22 3.72
N GLN A 13 -4.92 -4.89 4.92
CA GLN A 13 -6.36 -4.87 5.21
C GLN A 13 -7.10 -3.75 4.47
N LYS A 14 -6.55 -2.52 4.40
CA LYS A 14 -7.20 -1.42 3.67
C LYS A 14 -7.17 -1.64 2.16
N VAL A 15 -6.09 -2.21 1.62
CA VAL A 15 -5.98 -2.68 0.22
C VAL A 15 -7.00 -3.80 -0.07
N ASP A 16 -7.17 -4.76 0.83
CA ASP A 16 -8.22 -5.81 0.74
C ASP A 16 -9.64 -5.22 0.75
N SER A 17 -9.86 -4.16 1.53
CA SER A 17 -11.12 -3.41 1.53
C SER A 17 -11.46 -2.83 0.14
N LEU A 18 -10.46 -2.49 -0.69
CA LEU A 18 -10.71 -1.98 -2.04
C LEU A 18 -11.06 -3.10 -3.02
N LEU A 19 -10.56 -4.33 -2.80
CA LEU A 19 -11.04 -5.53 -3.51
C LEU A 19 -12.54 -5.75 -3.23
N GLU A 20 -12.95 -5.64 -1.96
CA GLU A 20 -14.36 -5.76 -1.55
C GLU A 20 -15.23 -4.62 -2.08
N ASN A 21 -14.68 -3.41 -2.22
CA ASN A 21 -15.37 -2.28 -2.84
C ASN A 21 -15.57 -2.49 -4.36
N LEU A 22 -14.51 -2.85 -5.09
CA LEU A 22 -14.49 -3.03 -6.56
C LEU A 22 -15.54 -4.01 -7.11
N GLU A 23 -15.98 -4.99 -6.32
CA GLU A 23 -17.03 -5.93 -6.70
C GLU A 23 -18.40 -5.29 -6.99
N LYS A 24 -18.63 -4.02 -6.57
CA LYS A 24 -19.87 -3.28 -6.89
C LYS A 24 -19.71 -1.75 -6.99
N ILE A 25 -18.87 -1.12 -6.16
CA ILE A 25 -18.50 0.32 -6.14
C ILE A 25 -19.65 1.24 -5.69
N GLU A 26 -20.89 0.75 -5.72
CA GLU A 26 -22.16 1.37 -5.35
C GLU A 26 -22.35 1.66 -3.83
N LYS A 27 -21.25 1.82 -3.07
CA LYS A 27 -21.21 2.19 -1.63
C LYS A 27 -21.95 1.19 -0.72
N GLU A 28 -21.49 -0.06 -0.74
CA GLU A 28 -22.03 -1.21 0.02
C GLU A 28 -20.95 -1.86 0.90
N ILE B 1 -13.89 5.12 -10.80
CA ILE B 1 -12.61 5.73 -10.34
C ILE B 1 -12.72 6.40 -8.96
N GLN B 2 -13.52 7.46 -8.78
CA GLN B 2 -13.36 8.43 -7.67
C GLN B 2 -13.19 7.80 -6.27
N ALA B 3 -14.00 6.80 -5.92
CA ALA B 3 -13.89 6.10 -4.63
C ALA B 3 -12.52 5.42 -4.44
N ILE B 4 -12.13 4.51 -5.36
CA ILE B 4 -10.85 3.79 -5.31
C ILE B 4 -9.68 4.76 -5.43
N LYS B 5 -9.79 5.85 -6.21
CA LYS B 5 -8.78 6.90 -6.30
C LYS B 5 -8.54 7.61 -4.96
N LYS B 6 -9.61 7.91 -4.21
CA LYS B 6 -9.50 8.52 -2.88
C LYS B 6 -8.92 7.53 -1.86
N GLU B 7 -9.34 6.28 -1.91
CA GLU B 7 -8.89 5.23 -0.99
C GLU B 7 -7.44 4.78 -1.26
N LEU B 8 -6.99 4.69 -2.50
CA LEU B 8 -5.57 4.52 -2.87
C LEU B 8 -4.73 5.74 -2.46
N THR B 9 -5.25 6.97 -2.60
CA THR B 9 -4.63 8.16 -1.99
C THR B 9 -4.48 8.04 -0.47
N GLN B 10 -5.45 7.44 0.24
CA GLN B 10 -5.28 7.12 1.68
C GLN B 10 -4.19 6.07 1.92
N ILE B 11 -3.95 5.10 1.02
CA ILE B 11 -2.78 4.21 1.09
C ILE B 11 -1.48 5.00 0.95
N LYS B 12 -1.36 5.89 -0.05
CA LYS B 12 -0.18 6.76 -0.19
C LYS B 12 0.08 7.59 1.07
N GLN B 13 -0.98 8.14 1.67
CA GLN B 13 -0.90 8.93 2.90
C GLN B 13 -0.51 8.08 4.12
N LYS B 14 -1.07 6.87 4.28
CA LYS B 14 -0.74 5.99 5.41
C LYS B 14 0.65 5.37 5.27
N VAL B 15 1.11 5.10 4.05
CA VAL B 15 2.50 4.78 3.74
C VAL B 15 3.44 5.98 4.01
N ASP B 16 3.02 7.22 3.70
CA ASP B 16 3.82 8.42 3.97
C ASP B 16 4.08 8.67 5.45
N SER B 17 3.06 8.49 6.31
CA SER B 17 3.22 8.54 7.76
C SER B 17 4.12 7.44 8.32
N LEU B 18 4.22 6.28 7.66
CA LEU B 18 5.24 5.27 7.99
C LEU B 18 6.68 5.76 7.67
N LEU B 19 6.91 6.46 6.56
CA LEU B 19 8.21 7.09 6.27
C LEU B 19 8.63 8.05 7.39
N GLU B 20 7.69 8.84 7.90
CA GLU B 20 7.88 9.78 9.02
C GLU B 20 8.14 9.06 10.37
N ASN B 21 7.49 7.91 10.60
CA ASN B 21 7.68 7.08 11.79
C ASN B 21 9.02 6.29 11.76
N LEU B 22 9.54 5.95 10.58
CA LEU B 22 10.84 5.30 10.38
C LEU B 22 12.01 6.24 10.65
N GLU B 23 11.81 7.55 10.51
CA GLU B 23 12.71 8.60 11.04
C GLU B 23 12.65 8.73 12.58
N LYS B 24 11.71 8.03 13.23
CA LYS B 24 11.45 8.00 14.69
C LYS B 24 11.10 9.36 15.30
N ILE B 25 10.69 10.31 14.46
CA ILE B 25 10.63 11.74 14.79
C ILE B 25 9.31 12.39 14.32
N GLU B 26 8.62 11.81 13.31
CA GLU B 26 7.31 12.25 12.81
C GLU B 26 7.25 13.77 12.47
N LYS B 27 8.34 14.28 11.87
CA LYS B 27 8.50 15.69 11.46
C LYS B 27 7.45 16.15 10.42
N GLU B 28 7.41 17.45 10.19
CA GLU B 28 6.56 18.16 9.20
C GLU B 28 7.26 19.36 8.53
N ILE C 1 16.07 1.93 8.81
CA ILE C 1 15.31 2.94 8.01
C ILE C 1 15.47 2.76 6.49
N GLN C 2 16.66 3.00 5.91
CA GLN C 2 16.82 3.22 4.45
C GLN C 2 16.16 2.17 3.56
N ALA C 3 16.24 0.88 3.90
CA ALA C 3 15.58 -0.20 3.18
C ALA C 3 14.04 -0.02 3.14
N ILE C 4 13.38 -0.04 4.32
CA ILE C 4 11.92 0.07 4.44
C ILE C 4 11.41 1.41 3.91
N LYS C 5 12.17 2.50 4.12
CA LYS C 5 11.88 3.82 3.55
C LYS C 5 11.81 3.78 2.02
N LYS C 6 12.82 3.19 1.37
CA LYS C 6 12.87 3.07 -0.10
C LYS C 6 11.76 2.18 -0.62
N GLU C 7 11.51 1.05 0.05
CA GLU C 7 10.47 0.09 -0.30
C GLU C 7 9.06 0.65 -0.13
N LEU C 8 8.80 1.47 0.89
CA LEU C 8 7.54 2.21 1.05
C LEU C 8 7.38 3.38 0.06
N THR C 9 8.46 4.09 -0.28
CA THR C 9 8.45 5.01 -1.44
C THR C 9 8.08 4.27 -2.73
N GLN C 10 8.53 3.02 -2.93
CA GLN C 10 8.04 2.18 -4.02
C GLN C 10 6.56 1.81 -3.86
N ILE C 11 6.05 1.46 -2.67
CA ILE C 11 4.60 1.26 -2.48
C ILE C 11 3.79 2.50 -2.94
N LYS C 12 4.21 3.71 -2.55
CA LYS C 12 3.59 4.96 -3.05
C LYS C 12 3.59 5.05 -4.58
N GLN C 13 4.69 4.67 -5.23
CA GLN C 13 4.79 4.67 -6.70
C GLN C 13 3.92 3.59 -7.37
N LYS C 14 3.86 2.36 -6.84
CA LYS C 14 2.94 1.33 -7.37
C LYS C 14 1.47 1.72 -7.14
N VAL C 15 1.12 2.30 -5.99
CA VAL C 15 -0.24 2.82 -5.75
C VAL C 15 -0.57 4.00 -6.68
N ASP C 16 0.36 4.93 -6.92
CA ASP C 16 0.19 6.04 -7.89
C ASP C 16 -0.01 5.55 -9.33
N SER C 17 0.70 4.49 -9.70
CA SER C 17 0.51 3.79 -10.98
C SER C 17 -0.94 3.27 -11.15
N LEU C 18 -1.61 2.87 -10.06
CA LEU C 18 -3.02 2.44 -10.13
C LEU C 18 -3.97 3.64 -10.33
N LEU C 19 -3.64 4.82 -9.78
CA LEU C 19 -4.38 6.05 -10.07
C LEU C 19 -4.30 6.42 -11.57
N GLU C 20 -3.15 6.19 -12.21
CA GLU C 20 -3.00 6.34 -13.67
C GLU C 20 -3.85 5.30 -14.43
N ASN C 21 -3.79 4.02 -14.03
CA ASN C 21 -4.59 2.95 -14.66
C ASN C 21 -6.12 3.20 -14.54
N LEU C 22 -6.60 3.64 -13.37
CA LEU C 22 -8.00 4.00 -13.12
C LEU C 22 -8.57 5.06 -14.09
N GLU C 23 -7.71 5.88 -14.71
CA GLU C 23 -8.11 6.89 -15.71
C GLU C 23 -8.48 6.28 -17.08
N LYS C 24 -8.23 4.98 -17.33
CA LYS C 24 -8.58 4.29 -18.60
C LYS C 24 -9.10 2.84 -18.45
N ILE C 25 -8.51 2.03 -17.57
CA ILE C 25 -8.91 0.64 -17.26
C ILE C 25 -9.11 -0.21 -18.53
N GLU C 26 -8.16 -0.07 -19.46
CA GLU C 26 -8.19 -0.68 -20.81
C GLU C 26 -6.89 -1.39 -21.19
N LYS C 27 -5.76 -1.02 -20.57
CA LYS C 27 -4.39 -1.56 -20.80
C LYS C 27 -3.91 -1.41 -22.26
N GLU C 28 -2.66 -1.81 -22.49
CA GLU C 28 -1.99 -1.90 -23.81
C GLU C 28 -0.90 -3.00 -23.87
N ILE D 1 -12.73 -3.81 -12.93
CA ILE D 1 -12.19 -4.53 -11.73
C ILE D 1 -10.88 -5.28 -12.02
N GLN D 2 -10.84 -6.28 -12.90
CA GLN D 2 -9.79 -7.31 -12.94
C GLN D 2 -8.34 -6.78 -12.91
N ALA D 3 -8.05 -5.68 -13.62
CA ALA D 3 -6.73 -5.03 -13.60
C ALA D 3 -6.37 -4.52 -12.19
N ILE D 4 -7.15 -3.59 -11.61
CA ILE D 4 -6.94 -3.06 -10.26
C ILE D 4 -7.03 -4.17 -9.21
N LYS D 5 -7.84 -5.22 -9.39
CA LYS D 5 -7.88 -6.39 -8.51
C LYS D 5 -6.52 -7.11 -8.48
N LYS D 6 -5.91 -7.37 -9.63
CA LYS D 6 -4.58 -8.02 -9.71
C LYS D 6 -3.50 -7.11 -9.12
N GLU D 7 -3.60 -5.81 -9.36
CA GLU D 7 -2.65 -4.83 -8.86
C GLU D 7 -2.76 -4.59 -7.34
N LEU D 8 -3.96 -4.56 -6.76
CA LEU D 8 -4.20 -4.59 -5.30
C LEU D 8 -3.64 -5.87 -4.66
N THR D 9 -3.85 -7.05 -5.27
CA THR D 9 -3.18 -8.29 -4.84
C THR D 9 -1.65 -8.14 -4.82
N GLN D 10 -1.07 -7.51 -5.84
CA GLN D 10 0.37 -7.21 -5.87
C GLN D 10 0.78 -6.21 -4.77
N ILE D 11 -0.02 -5.18 -4.45
CA ILE D 11 0.26 -4.30 -3.29
C ILE D 11 0.27 -5.09 -1.99
N LYS D 12 -0.71 -5.98 -1.73
CA LYS D 12 -0.70 -6.84 -0.53
C LYS D 12 0.58 -7.69 -0.46
N GLN D 13 1.02 -8.27 -1.58
CA GLN D 13 2.25 -9.07 -1.67
C GLN D 13 3.52 -8.22 -1.47
N LYS D 14 3.59 -7.01 -2.03
CA LYS D 14 4.73 -6.10 -1.85
C LYS D 14 4.81 -5.55 -0.43
N VAL D 15 3.68 -5.29 0.22
CA VAL D 15 3.64 -4.94 1.67
C VAL D 15 3.98 -6.14 2.56
N ASP D 16 3.51 -7.35 2.23
CA ASP D 16 3.89 -8.60 2.90
C ASP D 16 5.40 -8.90 2.84
N SER D 17 6.02 -8.54 1.72
CA SER D 17 7.48 -8.58 1.57
C SER D 17 8.21 -7.76 2.65
N LEU D 18 7.68 -6.59 3.05
CA LEU D 18 8.27 -5.77 4.13
C LEU D 18 7.96 -6.33 5.52
N LEU D 19 6.79 -6.95 5.72
CA LEU D 19 6.52 -7.74 6.94
C LEU D 19 7.56 -8.86 7.14
N GLU D 20 7.96 -9.53 6.05
CA GLU D 20 9.04 -10.52 6.08
C GLU D 20 10.43 -9.89 6.29
N ASN D 21 10.75 -8.79 5.58
CA ASN D 21 12.10 -8.18 5.62
C ASN D 21 12.40 -7.48 6.96
N LEU D 22 11.39 -6.98 7.68
CA LEU D 22 11.52 -6.47 9.06
C LEU D 22 12.03 -7.54 10.05
N GLU D 23 11.85 -8.83 9.74
CA GLU D 23 12.45 -9.96 10.48
C GLU D 23 13.95 -10.18 10.15
N LYS D 24 14.58 -9.21 9.47
CA LYS D 24 16.04 -9.11 9.22
C LYS D 24 16.61 -10.22 8.33
N ILE D 25 15.79 -10.72 7.40
CA ILE D 25 16.13 -11.85 6.51
C ILE D 25 17.26 -11.49 5.54
N GLU D 26 17.23 -10.30 4.92
CA GLU D 26 18.30 -9.84 4.03
C GLU D 26 19.54 -9.37 4.80
N LYS D 27 19.34 -8.51 5.82
CA LYS D 27 20.40 -7.86 6.61
C LYS D 27 19.88 -7.25 7.93
N GLU D 28 20.79 -6.87 8.81
CA GLU D 28 20.57 -6.33 10.18
C GLU D 28 19.77 -5.01 10.31
N ILE A 1 9.82 -2.83 15.10
CA ILE A 1 9.10 -3.79 14.21
C ILE A 1 7.61 -3.75 14.50
N GLN A 2 7.13 -4.00 15.73
CA GLN A 2 5.71 -4.20 16.04
C GLN A 2 4.75 -3.13 15.48
N ALA A 3 5.11 -1.83 15.54
CA ALA A 3 4.26 -0.76 15.03
C ALA A 3 4.25 -0.73 13.49
N ILE A 4 5.43 -0.74 12.85
CA ILE A 4 5.60 -0.84 11.39
C ILE A 4 4.88 -2.08 10.86
N LYS A 5 4.98 -3.21 11.57
CA LYS A 5 4.28 -4.47 11.27
C LYS A 5 2.77 -4.32 11.32
N LYS A 6 2.21 -3.73 12.38
CA LYS A 6 0.77 -3.47 12.51
C LYS A 6 0.27 -2.55 11.39
N GLU A 7 1.06 -1.55 11.03
CA GLU A 7 0.72 -0.58 9.98
C GLU A 7 0.92 -1.10 8.55
N LEU A 8 1.91 -1.96 8.27
CA LEU A 8 1.98 -2.80 7.06
C LEU A 8 0.74 -3.71 6.96
N THR A 9 0.35 -4.39 8.04
CA THR A 9 -0.92 -5.13 8.09
C THR A 9 -2.15 -4.24 7.86
N GLN A 10 -2.15 -2.97 8.28
CA GLN A 10 -3.20 -2.01 7.90
C GLN A 10 -3.17 -1.68 6.40
N ILE A 11 -2.01 -1.69 5.72
CA ILE A 11 -1.98 -1.54 4.25
C ILE A 11 -2.63 -2.76 3.59
N LYS A 12 -2.25 -3.98 4.00
CA LYS A 12 -2.90 -5.22 3.52
C LYS A 12 -4.41 -5.17 3.71
N GLN A 13 -4.89 -4.78 4.88
CA GLN A 13 -6.30 -4.72 5.25
C GLN A 13 -7.06 -3.61 4.50
N LYS A 14 -6.49 -2.39 4.40
CA LYS A 14 -7.15 -1.29 3.69
C LYS A 14 -7.14 -1.51 2.17
N VAL A 15 -6.07 -2.10 1.63
CA VAL A 15 -6.06 -2.55 0.23
C VAL A 15 -7.08 -3.68 -0.03
N ASP A 16 -7.23 -4.64 0.88
CA ASP A 16 -8.27 -5.70 0.80
C ASP A 16 -9.69 -5.12 0.78
N SER A 17 -9.92 -4.05 1.54
CA SER A 17 -11.19 -3.29 1.51
C SER A 17 -11.52 -2.75 0.12
N LEU A 18 -10.52 -2.37 -0.70
CA LEU A 18 -10.74 -1.95 -2.08
C LEU A 18 -10.98 -3.14 -3.00
N LEU A 19 -10.32 -4.29 -2.80
CA LEU A 19 -10.65 -5.54 -3.50
C LEU A 19 -12.13 -5.93 -3.33
N GLU A 20 -12.66 -5.83 -2.10
CA GLU A 20 -14.08 -6.03 -1.82
C GLU A 20 -14.98 -4.99 -2.54
N ASN A 21 -14.59 -3.71 -2.51
CA ASN A 21 -15.33 -2.62 -3.17
C ASN A 21 -15.30 -2.68 -4.71
N LEU A 22 -14.25 -3.27 -5.30
CA LEU A 22 -14.07 -3.51 -6.75
C LEU A 22 -14.88 -4.70 -7.26
N GLU A 23 -15.13 -5.70 -6.41
CA GLU A 23 -16.20 -6.70 -6.59
C GLU A 23 -17.62 -6.10 -6.49
N LYS A 24 -17.73 -4.79 -6.20
CA LYS A 24 -18.94 -3.95 -6.32
C LYS A 24 -20.16 -4.54 -5.61
N ILE A 25 -19.94 -4.78 -4.32
CA ILE A 25 -20.82 -5.33 -3.26
C ILE A 25 -22.33 -5.31 -3.60
N GLU A 26 -22.91 -4.14 -3.87
CA GLU A 26 -24.31 -3.96 -4.32
C GLU A 26 -24.45 -3.01 -5.53
N LYS A 27 -23.35 -2.76 -6.26
CA LYS A 27 -23.24 -1.85 -7.43
C LYS A 27 -23.90 -0.48 -7.18
N GLU A 28 -23.47 0.17 -6.10
CA GLU A 28 -24.01 1.45 -5.59
C GLU A 28 -22.88 2.40 -5.12
N ILE B 1 -14.17 4.47 -10.30
CA ILE B 1 -13.03 5.43 -10.31
C ILE B 1 -12.89 6.20 -8.98
N GLN B 2 -13.68 7.25 -8.74
CA GLN B 2 -13.39 8.28 -7.72
C GLN B 2 -13.23 7.71 -6.29
N ALA B 3 -14.07 6.74 -5.89
CA ALA B 3 -13.98 6.09 -4.59
C ALA B 3 -12.65 5.33 -4.40
N ILE B 4 -12.19 4.58 -5.42
CA ILE B 4 -10.93 3.83 -5.37
C ILE B 4 -9.77 4.83 -5.35
N LYS B 5 -9.83 5.86 -6.20
CA LYS B 5 -8.80 6.92 -6.25
C LYS B 5 -8.62 7.63 -4.90
N LYS B 6 -9.71 8.02 -4.24
CA LYS B 6 -9.70 8.62 -2.89
C LYS B 6 -8.99 7.69 -1.89
N GLU B 7 -9.33 6.40 -1.91
CA GLU B 7 -8.73 5.40 -1.03
C GLU B 7 -7.25 5.11 -1.32
N LEU B 8 -6.82 5.06 -2.59
CA LEU B 8 -5.40 4.97 -2.95
C LEU B 8 -4.61 6.22 -2.53
N THR B 9 -5.14 7.43 -2.75
CA THR B 9 -4.57 8.67 -2.19
C THR B 9 -4.51 8.68 -0.67
N GLN B 10 -5.44 8.02 0.04
CA GLN B 10 -5.29 7.72 1.48
C GLN B 10 -4.15 6.73 1.77
N ILE B 11 -4.02 5.61 1.03
CA ILE B 11 -2.89 4.67 1.20
C ILE B 11 -1.55 5.36 1.01
N LYS B 12 -1.37 6.22 0.00
CA LYS B 12 -0.13 6.99 -0.19
C LYS B 12 0.26 7.81 1.04
N GLN B 13 -0.72 8.42 1.72
CA GLN B 13 -0.49 9.26 2.91
C GLN B 13 -0.34 8.45 4.20
N LYS B 14 -1.05 7.32 4.34
CA LYS B 14 -0.86 6.35 5.43
C LYS B 14 0.54 5.74 5.31
N VAL B 15 0.95 5.26 4.13
CA VAL B 15 2.33 4.85 3.87
C VAL B 15 3.35 5.99 4.11
N ASP B 16 3.06 7.23 3.72
CA ASP B 16 3.92 8.40 4.02
C ASP B 16 4.15 8.63 5.52
N SER B 17 3.12 8.38 6.33
CA SER B 17 3.21 8.41 7.79
C SER B 17 4.23 7.40 8.33
N LEU B 18 4.36 6.22 7.71
CA LEU B 18 5.42 5.25 8.05
C LEU B 18 6.80 5.75 7.58
N LEU B 19 6.90 6.31 6.37
CA LEU B 19 8.14 6.94 5.89
C LEU B 19 8.66 8.03 6.85
N GLU B 20 7.77 8.81 7.46
CA GLU B 20 8.12 9.83 8.46
C GLU B 20 8.46 9.21 9.83
N ASN B 21 7.66 8.26 10.31
CA ASN B 21 7.86 7.59 11.60
C ASN B 21 9.21 6.82 11.66
N LEU B 22 9.62 6.20 10.56
CA LEU B 22 10.91 5.51 10.42
C LEU B 22 12.13 6.44 10.62
N GLU B 23 12.01 7.75 10.33
CA GLU B 23 13.07 8.74 10.57
C GLU B 23 13.27 9.10 12.05
N LYS B 24 12.33 8.79 12.95
CA LYS B 24 12.55 8.95 14.40
C LYS B 24 13.64 8.00 14.90
N ILE B 25 13.56 6.72 14.53
CA ILE B 25 14.49 5.60 14.84
C ILE B 25 14.53 5.23 16.34
N GLU B 26 14.64 6.22 17.22
CA GLU B 26 14.53 6.13 18.68
C GLU B 26 13.17 5.56 19.16
N LYS B 27 12.11 5.73 18.34
CA LYS B 27 10.73 5.32 18.62
C LYS B 27 10.06 4.76 17.35
N GLU B 28 9.02 3.94 17.55
CA GLU B 28 8.10 3.44 16.52
C GLU B 28 6.62 3.67 16.91
N ILE C 1 15.91 1.70 8.79
CA ILE C 1 15.12 2.60 7.90
C ILE C 1 15.25 2.26 6.41
N GLN C 2 16.43 2.39 5.80
CA GLN C 2 16.61 2.56 4.33
C GLN C 2 15.89 1.52 3.45
N ALA C 3 15.90 0.23 3.83
CA ALA C 3 15.21 -0.82 3.07
C ALA C 3 13.67 -0.62 3.02
N ILE C 4 13.05 -0.31 4.17
CA ILE C 4 11.59 -0.09 4.28
C ILE C 4 11.22 1.26 3.69
N LYS C 5 12.07 2.27 3.89
CA LYS C 5 11.99 3.60 3.27
C LYS C 5 11.89 3.53 1.75
N LYS C 6 12.79 2.76 1.12
CA LYS C 6 12.79 2.46 -0.32
C LYS C 6 11.52 1.72 -0.74
N GLU C 7 11.18 0.63 -0.05
CA GLU C 7 10.05 -0.22 -0.45
C GLU C 7 8.68 0.41 -0.24
N LEU C 8 8.44 1.15 0.85
CA LEU C 8 7.21 1.92 1.02
C LEU C 8 7.11 3.12 0.06
N THR C 9 8.23 3.69 -0.38
CA THR C 9 8.23 4.57 -1.56
C THR C 9 7.76 3.84 -2.81
N GLN C 10 8.16 2.57 -3.04
CA GLN C 10 7.63 1.76 -4.15
C GLN C 10 6.14 1.42 -3.98
N ILE C 11 5.63 1.25 -2.74
CA ILE C 11 4.17 1.13 -2.49
C ILE C 11 3.44 2.40 -2.91
N LYS C 12 3.88 3.59 -2.47
CA LYS C 12 3.34 4.89 -2.93
C LYS C 12 3.35 5.01 -4.46
N GLN C 13 4.42 4.58 -5.12
CA GLN C 13 4.57 4.63 -6.58
C GLN C 13 3.61 3.68 -7.32
N LYS C 14 3.44 2.43 -6.84
CA LYS C 14 2.46 1.49 -7.43
C LYS C 14 1.02 1.91 -7.13
N VAL C 15 0.73 2.43 -5.94
CA VAL C 15 -0.56 3.06 -5.61
C VAL C 15 -0.81 4.31 -6.47
N ASP C 16 0.22 5.10 -6.83
CA ASP C 16 0.12 6.23 -7.75
C ASP C 16 -0.22 5.82 -9.20
N SER C 17 0.48 4.84 -9.78
CA SER C 17 0.23 4.41 -11.15
C SER C 17 -1.16 3.80 -11.35
N LEU C 18 -1.76 3.23 -10.29
CA LEU C 18 -3.16 2.83 -10.29
C LEU C 18 -4.16 3.99 -10.43
N LEU C 19 -3.86 5.20 -9.94
CA LEU C 19 -4.73 6.37 -10.12
C LEU C 19 -4.95 6.69 -11.61
N GLU C 20 -3.89 6.60 -12.42
CA GLU C 20 -3.91 6.81 -13.87
C GLU C 20 -4.54 5.63 -14.64
N ASN C 21 -4.53 4.43 -14.07
CA ASN C 21 -5.28 3.28 -14.59
C ASN C 21 -6.79 3.37 -14.27
N LEU C 22 -7.17 4.01 -13.15
CA LEU C 22 -8.56 4.30 -12.77
C LEU C 22 -9.14 5.49 -13.55
N GLU C 23 -8.32 6.47 -13.91
CA GLU C 23 -8.58 7.45 -14.99
C GLU C 23 -8.66 6.81 -16.40
N LYS C 24 -8.27 5.53 -16.54
CA LYS C 24 -8.32 4.70 -17.77
C LYS C 24 -7.47 5.23 -18.93
N ILE C 25 -6.43 6.02 -18.64
CA ILE C 25 -5.73 6.85 -19.63
C ILE C 25 -4.20 6.68 -19.53
N GLU C 26 -3.66 6.24 -18.38
CA GLU C 26 -2.24 5.87 -18.20
C GLU C 26 -1.25 6.98 -18.63
N LYS C 27 -1.62 8.25 -18.37
CA LYS C 27 -0.86 9.45 -18.71
C LYS C 27 0.28 9.74 -17.72
N GLU C 28 1.06 10.76 -18.06
CA GLU C 28 2.17 11.37 -17.29
C GLU C 28 2.39 12.84 -17.72
N ILE D 1 -12.42 -4.06 -12.86
CA ILE D 1 -11.93 -4.90 -11.73
C ILE D 1 -10.55 -5.51 -11.98
N GLN D 2 -10.38 -6.45 -12.93
CA GLN D 2 -9.24 -7.38 -13.01
C GLN D 2 -7.84 -6.73 -12.95
N ALA D 3 -7.62 -5.61 -13.65
CA ALA D 3 -6.33 -4.91 -13.62
C ALA D 3 -5.99 -4.31 -12.24
N ILE D 4 -7.00 -3.75 -11.55
CA ILE D 4 -6.84 -3.18 -10.21
C ILE D 4 -6.74 -4.27 -9.15
N LYS D 5 -7.51 -5.35 -9.27
CA LYS D 5 -7.37 -6.59 -8.51
C LYS D 5 -5.93 -7.10 -8.54
N LYS D 6 -5.33 -7.21 -9.74
CA LYS D 6 -3.95 -7.66 -9.93
C LYS D 6 -2.95 -6.76 -9.20
N GLU D 7 -2.99 -5.45 -9.42
CA GLU D 7 -2.10 -4.49 -8.75
C GLU D 7 -2.28 -4.46 -7.22
N LEU D 8 -3.50 -4.41 -6.69
CA LEU D 8 -3.74 -4.43 -5.25
C LEU D 8 -3.38 -5.75 -4.55
N THR D 9 -3.57 -6.91 -5.20
CA THR D 9 -2.95 -8.17 -4.73
C THR D 9 -1.42 -8.09 -4.73
N GLN D 10 -0.79 -7.44 -5.72
CA GLN D 10 0.66 -7.19 -5.69
C GLN D 10 1.09 -6.20 -4.60
N ILE D 11 0.27 -5.21 -4.22
CA ILE D 11 0.53 -4.36 -3.04
C ILE D 11 0.51 -5.20 -1.76
N LYS D 12 -0.53 -6.02 -1.55
CA LYS D 12 -0.63 -6.94 -0.40
C LYS D 12 0.61 -7.85 -0.30
N GLN D 13 1.09 -8.37 -1.42
CA GLN D 13 2.28 -9.23 -1.50
C GLN D 13 3.58 -8.46 -1.24
N LYS D 14 3.76 -7.26 -1.81
CA LYS D 14 4.96 -6.46 -1.56
C LYS D 14 5.00 -5.97 -0.11
N VAL D 15 3.86 -5.52 0.45
CA VAL D 15 3.73 -5.20 1.88
C VAL D 15 4.07 -6.40 2.79
N ASP D 16 3.59 -7.61 2.46
CA ASP D 16 3.93 -8.84 3.21
C ASP D 16 5.44 -9.15 3.19
N SER D 17 6.09 -8.91 2.06
CA SER D 17 7.55 -9.04 1.93
C SER D 17 8.32 -8.12 2.91
N LEU D 18 7.78 -6.95 3.28
CA LEU D 18 8.42 -6.04 4.25
C LEU D 18 8.29 -6.55 5.69
N LEU D 19 7.22 -7.29 6.02
CA LEU D 19 7.13 -8.03 7.29
C LEU D 19 8.24 -9.09 7.40
N GLU D 20 8.44 -9.87 6.33
CA GLU D 20 9.50 -10.90 6.26
C GLU D 20 10.91 -10.29 6.40
N ASN D 21 11.14 -9.11 5.80
CA ASN D 21 12.38 -8.35 5.97
C ASN D 21 12.56 -7.80 7.40
N LEU D 22 11.53 -7.23 8.03
CA LEU D 22 11.62 -6.68 9.39
C LEU D 22 12.07 -7.73 10.42
N GLU D 23 11.49 -8.94 10.35
CA GLU D 23 11.89 -10.09 11.18
C GLU D 23 13.37 -10.50 11.07
N LYS D 24 14.07 -10.17 9.96
CA LYS D 24 15.52 -10.40 9.83
C LYS D 24 16.38 -9.47 10.72
N ILE D 25 15.80 -8.36 11.19
CA ILE D 25 16.42 -7.38 12.08
C ILE D 25 15.87 -7.54 13.51
N GLU D 26 14.58 -7.88 13.63
CA GLU D 26 13.83 -8.07 14.89
C GLU D 26 13.73 -6.82 15.80
N LYS D 27 14.30 -5.68 15.36
CA LYS D 27 14.27 -4.38 16.06
C LYS D 27 14.51 -3.24 15.06
N GLU D 28 13.51 -2.36 14.94
CA GLU D 28 13.53 -1.12 14.14
C GLU D 28 12.47 -0.13 14.65
N ILE A 1 9.96 -3.14 15.44
CA ILE A 1 9.05 -3.74 14.41
C ILE A 1 7.56 -3.48 14.68
N GLN A 2 7.04 -3.75 15.89
CA GLN A 2 5.61 -3.89 16.19
C GLN A 2 4.70 -2.79 15.60
N ALA A 3 5.05 -1.51 15.75
CA ALA A 3 4.26 -0.39 15.22
C ALA A 3 4.13 -0.41 13.68
N ILE A 4 5.26 -0.54 12.97
CA ILE A 4 5.30 -0.66 11.51
C ILE A 4 4.61 -1.96 11.05
N LYS A 5 4.76 -3.07 11.78
CA LYS A 5 4.05 -4.32 11.50
C LYS A 5 2.53 -4.17 11.59
N LYS A 6 2.03 -3.45 12.60
CA LYS A 6 0.60 -3.12 12.77
C LYS A 6 0.10 -2.30 11.58
N GLU A 7 0.87 -1.30 11.17
CA GLU A 7 0.53 -0.41 10.07
C GLU A 7 0.62 -1.06 8.69
N LEU A 8 1.62 -1.90 8.41
CA LEU A 8 1.67 -2.72 7.18
C LEU A 8 0.48 -3.67 7.09
N THR A 9 0.07 -4.31 8.19
CA THR A 9 -1.20 -5.07 8.23
C THR A 9 -2.44 -4.20 8.05
N GLN A 10 -2.48 -2.95 8.53
CA GLN A 10 -3.54 -2.00 8.17
C GLN A 10 -3.53 -1.66 6.67
N ILE A 11 -2.37 -1.55 6.02
CA ILE A 11 -2.28 -1.39 4.56
C ILE A 11 -2.84 -2.62 3.84
N LYS A 12 -2.43 -3.85 4.20
CA LYS A 12 -2.99 -5.08 3.61
C LYS A 12 -4.51 -5.14 3.77
N GLN A 13 -5.03 -4.81 4.95
CA GLN A 13 -6.47 -4.83 5.25
C GLN A 13 -7.22 -3.77 4.43
N LYS A 14 -6.73 -2.53 4.35
CA LYS A 14 -7.37 -1.47 3.56
C LYS A 14 -7.27 -1.72 2.06
N VAL A 15 -6.14 -2.24 1.56
CA VAL A 15 -5.99 -2.70 0.17
C VAL A 15 -6.93 -3.87 -0.15
N ASP A 16 -7.13 -4.82 0.76
CA ASP A 16 -8.09 -5.92 0.60
C ASP A 16 -9.55 -5.45 0.47
N SER A 17 -9.94 -4.45 1.27
CA SER A 17 -11.24 -3.81 1.17
C SER A 17 -11.50 -3.18 -0.21
N LEU A 18 -10.47 -2.69 -0.93
CA LEU A 18 -10.64 -2.18 -2.29
C LEU A 18 -10.90 -3.29 -3.32
N LEU A 19 -10.43 -4.53 -3.10
CA LEU A 19 -10.82 -5.67 -3.92
C LEU A 19 -12.34 -5.94 -3.84
N GLU A 20 -12.90 -5.94 -2.64
CA GLU A 20 -14.32 -6.16 -2.39
C GLU A 20 -15.21 -4.95 -2.76
N ASN A 21 -14.66 -3.73 -2.74
CA ASN A 21 -15.30 -2.54 -3.29
C ASN A 21 -15.35 -2.56 -4.83
N LEU A 22 -14.26 -2.98 -5.49
CA LEU A 22 -14.22 -3.22 -6.94
C LEU A 22 -15.15 -4.36 -7.38
N GLU A 23 -15.39 -5.35 -6.51
CA GLU A 23 -16.43 -6.38 -6.67
C GLU A 23 -17.88 -5.83 -6.52
N LYS A 24 -18.03 -4.51 -6.30
CA LYS A 24 -19.30 -3.76 -6.23
C LYS A 24 -20.20 -4.14 -5.05
N ILE A 25 -19.61 -4.67 -3.98
CA ILE A 25 -20.32 -5.30 -2.84
C ILE A 25 -19.92 -4.66 -1.50
N GLU A 26 -18.66 -4.26 -1.31
CA GLU A 26 -18.18 -3.61 -0.08
C GLU A 26 -17.95 -2.10 -0.28
N LYS A 27 -18.97 -1.43 -0.85
CA LYS A 27 -19.03 0.02 -1.06
C LYS A 27 -19.28 0.79 0.25
N GLU A 28 -18.29 0.78 1.14
CA GLU A 28 -18.28 1.51 2.43
C GLU A 28 -18.62 3.01 2.32
N ILE B 1 -14.33 4.62 -10.15
CA ILE B 1 -13.12 5.50 -10.14
C ILE B 1 -12.96 6.27 -8.83
N GLN B 2 -13.73 7.34 -8.58
CA GLN B 2 -13.42 8.35 -7.56
C GLN B 2 -13.22 7.77 -6.14
N ALA B 3 -14.06 6.81 -5.73
CA ALA B 3 -13.94 6.15 -4.43
C ALA B 3 -12.60 5.41 -4.26
N ILE B 4 -12.19 4.60 -5.24
CA ILE B 4 -10.94 3.85 -5.19
C ILE B 4 -9.74 4.80 -5.34
N LYS B 5 -9.83 5.88 -6.13
CA LYS B 5 -8.81 6.94 -6.14
C LYS B 5 -8.62 7.60 -4.77
N LYS B 6 -9.70 7.91 -4.05
CA LYS B 6 -9.63 8.48 -2.70
C LYS B 6 -8.96 7.52 -1.72
N GLU B 7 -9.32 6.24 -1.78
CA GLU B 7 -8.72 5.20 -0.94
C GLU B 7 -7.24 4.91 -1.27
N LEU B 8 -6.85 4.83 -2.54
CA LEU B 8 -5.43 4.77 -2.93
C LEU B 8 -4.65 6.01 -2.46
N THR B 9 -5.23 7.21 -2.55
CA THR B 9 -4.65 8.44 -1.97
C THR B 9 -4.46 8.32 -0.45
N GLN B 10 -5.42 7.74 0.28
CA GLN B 10 -5.27 7.43 1.70
C GLN B 10 -4.15 6.41 1.95
N ILE B 11 -4.00 5.37 1.11
CA ILE B 11 -2.87 4.42 1.21
C ILE B 11 -1.52 5.13 1.02
N LYS B 12 -1.36 6.01 0.02
CA LYS B 12 -0.14 6.84 -0.13
C LYS B 12 0.18 7.63 1.14
N GLN B 13 -0.83 8.24 1.76
CA GLN B 13 -0.66 9.06 2.96
C GLN B 13 -0.36 8.21 4.22
N LYS B 14 -0.96 7.02 4.37
CA LYS B 14 -0.58 6.08 5.42
C LYS B 14 0.85 5.56 5.23
N VAL B 15 1.21 5.14 4.01
CA VAL B 15 2.59 4.70 3.69
C VAL B 15 3.61 5.83 3.91
N ASP B 16 3.28 7.08 3.60
CA ASP B 16 4.10 8.27 3.92
C ASP B 16 4.27 8.49 5.42
N SER B 17 3.22 8.23 6.22
CA SER B 17 3.31 8.22 7.68
C SER B 17 4.34 7.20 8.21
N LEU B 18 4.48 6.04 7.56
CA LEU B 18 5.52 5.06 7.91
C LEU B 18 6.92 5.51 7.48
N LEU B 19 7.07 6.21 6.34
CA LEU B 19 8.32 6.88 5.98
C LEU B 19 8.75 7.90 7.06
N GLU B 20 7.81 8.67 7.59
CA GLU B 20 8.05 9.62 8.70
C GLU B 20 8.37 8.91 10.03
N ASN B 21 7.79 7.75 10.28
CA ASN B 21 8.09 6.92 11.46
C ASN B 21 9.52 6.34 11.42
N LEU B 22 9.96 5.81 10.26
CA LEU B 22 11.29 5.20 10.07
C LEU B 22 12.46 6.14 10.41
N GLU B 23 12.26 7.45 10.30
CA GLU B 23 13.25 8.49 10.66
C GLU B 23 13.67 8.46 12.16
N LYS B 24 12.92 7.77 13.04
CA LYS B 24 13.27 7.60 14.46
C LYS B 24 12.88 6.26 15.08
N ILE B 25 11.68 5.72 14.79
CA ILE B 25 11.05 4.48 15.30
C ILE B 25 10.89 4.41 16.84
N GLU B 26 11.96 4.58 17.60
CA GLU B 26 12.04 4.38 19.07
C GLU B 26 11.43 5.53 19.90
N LYS B 27 10.78 6.51 19.25
CA LYS B 27 10.17 7.70 19.86
C LYS B 27 8.68 7.78 19.50
N GLU B 28 7.87 7.02 20.25
CA GLU B 28 6.39 6.97 20.15
C GLU B 28 5.68 8.34 20.30
N ILE C 1 16.29 1.59 8.31
CA ILE C 1 15.49 2.54 7.48
C ILE C 1 15.62 2.27 5.97
N GLN C 2 16.78 2.47 5.34
CA GLN C 2 16.91 2.69 3.87
C GLN C 2 16.18 1.67 2.98
N ALA C 3 16.30 0.37 3.26
CA ALA C 3 15.61 -0.68 2.49
C ALA C 3 14.08 -0.59 2.59
N ILE C 4 13.55 -0.40 3.81
CA ILE C 4 12.11 -0.29 4.06
C ILE C 4 11.56 1.04 3.51
N LYS C 5 12.34 2.13 3.60
CA LYS C 5 12.06 3.40 2.94
C LYS C 5 11.87 3.21 1.43
N LYS C 6 12.78 2.50 0.76
CA LYS C 6 12.69 2.21 -0.68
C LYS C 6 11.44 1.39 -1.03
N GLU C 7 11.13 0.36 -0.26
CA GLU C 7 9.90 -0.43 -0.45
C GLU C 7 8.62 0.41 -0.26
N LEU C 8 8.49 1.19 0.82
CA LEU C 8 7.37 2.12 1.02
C LEU C 8 7.25 3.16 -0.11
N THR C 9 8.36 3.70 -0.63
CA THR C 9 8.36 4.54 -1.84
C THR C 9 7.81 3.79 -3.06
N GLN C 10 8.20 2.53 -3.27
CA GLN C 10 7.65 1.69 -4.36
C GLN C 10 6.16 1.39 -4.17
N ILE C 11 5.66 1.26 -2.93
CA ILE C 11 4.22 1.18 -2.65
C ILE C 11 3.52 2.48 -3.06
N LYS C 12 4.00 3.66 -2.64
CA LYS C 12 3.45 4.95 -3.08
C LYS C 12 3.44 5.08 -4.61
N GLN C 13 4.49 4.62 -5.29
CA GLN C 13 4.61 4.67 -6.76
C GLN C 13 3.59 3.74 -7.44
N LYS C 14 3.42 2.50 -6.98
CA LYS C 14 2.43 1.58 -7.55
C LYS C 14 0.99 2.00 -7.21
N VAL C 15 0.73 2.45 -5.99
CA VAL C 15 -0.58 3.01 -5.60
C VAL C 15 -0.91 4.29 -6.40
N ASP C 16 0.06 5.16 -6.68
CA ASP C 16 -0.09 6.32 -7.58
C ASP C 16 -0.39 5.92 -9.02
N SER C 17 0.32 4.92 -9.54
CA SER C 17 0.07 4.35 -10.88
C SER C 17 -1.39 3.87 -11.04
N LEU C 18 -1.99 3.33 -9.99
CA LEU C 18 -3.40 2.94 -9.97
C LEU C 18 -4.38 4.12 -10.01
N LEU C 19 -4.03 5.31 -9.49
CA LEU C 19 -4.83 6.52 -9.70
C LEU C 19 -4.98 6.86 -11.19
N GLU C 20 -3.90 6.71 -11.96
CA GLU C 20 -3.83 7.03 -13.38
C GLU C 20 -4.46 5.95 -14.30
N ASN C 21 -4.43 4.68 -13.87
CA ASN C 21 -5.14 3.57 -14.52
C ASN C 21 -6.66 3.62 -14.29
N LEU C 22 -7.12 4.02 -13.09
CA LEU C 22 -8.56 4.18 -12.78
C LEU C 22 -9.20 5.30 -13.60
N GLU C 23 -8.44 6.36 -13.91
CA GLU C 23 -8.78 7.42 -14.86
C GLU C 23 -8.76 6.98 -16.34
N LYS C 24 -8.51 5.68 -16.61
CA LYS C 24 -8.61 5.00 -17.92
C LYS C 24 -7.63 5.52 -18.99
N ILE C 25 -6.54 6.18 -18.57
CA ILE C 25 -5.68 6.97 -19.47
C ILE C 25 -4.23 6.47 -19.50
N GLU C 26 -3.67 6.02 -18.37
CA GLU C 26 -2.33 5.40 -18.38
C GLU C 26 -2.35 3.99 -19.01
N LYS C 27 -3.34 3.16 -18.63
CA LYS C 27 -3.60 1.79 -19.12
C LYS C 27 -2.43 0.78 -19.06
N GLU C 28 -1.32 1.10 -18.39
CA GLU C 28 -0.16 0.21 -18.16
C GLU C 28 -0.47 -0.99 -17.25
N ILE D 1 -12.24 -4.29 -13.14
CA ILE D 1 -11.66 -4.92 -11.92
C ILE D 1 -10.30 -5.57 -12.15
N GLN D 2 -10.18 -6.59 -13.00
CA GLN D 2 -9.08 -7.58 -13.00
C GLN D 2 -7.65 -6.98 -12.98
N ALA D 3 -7.36 -5.95 -13.78
CA ALA D 3 -6.05 -5.28 -13.80
C ALA D 3 -5.73 -4.58 -12.46
N ILE D 4 -6.70 -3.86 -11.89
CA ILE D 4 -6.54 -3.20 -10.58
C ILE D 4 -6.48 -4.23 -9.45
N LYS D 5 -7.22 -5.35 -9.55
CA LYS D 5 -7.14 -6.47 -8.62
C LYS D 5 -5.73 -7.09 -8.58
N LYS D 6 -5.09 -7.28 -9.74
CA LYS D 6 -3.72 -7.80 -9.84
C LYS D 6 -2.72 -6.88 -9.12
N GLU D 7 -2.89 -5.57 -9.28
CA GLU D 7 -2.03 -4.55 -8.67
C GLU D 7 -2.29 -4.36 -7.16
N LEU D 8 -3.55 -4.32 -6.69
CA LEU D 8 -3.86 -4.39 -5.25
C LEU D 8 -3.30 -5.67 -4.60
N THR D 9 -3.39 -6.82 -5.29
CA THR D 9 -2.72 -8.07 -4.87
C THR D 9 -1.20 -7.89 -4.77
N GLN D 10 -0.54 -7.24 -5.74
CA GLN D 10 0.89 -6.90 -5.68
C GLN D 10 1.24 -5.97 -4.51
N ILE D 11 0.39 -5.00 -4.17
CA ILE D 11 0.57 -4.18 -2.95
C ILE D 11 0.52 -5.05 -1.70
N LYS D 12 -0.50 -5.92 -1.53
CA LYS D 12 -0.53 -6.87 -0.39
C LYS D 12 0.71 -7.76 -0.33
N GLN D 13 1.20 -8.24 -1.47
CA GLN D 13 2.39 -9.10 -1.54
C GLN D 13 3.67 -8.34 -1.13
N LYS D 14 3.87 -7.11 -1.61
CA LYS D 14 5.05 -6.30 -1.24
C LYS D 14 4.97 -5.80 0.21
N VAL D 15 3.79 -5.39 0.66
CA VAL D 15 3.55 -5.01 2.07
C VAL D 15 3.69 -6.21 3.04
N ASP D 16 3.33 -7.44 2.62
CA ASP D 16 3.60 -8.67 3.38
C ASP D 16 5.10 -9.02 3.42
N SER D 17 5.77 -8.94 2.26
CA SER D 17 7.23 -9.13 2.16
C SER D 17 8.01 -8.19 3.08
N LEU D 18 7.53 -6.95 3.25
CA LEU D 18 8.09 -5.99 4.21
C LEU D 18 8.07 -6.46 5.68
N LEU D 19 7.07 -7.26 6.10
CA LEU D 19 7.08 -7.85 7.45
C LEU D 19 8.27 -8.79 7.67
N GLU D 20 8.58 -9.65 6.70
CA GLU D 20 9.73 -10.58 6.78
C GLU D 20 11.08 -9.85 6.77
N ASN D 21 11.18 -8.78 5.96
CA ASN D 21 12.33 -7.88 5.93
C ASN D 21 12.57 -7.17 7.28
N LEU D 22 11.51 -6.68 7.93
CA LEU D 22 11.55 -6.08 9.27
C LEU D 22 11.86 -7.11 10.37
N GLU D 23 11.39 -8.36 10.22
CA GLU D 23 11.69 -9.50 11.11
C GLU D 23 13.14 -10.01 11.02
N LYS D 24 14.01 -9.33 10.23
CA LYS D 24 15.45 -9.56 10.11
C LYS D 24 15.81 -10.91 9.45
N ILE D 25 15.04 -11.30 8.43
CA ILE D 25 15.20 -12.55 7.67
C ILE D 25 15.33 -12.22 6.18
N GLU D 26 16.56 -12.42 5.69
CA GLU D 26 17.08 -12.28 4.31
C GLU D 26 17.01 -10.87 3.66
N LYS D 27 16.05 -10.02 4.06
CA LYS D 27 15.85 -8.63 3.59
C LYS D 27 15.99 -8.46 2.07
N GLU D 28 15.25 -9.28 1.30
CA GLU D 28 15.18 -9.23 -0.17
C GLU D 28 14.60 -7.92 -0.74
N ILE A 1 10.64 -3.22 14.65
CA ILE A 1 9.64 -4.01 13.87
C ILE A 1 8.18 -3.72 14.25
N GLN A 2 7.75 -3.98 15.49
CA GLN A 2 6.33 -4.16 15.86
C GLN A 2 5.38 -3.04 15.36
N ALA A 3 5.78 -1.77 15.47
CA ALA A 3 4.98 -0.65 14.98
C ALA A 3 4.77 -0.70 13.44
N ILE A 4 5.85 -0.79 12.66
CA ILE A 4 5.80 -0.92 11.19
C ILE A 4 5.06 -2.19 10.77
N LYS A 5 5.24 -3.32 11.48
CA LYS A 5 4.53 -4.56 11.25
C LYS A 5 3.02 -4.31 11.36
N LYS A 6 2.56 -3.73 12.47
CA LYS A 6 1.13 -3.47 12.72
C LYS A 6 0.54 -2.55 11.66
N GLU A 7 1.24 -1.47 11.33
CA GLU A 7 0.82 -0.53 10.28
C GLU A 7 0.81 -1.13 8.86
N LEU A 8 1.83 -1.89 8.44
CA LEU A 8 1.81 -2.64 7.17
C LEU A 8 0.73 -3.73 7.12
N THR A 9 0.45 -4.44 8.21
CA THR A 9 -0.76 -5.29 8.32
C THR A 9 -2.03 -4.48 8.08
N GLN A 10 -2.14 -3.25 8.60
CA GLN A 10 -3.26 -2.36 8.26
C GLN A 10 -3.25 -1.87 6.80
N ILE A 11 -2.10 -1.70 6.14
CA ILE A 11 -2.05 -1.45 4.69
C ILE A 11 -2.63 -2.65 3.92
N LYS A 12 -2.24 -3.89 4.25
CA LYS A 12 -2.84 -5.10 3.65
C LYS A 12 -4.36 -5.13 3.83
N GLN A 13 -4.86 -4.76 5.01
CA GLN A 13 -6.30 -4.71 5.31
C GLN A 13 -7.03 -3.57 4.57
N LYS A 14 -6.44 -2.37 4.47
CA LYS A 14 -7.07 -1.25 3.75
C LYS A 14 -7.03 -1.47 2.23
N VAL A 15 -5.96 -2.08 1.71
CA VAL A 15 -5.93 -2.56 0.33
C VAL A 15 -6.96 -3.69 0.09
N ASP A 16 -7.15 -4.62 1.03
CA ASP A 16 -8.21 -5.65 0.96
C ASP A 16 -9.62 -5.05 0.94
N SER A 17 -9.84 -3.96 1.68
CA SER A 17 -11.08 -3.19 1.64
C SER A 17 -11.39 -2.65 0.23
N LEU A 18 -10.37 -2.22 -0.51
CA LEU A 18 -10.53 -1.90 -1.94
C LEU A 18 -10.79 -3.14 -2.81
N LEU A 19 -10.10 -4.26 -2.58
CA LEU A 19 -10.38 -5.53 -3.28
C LEU A 19 -11.85 -5.96 -3.14
N GLU A 20 -12.45 -5.73 -1.97
CA GLU A 20 -13.88 -5.99 -1.71
C GLU A 20 -14.80 -5.01 -2.44
N ASN A 21 -14.51 -3.70 -2.39
CA ASN A 21 -15.30 -2.66 -3.06
C ASN A 21 -15.26 -2.74 -4.61
N LEU A 22 -14.13 -3.16 -5.20
CA LEU A 22 -13.94 -3.29 -6.64
C LEU A 22 -14.87 -4.34 -7.30
N GLU A 23 -15.34 -5.33 -6.54
CA GLU A 23 -16.39 -6.28 -6.96
C GLU A 23 -17.79 -5.65 -7.10
N LYS A 24 -18.02 -4.43 -6.58
CA LYS A 24 -19.31 -3.74 -6.60
C LYS A 24 -19.32 -2.53 -7.51
N ILE A 25 -18.52 -1.51 -7.18
CA ILE A 25 -18.29 -0.24 -7.89
C ILE A 25 -19.54 0.66 -8.08
N GLU A 26 -20.66 0.13 -8.57
CA GLU A 26 -21.88 0.89 -8.90
C GLU A 26 -22.58 1.49 -7.67
N LYS A 27 -22.51 0.80 -6.51
CA LYS A 27 -23.04 1.24 -5.21
C LYS A 27 -22.44 0.43 -4.06
N GLU A 28 -22.38 1.04 -2.86
CA GLU A 28 -21.95 0.43 -1.59
C GLU A 28 -22.53 1.19 -0.38
N ILE B 1 -14.24 4.92 -10.64
CA ILE B 1 -12.96 5.70 -10.55
C ILE B 1 -12.84 6.50 -9.25
N GLN B 2 -13.60 7.59 -9.04
CA GLN B 2 -13.34 8.59 -7.98
C GLN B 2 -13.23 8.03 -6.55
N ALA B 3 -14.12 7.13 -6.15
CA ALA B 3 -14.07 6.50 -4.83
C ALA B 3 -12.80 5.64 -4.63
N ILE B 4 -12.35 4.96 -5.69
CA ILE B 4 -11.12 4.16 -5.67
C ILE B 4 -9.90 5.08 -5.57
N LYS B 5 -9.90 6.16 -6.34
CA LYS B 5 -8.84 7.19 -6.30
C LYS B 5 -8.63 7.77 -4.90
N LYS B 6 -9.70 8.11 -4.17
CA LYS B 6 -9.58 8.65 -2.80
C LYS B 6 -8.97 7.63 -1.84
N GLU B 7 -9.37 6.37 -1.91
CA GLU B 7 -8.78 5.29 -1.10
C GLU B 7 -7.31 5.00 -1.45
N LEU B 8 -6.94 4.93 -2.73
CA LEU B 8 -5.54 4.83 -3.17
C LEU B 8 -4.70 6.02 -2.68
N THR B 9 -5.25 7.25 -2.77
CA THR B 9 -4.61 8.45 -2.21
C THR B 9 -4.41 8.34 -0.70
N GLN B 10 -5.37 7.79 0.04
CA GLN B 10 -5.22 7.51 1.48
C GLN B 10 -4.18 6.42 1.76
N ILE B 11 -3.99 5.42 0.89
CA ILE B 11 -2.86 4.48 1.00
C ILE B 11 -1.53 5.21 0.83
N LYS B 12 -1.35 6.05 -0.21
CA LYS B 12 -0.15 6.89 -0.40
C LYS B 12 0.16 7.71 0.85
N GLN B 13 -0.85 8.31 1.49
CA GLN B 13 -0.70 9.10 2.72
C GLN B 13 -0.38 8.24 3.96
N LYS B 14 -1.01 7.06 4.12
CA LYS B 14 -0.71 6.16 5.25
C LYS B 14 0.68 5.54 5.11
N VAL B 15 1.08 5.16 3.90
CA VAL B 15 2.45 4.73 3.56
C VAL B 15 3.48 5.85 3.78
N ASP B 16 3.18 7.09 3.38
CA ASP B 16 4.01 8.28 3.66
C ASP B 16 4.23 8.52 5.15
N SER B 17 3.17 8.34 5.95
CA SER B 17 3.22 8.44 7.41
C SER B 17 4.17 7.40 8.06
N LEU B 18 4.40 6.23 7.45
CA LEU B 18 5.41 5.28 7.91
C LEU B 18 6.84 5.70 7.55
N LEU B 19 7.07 6.50 6.51
CA LEU B 19 8.36 7.16 6.26
C LEU B 19 8.73 8.09 7.43
N GLU B 20 7.75 8.86 7.93
CA GLU B 20 7.91 9.74 9.09
C GLU B 20 8.11 8.96 10.40
N ASN B 21 7.31 7.92 10.64
CA ASN B 21 7.41 7.09 11.84
C ASN B 21 8.72 6.28 11.91
N LEU B 22 9.26 5.80 10.79
CA LEU B 22 10.57 5.10 10.76
C LEU B 22 11.69 5.95 11.38
N GLU B 23 11.72 7.25 11.07
CA GLU B 23 12.67 8.22 11.62
C GLU B 23 12.59 8.38 13.15
N LYS B 24 11.46 8.03 13.78
CA LYS B 24 11.24 8.07 15.25
C LYS B 24 11.28 6.68 15.92
N ILE B 25 11.39 5.61 15.14
CA ILE B 25 11.52 4.21 15.60
C ILE B 25 12.99 3.77 15.52
N GLU B 26 13.72 4.16 14.46
CA GLU B 26 15.14 3.83 14.27
C GLU B 26 16.05 4.53 15.31
N LYS B 27 15.67 5.73 15.76
CA LYS B 27 16.40 6.54 16.76
C LYS B 27 15.48 7.44 17.60
N GLU B 28 16.02 7.93 18.72
CA GLU B 28 15.41 8.83 19.73
C GLU B 28 13.88 8.66 19.96
N ILE C 1 16.34 1.82 8.45
CA ILE C 1 15.37 2.76 7.80
C ILE C 1 15.42 2.70 6.27
N GLN C 2 16.53 3.08 5.61
CA GLN C 2 16.56 3.42 4.18
C GLN C 2 15.95 2.37 3.23
N ALA C 3 16.12 1.07 3.51
CA ALA C 3 15.47 0.00 2.75
C ALA C 3 13.93 0.04 2.84
N ILE C 4 13.36 -0.01 4.05
CA ILE C 4 11.91 0.05 4.30
C ILE C 4 11.33 1.38 3.79
N LYS C 5 12.08 2.47 3.96
CA LYS C 5 11.76 3.81 3.45
C LYS C 5 11.63 3.80 1.92
N LYS C 6 12.57 3.19 1.19
CA LYS C 6 12.45 3.02 -0.27
C LYS C 6 11.26 2.13 -0.63
N GLU C 7 11.07 1.00 0.04
CA GLU C 7 9.99 0.08 -0.29
C GLU C 7 8.60 0.67 -0.01
N LEU C 8 8.41 1.42 1.08
CA LEU C 8 7.23 2.27 1.31
C LEU C 8 7.06 3.29 0.17
N THR C 9 8.13 4.01 -0.21
CA THR C 9 8.10 4.93 -1.36
C THR C 9 7.66 4.22 -2.64
N GLN C 10 8.14 3.01 -2.93
CA GLN C 10 7.67 2.17 -4.04
C GLN C 10 6.21 1.69 -3.92
N ILE C 11 5.59 1.67 -2.73
CA ILE C 11 4.21 1.19 -2.56
C ILE C 11 3.30 2.35 -2.90
N LYS C 12 3.59 3.50 -2.28
CA LYS C 12 3.04 4.80 -2.64
C LYS C 12 3.13 5.08 -4.16
N GLN C 13 4.26 4.77 -4.81
CA GLN C 13 4.43 4.92 -6.26
C GLN C 13 3.69 3.86 -7.09
N LYS C 14 3.63 2.59 -6.67
CA LYS C 14 2.84 1.56 -7.37
C LYS C 14 1.33 1.78 -7.21
N VAL C 15 0.88 2.33 -6.08
CA VAL C 15 -0.48 2.85 -5.89
C VAL C 15 -0.77 4.09 -6.76
N ASP C 16 0.19 5.01 -6.91
CA ASP C 16 0.09 6.14 -7.86
C ASP C 16 -0.08 5.68 -9.31
N SER C 17 0.61 4.60 -9.69
CA SER C 17 0.42 3.94 -10.98
C SER C 17 -1.02 3.45 -11.19
N LEU C 18 -1.75 3.05 -10.13
CA LEU C 18 -3.15 2.63 -10.26
C LEU C 18 -4.10 3.82 -10.39
N LEU C 19 -3.77 4.99 -9.80
CA LEU C 19 -4.49 6.24 -10.07
C LEU C 19 -4.47 6.59 -11.57
N GLU C 20 -3.34 6.39 -12.24
CA GLU C 20 -3.22 6.55 -13.70
C GLU C 20 -4.01 5.47 -14.46
N ASN C 21 -3.92 4.20 -14.03
CA ASN C 21 -4.65 3.10 -14.69
C ASN C 21 -6.18 3.28 -14.64
N LEU C 22 -6.74 3.77 -13.52
CA LEU C 22 -8.18 4.00 -13.35
C LEU C 22 -8.77 4.99 -14.36
N GLU C 23 -8.02 6.03 -14.73
CA GLU C 23 -8.35 6.99 -15.80
C GLU C 23 -8.37 6.38 -17.22
N LYS C 24 -7.95 5.11 -17.38
CA LYS C 24 -7.69 4.46 -18.68
C LYS C 24 -8.46 3.15 -18.83
N ILE C 25 -8.08 2.12 -18.07
CA ILE C 25 -8.68 0.77 -17.96
C ILE C 25 -8.74 -0.06 -19.27
N GLU C 26 -9.19 0.50 -20.39
CA GLU C 26 -9.47 -0.21 -21.65
C GLU C 26 -8.24 -0.46 -22.54
N LYS C 27 -7.04 -0.01 -22.11
CA LYS C 27 -5.80 0.00 -22.92
C LYS C 27 -4.58 -0.43 -22.10
N GLU C 28 -3.84 -1.41 -22.63
CA GLU C 28 -2.66 -2.11 -22.04
C GLU C 28 -2.75 -2.38 -20.51
N ILE D 1 -12.41 -3.33 -12.86
CA ILE D 1 -12.22 -4.33 -11.76
C ILE D 1 -10.93 -5.15 -11.92
N GLN D 2 -10.88 -6.13 -12.84
CA GLN D 2 -9.88 -7.22 -12.79
C GLN D 2 -8.41 -6.73 -12.77
N ALA D 3 -8.07 -5.67 -13.49
CA ALA D 3 -6.74 -5.06 -13.45
C ALA D 3 -6.38 -4.56 -12.04
N ILE D 4 -7.19 -3.68 -11.44
CA ILE D 4 -6.96 -3.10 -10.13
C ILE D 4 -7.02 -4.17 -9.03
N LYS D 5 -7.87 -5.21 -9.17
CA LYS D 5 -7.85 -6.40 -8.31
C LYS D 5 -6.47 -7.08 -8.28
N LYS D 6 -5.91 -7.37 -9.46
CA LYS D 6 -4.60 -8.03 -9.59
C LYS D 6 -3.48 -7.13 -9.04
N GLU D 7 -3.51 -5.84 -9.38
CA GLU D 7 -2.53 -4.85 -8.96
C GLU D 7 -2.54 -4.58 -7.45
N LEU D 8 -3.72 -4.49 -6.81
CA LEU D 8 -3.80 -4.40 -5.35
C LEU D 8 -3.46 -5.72 -4.63
N THR D 9 -3.71 -6.90 -5.22
CA THR D 9 -3.17 -8.16 -4.71
C THR D 9 -1.63 -8.15 -4.68
N GLN D 10 -0.96 -7.65 -5.71
CA GLN D 10 0.51 -7.50 -5.65
C GLN D 10 0.99 -6.42 -4.67
N ILE D 11 0.19 -5.38 -4.37
CA ILE D 11 0.49 -4.46 -3.24
C ILE D 11 0.45 -5.21 -1.90
N LYS D 12 -0.58 -6.00 -1.61
CA LYS D 12 -0.64 -6.83 -0.38
C LYS D 12 0.58 -7.74 -0.26
N GLN D 13 1.00 -8.36 -1.36
CA GLN D 13 2.15 -9.26 -1.44
C GLN D 13 3.47 -8.50 -1.24
N LYS D 14 3.65 -7.32 -1.85
CA LYS D 14 4.85 -6.50 -1.66
C LYS D 14 4.94 -5.95 -0.23
N VAL D 15 3.82 -5.57 0.38
CA VAL D 15 3.76 -5.24 1.81
C VAL D 15 4.09 -6.45 2.70
N ASP D 16 3.59 -7.66 2.39
CA ASP D 16 3.94 -8.89 3.10
C ASP D 16 5.45 -9.21 3.05
N SER D 17 6.09 -8.92 1.92
CA SER D 17 7.53 -9.02 1.75
C SER D 17 8.31 -8.12 2.73
N LEU D 18 7.83 -6.92 3.05
CA LEU D 18 8.42 -6.08 4.10
C LEU D 18 8.17 -6.64 5.50
N LEU D 19 7.00 -7.23 5.79
CA LEU D 19 6.78 -7.94 7.07
C LEU D 19 7.84 -9.05 7.28
N GLU D 20 8.15 -9.82 6.24
CA GLU D 20 9.15 -10.90 6.26
C GLU D 20 10.59 -10.37 6.37
N ASN D 21 10.92 -9.28 5.67
CA ASN D 21 12.23 -8.65 5.70
C ASN D 21 12.51 -7.86 7.00
N LEU D 22 11.49 -7.29 7.66
CA LEU D 22 11.60 -6.66 8.99
C LEU D 22 12.03 -7.66 10.07
N GLU D 23 11.66 -8.94 9.95
CA GLU D 23 12.16 -10.05 10.78
C GLU D 23 13.62 -10.45 10.50
N LYS D 24 14.30 -9.74 9.57
CA LYS D 24 15.70 -9.95 9.15
C LYS D 24 15.97 -11.36 8.59
N ILE D 25 14.96 -11.97 7.96
CA ILE D 25 15.10 -13.27 7.27
C ILE D 25 15.82 -13.08 5.92
N GLU D 26 15.75 -11.87 5.34
CA GLU D 26 16.32 -11.50 4.04
C GLU D 26 15.96 -12.48 2.91
N LYS D 27 14.70 -12.94 2.92
CA LYS D 27 14.10 -13.93 2.00
C LYS D 27 13.94 -13.42 0.55
N GLU D 28 15.07 -13.11 -0.10
CA GLU D 28 15.18 -12.75 -1.53
C GLU D 28 14.61 -13.81 -2.51
N ILE A 1 10.08 -3.01 14.96
CA ILE A 1 9.08 -3.75 14.15
C ILE A 1 7.62 -3.41 14.51
N GLN A 2 7.15 -3.70 15.74
CA GLN A 2 5.72 -3.87 16.05
C GLN A 2 4.78 -2.77 15.52
N ALA A 3 5.13 -1.49 15.69
CA ALA A 3 4.33 -0.37 15.19
C ALA A 3 4.22 -0.36 13.65
N ILE A 4 5.35 -0.47 12.94
CA ILE A 4 5.40 -0.53 11.46
C ILE A 4 4.64 -1.76 10.97
N LYS A 5 4.83 -2.89 11.65
CA LYS A 5 4.16 -4.17 11.37
C LYS A 5 2.63 -4.04 11.43
N LYS A 6 2.11 -3.41 12.48
CA LYS A 6 0.66 -3.14 12.65
C LYS A 6 0.14 -2.25 11.51
N GLU A 7 0.91 -1.24 11.12
CA GLU A 7 0.56 -0.37 9.99
C GLU A 7 0.64 -1.04 8.61
N LEU A 8 1.65 -1.87 8.31
CA LEU A 8 1.67 -2.70 7.10
C LEU A 8 0.46 -3.67 7.04
N THR A 9 0.05 -4.26 8.18
CA THR A 9 -1.22 -5.02 8.26
C THR A 9 -2.44 -4.13 7.95
N GLN A 10 -2.48 -2.89 8.45
CA GLN A 10 -3.51 -1.91 8.09
C GLN A 10 -3.51 -1.64 6.58
N ILE A 11 -2.35 -1.47 5.93
CA ILE A 11 -2.31 -1.31 4.46
C ILE A 11 -2.88 -2.53 3.75
N LYS A 12 -2.44 -3.75 4.09
CA LYS A 12 -2.95 -5.01 3.51
C LYS A 12 -4.47 -5.12 3.60
N GLN A 13 -5.08 -4.71 4.72
CA GLN A 13 -6.53 -4.80 4.90
C GLN A 13 -7.31 -3.60 4.32
N LYS A 14 -6.73 -2.40 4.14
CA LYS A 14 -7.37 -1.34 3.33
C LYS A 14 -7.27 -1.65 1.84
N VAL A 15 -6.15 -2.21 1.37
CA VAL A 15 -6.03 -2.76 0.01
C VAL A 15 -6.99 -3.95 -0.22
N ASP A 16 -7.25 -4.79 0.79
CA ASP A 16 -8.30 -5.83 0.74
C ASP A 16 -9.72 -5.26 0.70
N SER A 17 -9.98 -4.20 1.48
CA SER A 17 -11.25 -3.44 1.42
C SER A 17 -11.49 -2.84 0.02
N LEU A 18 -10.43 -2.35 -0.64
CA LEU A 18 -10.46 -1.94 -2.05
C LEU A 18 -10.82 -3.09 -2.99
N LEU A 19 -10.22 -4.28 -2.84
CA LEU A 19 -10.60 -5.49 -3.60
C LEU A 19 -12.09 -5.82 -3.45
N GLU A 20 -12.63 -5.75 -2.23
CA GLU A 20 -14.05 -5.99 -1.94
C GLU A 20 -14.98 -4.92 -2.53
N ASN A 21 -14.52 -3.67 -2.60
CA ASN A 21 -15.26 -2.57 -3.22
C ASN A 21 -15.41 -2.75 -4.75
N LEU A 22 -14.32 -3.12 -5.42
CA LEU A 22 -14.24 -3.30 -6.88
C LEU A 22 -15.19 -4.35 -7.46
N GLU A 23 -15.67 -5.29 -6.65
CA GLU A 23 -16.69 -6.29 -7.05
C GLU A 23 -18.07 -5.68 -7.37
N LYS A 24 -18.31 -4.39 -7.04
CA LYS A 24 -19.57 -3.68 -7.38
C LYS A 24 -19.40 -2.21 -7.76
N ILE A 25 -18.62 -1.43 -7.01
CA ILE A 25 -18.31 0.02 -7.20
C ILE A 25 -19.52 0.99 -7.15
N GLU A 26 -20.58 0.73 -7.93
CA GLU A 26 -21.75 1.61 -8.10
C GLU A 26 -22.53 1.88 -6.80
N LYS A 27 -22.47 0.92 -5.85
CA LYS A 27 -22.87 1.03 -4.45
C LYS A 27 -21.88 0.19 -3.63
N GLU A 28 -21.87 0.38 -2.31
CA GLU A 28 -20.98 -0.30 -1.35
C GLU A 28 -19.48 -0.26 -1.76
N ILE B 1 -14.47 5.61 -10.42
CA ILE B 1 -13.13 6.06 -9.93
C ILE B 1 -13.16 6.67 -8.52
N GLN B 2 -13.96 7.71 -8.23
CA GLN B 2 -13.78 8.62 -7.09
C GLN B 2 -13.55 7.94 -5.72
N ALA B 3 -14.37 6.95 -5.34
CA ALA B 3 -14.21 6.22 -4.08
C ALA B 3 -12.91 5.39 -4.03
N ILE B 4 -12.57 4.70 -5.12
CA ILE B 4 -11.33 3.92 -5.28
C ILE B 4 -10.12 4.84 -5.14
N LYS B 5 -10.19 5.99 -5.81
CA LYS B 5 -9.18 7.05 -5.79
C LYS B 5 -8.94 7.60 -4.37
N LYS B 6 -10.01 7.82 -3.59
CA LYS B 6 -9.90 8.28 -2.19
C LYS B 6 -9.12 7.27 -1.35
N GLU B 7 -9.45 5.99 -1.43
CA GLU B 7 -8.74 4.93 -0.70
C GLU B 7 -7.28 4.77 -1.15
N LEU B 8 -6.97 4.83 -2.45
CA LEU B 8 -5.59 4.81 -2.94
C LEU B 8 -4.75 6.00 -2.42
N THR B 9 -5.33 7.19 -2.27
CA THR B 9 -4.65 8.32 -1.62
C THR B 9 -4.53 8.18 -0.10
N GLN B 10 -5.53 7.58 0.58
CA GLN B 10 -5.37 7.16 1.97
C GLN B 10 -4.20 6.16 2.15
N ILE B 11 -4.03 5.19 1.24
CA ILE B 11 -2.87 4.28 1.24
C ILE B 11 -1.56 5.06 1.13
N LYS B 12 -1.42 5.96 0.15
CA LYS B 12 -0.18 6.77 0.01
C LYS B 12 0.14 7.57 1.26
N GLN B 13 -0.86 8.19 1.88
CA GLN B 13 -0.70 8.97 3.11
C GLN B 13 -0.28 8.07 4.29
N LYS B 14 -0.91 6.90 4.44
CA LYS B 14 -0.60 5.95 5.53
C LYS B 14 0.78 5.31 5.34
N VAL B 15 1.16 4.97 4.10
CA VAL B 15 2.51 4.51 3.75
C VAL B 15 3.58 5.59 4.00
N ASP B 16 3.33 6.84 3.62
CA ASP B 16 4.26 7.97 3.88
C ASP B 16 4.47 8.24 5.37
N SER B 17 3.40 8.10 6.16
CA SER B 17 3.46 8.21 7.63
C SER B 17 4.43 7.22 8.28
N LEU B 18 4.66 6.03 7.69
CA LEU B 18 5.63 5.07 8.24
C LEU B 18 7.06 5.56 8.00
N LEU B 19 7.34 6.21 6.87
CA LEU B 19 8.63 6.88 6.63
C LEU B 19 8.91 7.99 7.64
N GLU B 20 7.89 8.78 8.00
CA GLU B 20 7.95 9.83 9.02
C GLU B 20 8.29 9.30 10.43
N ASN B 21 8.03 8.02 10.68
CA ASN B 21 8.29 7.34 11.95
C ASN B 21 9.57 6.46 11.92
N LEU B 22 9.95 5.92 10.76
CA LEU B 22 11.25 5.28 10.54
C LEU B 22 12.41 6.28 10.67
N GLU B 23 12.21 7.55 10.30
CA GLU B 23 13.19 8.62 10.54
C GLU B 23 13.46 8.87 12.04
N LYS B 24 12.46 8.62 12.91
CA LYS B 24 12.65 8.67 14.38
C LYS B 24 13.51 7.52 14.89
N ILE B 25 13.35 6.34 14.29
CA ILE B 25 14.18 5.15 14.55
C ILE B 25 15.62 5.38 14.08
N GLU B 26 15.83 6.10 12.97
CA GLU B 26 17.16 6.58 12.53
C GLU B 26 17.78 7.56 13.55
N LYS B 27 17.04 8.62 13.96
CA LYS B 27 17.49 9.59 14.98
C LYS B 27 16.31 10.34 15.64
N GLU B 28 16.16 10.20 16.95
CA GLU B 28 15.27 10.99 17.82
C GLU B 28 15.89 11.21 19.21
N ILE C 1 16.32 1.65 8.31
CA ILE C 1 15.46 2.55 7.47
C ILE C 1 15.60 2.31 5.97
N GLN C 2 16.80 2.43 5.36
CA GLN C 2 16.98 2.64 3.90
C GLN C 2 16.30 1.62 2.97
N ALA C 3 16.22 0.34 3.34
CA ALA C 3 15.48 -0.65 2.55
C ALA C 3 13.95 -0.38 2.57
N ILE C 4 13.37 -0.21 3.76
CA ILE C 4 11.93 0.07 3.95
C ILE C 4 11.55 1.42 3.34
N LYS C 5 12.47 2.39 3.42
CA LYS C 5 12.40 3.70 2.75
C LYS C 5 12.15 3.56 1.25
N LYS C 6 13.00 2.79 0.57
CA LYS C 6 12.88 2.52 -0.88
C LYS C 6 11.60 1.75 -1.21
N GLU C 7 11.31 0.70 -0.44
CA GLU C 7 10.15 -0.17 -0.64
C GLU C 7 8.80 0.54 -0.44
N LEU C 8 8.61 1.34 0.61
CA LEU C 8 7.39 2.10 0.81
C LEU C 8 7.23 3.26 -0.19
N THR C 9 8.33 3.89 -0.62
CA THR C 9 8.30 4.74 -1.83
C THR C 9 7.84 3.98 -3.09
N GLN C 10 8.29 2.74 -3.32
CA GLN C 10 7.81 1.90 -4.42
C GLN C 10 6.32 1.53 -4.27
N ILE C 11 5.81 1.31 -3.05
CA ILE C 11 4.36 1.17 -2.79
C ILE C 11 3.61 2.45 -3.17
N LYS C 12 4.04 3.64 -2.74
CA LYS C 12 3.42 4.91 -3.16
C LYS C 12 3.39 5.08 -4.67
N GLN C 13 4.48 4.72 -5.36
CA GLN C 13 4.58 4.78 -6.82
C GLN C 13 3.64 3.81 -7.53
N LYS C 14 3.48 2.58 -7.03
CA LYS C 14 2.54 1.60 -7.61
C LYS C 14 1.08 1.96 -7.30
N VAL C 15 0.79 2.48 -6.11
CA VAL C 15 -0.53 3.04 -5.77
C VAL C 15 -0.86 4.31 -6.59
N ASP C 16 0.13 5.16 -6.92
CA ASP C 16 -0.04 6.25 -7.91
C ASP C 16 -0.25 5.74 -9.35
N SER C 17 0.43 4.66 -9.74
CA SER C 17 0.20 4.02 -11.05
C SER C 17 -1.25 3.54 -11.21
N LEU C 18 -1.86 3.02 -10.14
CA LEU C 18 -3.30 2.71 -10.11
C LEU C 18 -4.18 3.96 -10.32
N LEU C 19 -3.88 5.11 -9.70
CA LEU C 19 -4.62 6.36 -9.98
C LEU C 19 -4.50 6.78 -11.46
N GLU C 20 -3.28 6.78 -12.01
CA GLU C 20 -3.01 7.11 -13.42
C GLU C 20 -3.83 6.23 -14.37
N ASN C 21 -3.91 4.93 -14.07
CA ASN C 21 -4.59 3.92 -14.88
C ASN C 21 -6.13 3.95 -14.75
N LEU C 22 -6.68 4.17 -13.55
CA LEU C 22 -8.13 4.20 -13.26
C LEU C 22 -8.88 5.32 -14.00
N GLU C 23 -8.21 6.43 -14.32
CA GLU C 23 -8.74 7.50 -15.18
C GLU C 23 -9.09 7.03 -16.60
N LYS C 24 -8.55 5.88 -17.04
CA LYS C 24 -8.73 5.30 -18.38
C LYS C 24 -9.58 4.04 -18.22
N ILE C 25 -8.95 2.90 -17.94
CA ILE C 25 -9.56 1.65 -17.44
C ILE C 25 -8.47 0.93 -16.63
N GLU C 26 -7.46 0.40 -17.33
CA GLU C 26 -6.22 -0.17 -16.78
C GLU C 26 -5.19 -0.32 -17.91
N LYS C 27 -4.12 0.47 -17.86
CA LYS C 27 -3.05 0.55 -18.89
C LYS C 27 -1.64 0.31 -18.31
N GLU C 28 -0.59 0.65 -19.07
CA GLU C 28 0.84 0.46 -18.75
C GLU C 28 1.70 1.67 -19.16
N ILE D 1 -12.33 -4.87 -13.33
CA ILE D 1 -11.81 -5.35 -12.01
C ILE D 1 -10.47 -6.08 -12.12
N GLN D 2 -10.35 -7.21 -12.84
CA GLN D 2 -9.20 -8.15 -12.76
C GLN D 2 -7.81 -7.48 -12.79
N ALA D 3 -7.56 -6.53 -13.69
CA ALA D 3 -6.27 -5.85 -13.81
C ALA D 3 -5.92 -4.99 -12.57
N ILE D 4 -6.89 -4.26 -12.00
CA ILE D 4 -6.75 -3.56 -10.72
C ILE D 4 -6.58 -4.54 -9.56
N LYS D 5 -7.30 -5.66 -9.57
CA LYS D 5 -7.17 -6.76 -8.63
C LYS D 5 -5.74 -7.29 -8.62
N LYS D 6 -5.10 -7.48 -9.78
CA LYS D 6 -3.68 -7.86 -9.88
C LYS D 6 -2.75 -6.85 -9.20
N GLU D 7 -2.92 -5.56 -9.47
CA GLU D 7 -2.12 -4.50 -8.82
C GLU D 7 -2.32 -4.46 -7.30
N LEU D 8 -3.56 -4.48 -6.80
CA LEU D 8 -3.83 -4.52 -5.35
C LEU D 8 -3.30 -5.79 -4.68
N THR D 9 -3.38 -6.95 -5.35
CA THR D 9 -2.80 -8.21 -4.87
C THR D 9 -1.26 -8.16 -4.86
N GLN D 10 -0.64 -7.44 -5.79
CA GLN D 10 0.80 -7.11 -5.74
C GLN D 10 1.14 -6.18 -4.58
N ILE D 11 0.33 -5.17 -4.25
CA ILE D 11 0.54 -4.32 -3.05
C ILE D 11 0.44 -5.15 -1.76
N LYS D 12 -0.57 -6.02 -1.62
CA LYS D 12 -0.72 -6.92 -0.46
C LYS D 12 0.50 -7.83 -0.26
N GLN D 13 1.10 -8.33 -1.34
CA GLN D 13 2.28 -9.20 -1.30
C GLN D 13 3.59 -8.41 -1.11
N LYS D 14 3.73 -7.23 -1.70
CA LYS D 14 4.91 -6.37 -1.50
C LYS D 14 4.94 -5.78 -0.09
N VAL D 15 3.79 -5.38 0.47
CA VAL D 15 3.69 -5.06 1.90
C VAL D 15 3.95 -6.28 2.80
N ASP D 16 3.55 -7.50 2.41
CA ASP D 16 3.91 -8.74 3.12
C ASP D 16 5.42 -9.03 3.13
N SER D 17 6.10 -8.74 2.02
CA SER D 17 7.56 -8.83 1.93
C SER D 17 8.25 -7.92 2.97
N LEU D 18 7.70 -6.74 3.25
CA LEU D 18 8.22 -5.86 4.31
C LEU D 18 7.93 -6.38 5.71
N LEU D 19 6.79 -7.03 5.97
CA LEU D 19 6.54 -7.78 7.21
C LEU D 19 7.60 -8.88 7.43
N GLU D 20 7.98 -9.61 6.38
CA GLU D 20 9.01 -10.65 6.43
C GLU D 20 10.44 -10.07 6.62
N ASN D 21 10.75 -8.94 5.98
CA ASN D 21 12.03 -8.26 6.11
C ASN D 21 12.24 -7.61 7.49
N LEU D 22 11.21 -6.98 8.06
CA LEU D 22 11.25 -6.35 9.39
C LEU D 22 11.57 -7.34 10.54
N GLU D 23 11.34 -8.63 10.34
CA GLU D 23 11.64 -9.70 11.30
C GLU D 23 13.16 -9.90 11.53
N LYS D 24 14.03 -9.39 10.64
CA LYS D 24 15.51 -9.44 10.81
C LYS D 24 16.29 -8.20 10.35
N ILE D 25 15.92 -7.57 9.22
CA ILE D 25 16.45 -6.29 8.68
C ILE D 25 17.92 -6.38 8.20
N GLU D 26 18.64 -7.44 8.52
CA GLU D 26 20.04 -7.68 8.13
C GLU D 26 20.29 -7.65 6.60
N LYS D 27 19.43 -8.32 5.81
CA LYS D 27 19.59 -8.55 4.35
C LYS D 27 21.05 -8.86 3.92
N GLU D 28 21.66 -9.82 4.63
CA GLU D 28 23.03 -10.36 4.46
C GLU D 28 24.14 -9.28 4.37
N ILE A 1 10.54 -2.95 14.78
CA ILE A 1 9.79 -4.01 14.05
C ILE A 1 8.30 -4.05 14.38
N GLN A 2 7.88 -4.41 15.60
CA GLN A 2 6.50 -4.78 15.93
C GLN A 2 5.44 -3.73 15.54
N ALA A 3 5.74 -2.44 15.70
CA ALA A 3 4.86 -1.35 15.25
C ALA A 3 4.69 -1.35 13.71
N ILE A 4 5.78 -1.26 12.95
CA ILE A 4 5.76 -1.31 11.49
C ILE A 4 5.13 -2.60 10.96
N LYS A 5 5.26 -3.75 11.63
CA LYS A 5 4.49 -4.96 11.27
C LYS A 5 2.98 -4.73 11.34
N LYS A 6 2.50 -4.13 12.43
CA LYS A 6 1.08 -3.80 12.60
C LYS A 6 0.62 -2.78 11.55
N GLU A 7 1.44 -1.77 11.26
CA GLU A 7 1.15 -0.70 10.30
C GLU A 7 1.15 -1.20 8.84
N LEU A 8 2.08 -2.08 8.44
CA LEU A 8 2.03 -2.82 7.18
C LEU A 8 0.76 -3.69 7.09
N THR A 9 0.40 -4.40 8.15
CA THR A 9 -0.90 -5.10 8.22
C THR A 9 -2.12 -4.17 8.13
N GLN A 10 -2.12 -2.97 8.72
CA GLN A 10 -3.16 -1.97 8.47
C GLN A 10 -3.27 -1.61 6.98
N ILE A 11 -2.14 -1.46 6.27
CA ILE A 11 -2.14 -1.25 4.81
C ILE A 11 -2.71 -2.47 4.07
N LYS A 12 -2.28 -3.70 4.36
CA LYS A 12 -2.86 -4.93 3.76
C LYS A 12 -4.37 -5.01 3.94
N GLN A 13 -4.88 -4.64 5.12
CA GLN A 13 -6.31 -4.59 5.41
C GLN A 13 -7.04 -3.49 4.62
N LYS A 14 -6.45 -2.29 4.49
CA LYS A 14 -7.06 -1.21 3.70
C LYS A 14 -7.03 -1.48 2.18
N VAL A 15 -5.94 -2.08 1.68
CA VAL A 15 -5.85 -2.57 0.30
C VAL A 15 -6.82 -3.74 0.04
N ASP A 16 -6.99 -4.68 0.97
CA ASP A 16 -7.99 -5.76 0.89
C ASP A 16 -9.43 -5.24 0.88
N SER A 17 -9.71 -4.23 1.70
CA SER A 17 -10.99 -3.50 1.69
C SER A 17 -11.30 -2.90 0.31
N LEU A 18 -10.30 -2.40 -0.42
CA LEU A 18 -10.47 -1.97 -1.80
C LEU A 18 -10.78 -3.11 -2.78
N LEU A 19 -10.20 -4.32 -2.61
CA LEU A 19 -10.62 -5.50 -3.41
C LEU A 19 -12.13 -5.77 -3.23
N GLU A 20 -12.62 -5.69 -1.98
CA GLU A 20 -14.02 -5.89 -1.64
C GLU A 20 -14.97 -4.79 -2.16
N ASN A 21 -14.46 -3.55 -2.30
CA ASN A 21 -15.16 -2.42 -2.92
C ASN A 21 -15.17 -2.50 -4.46
N LEU A 22 -14.11 -3.03 -5.08
CA LEU A 22 -14.04 -3.26 -6.54
C LEU A 22 -15.03 -4.34 -6.98
N GLU A 23 -15.26 -5.36 -6.14
CA GLU A 23 -16.36 -6.33 -6.27
C GLU A 23 -17.76 -5.74 -5.96
N LYS A 24 -17.85 -4.43 -5.66
CA LYS A 24 -19.09 -3.64 -5.48
C LYS A 24 -19.98 -4.07 -4.30
N ILE A 25 -19.46 -4.85 -3.35
CA ILE A 25 -20.27 -5.56 -2.34
C ILE A 25 -19.83 -5.26 -0.90
N GLU A 26 -18.56 -4.93 -0.66
CA GLU A 26 -18.01 -4.60 0.68
C GLU A 26 -18.33 -5.67 1.75
N LYS A 27 -18.33 -6.96 1.34
CA LYS A 27 -18.64 -8.15 2.16
C LYS A 27 -17.93 -8.14 3.51
N GLU A 28 -18.69 -7.89 4.58
CA GLU A 28 -18.23 -7.94 5.98
C GLU A 28 -17.76 -9.34 6.41
N ILE B 1 -14.22 5.28 -10.91
CA ILE B 1 -12.95 5.99 -10.58
C ILE B 1 -12.97 6.61 -9.18
N GLN B 2 -13.83 7.59 -8.89
CA GLN B 2 -13.69 8.55 -7.78
C GLN B 2 -13.45 7.88 -6.41
N ALA B 3 -14.26 6.89 -6.04
CA ALA B 3 -14.11 6.19 -4.75
C ALA B 3 -12.77 5.46 -4.63
N ILE B 4 -12.33 4.77 -5.70
CA ILE B 4 -11.07 4.01 -5.70
C ILE B 4 -9.88 4.97 -5.64
N LYS B 5 -9.96 6.05 -6.40
CA LYS B 5 -8.99 7.15 -6.43
C LYS B 5 -8.78 7.82 -5.07
N LYS B 6 -9.87 8.13 -4.36
CA LYS B 6 -9.85 8.72 -2.99
C LYS B 6 -9.25 7.75 -1.96
N GLU B 7 -9.52 6.45 -2.08
CA GLU B 7 -8.93 5.41 -1.22
C GLU B 7 -7.45 5.13 -1.52
N LEU B 8 -7.02 5.01 -2.78
CA LEU B 8 -5.61 4.86 -3.14
C LEU B 8 -4.77 6.11 -2.83
N THR B 9 -5.33 7.31 -2.97
CA THR B 9 -4.74 8.54 -2.40
C THR B 9 -4.48 8.41 -0.89
N GLN B 10 -5.43 7.85 -0.13
CA GLN B 10 -5.24 7.57 1.30
C GLN B 10 -4.20 6.46 1.55
N ILE B 11 -4.06 5.45 0.69
CA ILE B 11 -2.95 4.47 0.79
C ILE B 11 -1.60 5.18 0.69
N LYS B 12 -1.40 6.06 -0.29
CA LYS B 12 -0.15 6.84 -0.40
C LYS B 12 0.13 7.67 0.86
N GLN B 13 -0.90 8.29 1.43
CA GLN B 13 -0.79 9.09 2.66
C GLN B 13 -0.53 8.22 3.91
N LYS B 14 -1.17 7.06 4.04
CA LYS B 14 -0.97 6.16 5.18
C LYS B 14 0.41 5.47 5.10
N VAL B 15 0.89 5.16 3.89
CA VAL B 15 2.28 4.73 3.66
C VAL B 15 3.28 5.86 3.97
N ASP B 16 3.00 7.10 3.58
CA ASP B 16 3.82 8.28 3.94
C ASP B 16 3.96 8.46 5.46
N SER B 17 2.89 8.15 6.20
CA SER B 17 2.91 8.11 7.68
C SER B 17 3.95 7.12 8.24
N LEU B 18 4.32 6.05 7.52
CA LEU B 18 5.42 5.16 7.92
C LEU B 18 6.78 5.69 7.49
N LEU B 19 6.89 6.35 6.33
CA LEU B 19 8.11 7.11 5.98
C LEU B 19 8.45 8.15 7.07
N GLU B 20 7.42 8.78 7.65
CA GLU B 20 7.52 9.70 8.80
C GLU B 20 7.85 9.00 10.13
N ASN B 21 7.17 7.88 10.45
CA ASN B 21 7.39 7.14 11.69
C ASN B 21 8.75 6.44 11.76
N LEU B 22 9.26 5.89 10.65
CA LEU B 22 10.54 5.15 10.55
C LEU B 22 11.75 5.99 10.99
N GLU B 23 11.74 7.30 10.73
CA GLU B 23 12.73 8.28 11.21
C GLU B 23 12.83 8.39 12.74
N LYS B 24 11.82 7.90 13.47
CA LYS B 24 11.78 7.78 14.93
C LYS B 24 11.56 6.31 15.33
N ILE B 25 10.29 5.91 15.54
CA ILE B 25 9.87 4.52 15.82
C ILE B 25 8.44 4.28 15.31
N GLU B 26 7.42 4.93 15.91
CA GLU B 26 6.02 4.46 15.83
C GLU B 26 4.93 5.53 16.12
N LYS B 27 5.23 6.82 15.99
CA LYS B 27 4.36 7.96 16.41
C LYS B 27 3.10 8.20 15.54
N GLU B 28 2.24 7.19 15.40
CA GLU B 28 0.87 7.28 14.85
C GLU B 28 0.03 8.42 15.48
N ILE C 1 15.55 1.18 8.85
CA ILE C 1 14.93 2.38 8.22
C ILE C 1 15.09 2.39 6.69
N GLN C 2 16.25 2.76 6.13
CA GLN C 2 16.41 3.14 4.70
C GLN C 2 15.81 2.14 3.67
N ALA C 3 16.01 0.83 3.88
CA ALA C 3 15.44 -0.19 3.00
C ALA C 3 13.90 -0.18 3.00
N ILE C 4 13.28 -0.12 4.18
CA ILE C 4 11.81 -0.06 4.34
C ILE C 4 11.28 1.25 3.77
N LYS C 5 12.03 2.33 3.96
CA LYS C 5 11.73 3.67 3.43
C LYS C 5 11.62 3.64 1.90
N LYS C 6 12.62 3.07 1.22
CA LYS C 6 12.62 2.90 -0.24
C LYS C 6 11.47 2.00 -0.71
N GLU C 7 11.27 0.86 -0.04
CA GLU C 7 10.21 -0.09 -0.39
C GLU C 7 8.80 0.50 -0.20
N LEU C 8 8.57 1.34 0.80
CA LEU C 8 7.32 2.09 0.96
C LEU C 8 7.18 3.27 -0.02
N THR C 9 8.26 3.95 -0.41
CA THR C 9 8.24 4.84 -1.61
C THR C 9 7.83 4.06 -2.87
N GLN C 10 8.31 2.83 -3.06
CA GLN C 10 7.84 1.95 -4.14
C GLN C 10 6.35 1.59 -4.01
N ILE C 11 5.79 1.40 -2.81
CA ILE C 11 4.33 1.26 -2.64
C ILE C 11 3.58 2.52 -3.12
N LYS C 12 4.01 3.73 -2.73
CA LYS C 12 3.41 4.99 -3.21
C LYS C 12 3.44 5.09 -4.74
N GLN C 13 4.55 4.71 -5.36
CA GLN C 13 4.74 4.73 -6.82
C GLN C 13 3.88 3.67 -7.53
N LYS C 14 3.79 2.44 -7.00
CA LYS C 14 2.95 1.38 -7.54
C LYS C 14 1.46 1.73 -7.42
N VAL C 15 1.04 2.31 -6.28
CA VAL C 15 -0.32 2.84 -6.10
C VAL C 15 -0.62 4.02 -7.05
N ASP C 16 0.33 4.95 -7.28
CA ASP C 16 0.18 6.04 -8.26
C ASP C 16 -0.08 5.55 -9.70
N SER C 17 0.54 4.43 -10.11
CA SER C 17 0.27 3.81 -11.41
C SER C 17 -1.20 3.41 -11.59
N LEU C 18 -1.87 2.96 -10.52
CA LEU C 18 -3.29 2.59 -10.56
C LEU C 18 -4.19 3.80 -10.70
N LEU C 19 -3.86 4.94 -10.07
CA LEU C 19 -4.57 6.20 -10.28
C LEU C 19 -4.56 6.62 -11.76
N GLU C 20 -3.40 6.53 -12.42
CA GLU C 20 -3.27 6.84 -13.85
C GLU C 20 -4.07 5.87 -14.75
N ASN C 21 -4.10 4.58 -14.40
CA ASN C 21 -4.89 3.55 -15.08
C ASN C 21 -6.42 3.63 -14.80
N LEU C 22 -6.83 4.31 -13.73
CA LEU C 22 -8.22 4.54 -13.31
C LEU C 22 -8.81 5.82 -13.94
N GLU C 23 -7.97 6.81 -14.24
CA GLU C 23 -8.23 7.85 -15.25
C GLU C 23 -8.40 7.30 -16.68
N LYS C 24 -8.18 5.98 -16.87
CA LYS C 24 -8.53 5.16 -18.04
C LYS C 24 -8.04 5.77 -19.36
N ILE C 25 -6.73 5.60 -19.55
CA ILE C 25 -5.94 6.05 -20.72
C ILE C 25 -6.51 5.51 -22.05
N GLU C 26 -7.16 4.34 -22.04
CA GLU C 26 -7.57 3.55 -23.22
C GLU C 26 -6.38 3.13 -24.13
N LYS C 27 -5.15 3.14 -23.58
CA LYS C 27 -3.91 2.70 -24.26
C LYS C 27 -2.98 1.99 -23.27
N GLU C 28 -2.41 0.86 -23.71
CA GLU C 28 -1.60 -0.10 -22.93
C GLU C 28 -2.06 -0.30 -21.46
N ILE D 1 -12.55 -4.26 -13.10
CA ILE D 1 -12.02 -4.83 -11.82
C ILE D 1 -10.65 -5.50 -11.98
N GLN D 2 -10.51 -6.53 -12.84
CA GLN D 2 -9.43 -7.53 -12.81
C GLN D 2 -8.02 -6.91 -12.72
N ALA D 3 -7.73 -5.86 -13.49
CA ALA D 3 -6.45 -5.16 -13.46
C ALA D 3 -6.13 -4.58 -12.07
N ILE D 4 -7.01 -3.72 -11.52
CA ILE D 4 -6.81 -3.10 -10.20
C ILE D 4 -6.87 -4.15 -9.09
N LYS D 5 -7.70 -5.20 -9.21
CA LYS D 5 -7.73 -6.33 -8.28
C LYS D 5 -6.36 -7.02 -8.23
N LYS D 6 -5.75 -7.31 -9.38
CA LYS D 6 -4.43 -7.96 -9.45
C LYS D 6 -3.33 -7.06 -8.93
N GLU D 7 -3.36 -5.78 -9.25
CA GLU D 7 -2.38 -4.82 -8.74
C GLU D 7 -2.47 -4.59 -7.22
N LEU D 8 -3.68 -4.46 -6.64
CA LEU D 8 -3.84 -4.40 -5.18
C LEU D 8 -3.53 -5.75 -4.49
N THR D 9 -3.81 -6.89 -5.13
CA THR D 9 -3.27 -8.20 -4.70
C THR D 9 -1.73 -8.19 -4.67
N GLN D 10 -1.06 -7.58 -5.65
CA GLN D 10 0.40 -7.37 -5.59
C GLN D 10 0.82 -6.37 -4.52
N ILE D 11 0.10 -5.27 -4.27
CA ILE D 11 0.43 -4.34 -3.16
C ILE D 11 0.41 -5.08 -1.82
N LYS D 12 -0.60 -5.91 -1.55
CA LYS D 12 -0.63 -6.78 -0.36
C LYS D 12 0.61 -7.65 -0.26
N GLN D 13 1.08 -8.23 -1.36
CA GLN D 13 2.29 -9.07 -1.39
C GLN D 13 3.57 -8.27 -1.15
N LYS D 14 3.72 -7.06 -1.74
CA LYS D 14 4.88 -6.20 -1.48
C LYS D 14 4.90 -5.71 -0.03
N VAL D 15 3.74 -5.32 0.52
CA VAL D 15 3.62 -4.93 1.94
C VAL D 15 3.86 -6.13 2.88
N ASP D 16 3.42 -7.34 2.53
CA ASP D 16 3.70 -8.58 3.28
C ASP D 16 5.18 -8.95 3.29
N SER D 17 5.86 -8.77 2.14
CA SER D 17 7.31 -8.97 2.01
C SER D 17 8.13 -8.11 2.99
N LEU D 18 7.66 -6.90 3.32
CA LEU D 18 8.30 -6.05 4.32
C LEU D 18 8.12 -6.55 5.76
N LEU D 19 7.06 -7.31 6.09
CA LEU D 19 7.00 -8.05 7.36
C LEU D 19 8.17 -9.03 7.51
N GLU D 20 8.47 -9.78 6.44
CA GLU D 20 9.57 -10.76 6.41
C GLU D 20 10.95 -10.07 6.45
N ASN D 21 11.11 -8.95 5.75
CA ASN D 21 12.35 -8.16 5.76
C ASN D 21 12.66 -7.57 7.15
N LEU D 22 11.64 -6.99 7.82
CA LEU D 22 11.75 -6.45 9.18
C LEU D 22 12.18 -7.51 10.21
N GLU D 23 11.73 -8.76 10.04
CA GLU D 23 12.13 -9.93 10.83
C GLU D 23 13.65 -10.23 10.83
N LYS D 24 14.43 -9.65 9.90
CA LYS D 24 15.90 -9.75 9.87
C LYS D 24 16.58 -8.41 10.09
N ILE D 25 16.47 -7.47 9.13
CA ILE D 25 17.20 -6.18 8.99
C ILE D 25 18.75 -6.32 9.06
N GLU D 26 19.29 -6.76 10.19
CA GLU D 26 20.72 -6.89 10.51
C GLU D 26 21.34 -8.23 10.03
N LYS D 27 20.57 -9.02 9.25
CA LYS D 27 20.83 -10.39 8.77
C LYS D 27 20.72 -11.44 9.89
N GLU D 28 19.81 -12.40 9.69
CA GLU D 28 19.43 -13.48 10.62
C GLU D 28 19.03 -14.77 9.88
N ILE A 1 10.33 -3.03 15.23
CA ILE A 1 9.43 -3.85 14.36
C ILE A 1 7.95 -3.68 14.69
N GLN A 2 7.47 -3.98 15.90
CA GLN A 2 6.04 -4.23 16.17
C GLN A 2 5.08 -3.13 15.67
N ALA A 3 5.44 -1.85 15.80
CA ALA A 3 4.65 -0.73 15.25
C ALA A 3 4.51 -0.83 13.71
N ILE A 4 5.62 -0.80 12.96
CA ILE A 4 5.68 -0.97 11.51
C ILE A 4 5.00 -2.27 11.06
N LYS A 5 5.13 -3.37 11.81
CA LYS A 5 4.43 -4.63 11.52
C LYS A 5 2.91 -4.46 11.58
N LYS A 6 2.39 -3.78 12.61
CA LYS A 6 0.95 -3.51 12.76
C LYS A 6 0.45 -2.58 11.65
N GLU A 7 1.25 -1.58 11.31
CA GLU A 7 0.95 -0.57 10.31
C GLU A 7 1.00 -1.11 8.86
N LEU A 8 2.00 -1.92 8.49
CA LEU A 8 2.02 -2.69 7.24
C LEU A 8 0.84 -3.67 7.17
N THR A 9 0.50 -4.36 8.26
CA THR A 9 -0.72 -5.19 8.34
C THR A 9 -1.99 -4.38 8.09
N GLN A 10 -2.07 -3.14 8.59
CA GLN A 10 -3.15 -2.21 8.24
C GLN A 10 -3.14 -1.77 6.77
N ILE A 11 -1.98 -1.53 6.14
CA ILE A 11 -1.91 -1.31 4.69
C ILE A 11 -2.48 -2.51 3.93
N LYS A 12 -2.12 -3.75 4.27
CA LYS A 12 -2.75 -4.96 3.69
C LYS A 12 -4.27 -4.96 3.86
N GLN A 13 -4.79 -4.60 5.04
CA GLN A 13 -6.23 -4.54 5.32
C GLN A 13 -6.97 -3.44 4.55
N LYS A 14 -6.42 -2.22 4.44
CA LYS A 14 -7.03 -1.15 3.63
C LYS A 14 -6.94 -1.42 2.12
N VAL A 15 -5.86 -2.07 1.66
CA VAL A 15 -5.77 -2.60 0.29
C VAL A 15 -6.77 -3.73 0.04
N ASP A 16 -6.97 -4.65 1.00
CA ASP A 16 -7.98 -5.72 0.92
C ASP A 16 -9.42 -5.18 0.91
N SER A 17 -9.68 -4.13 1.69
CA SER A 17 -10.94 -3.37 1.64
C SER A 17 -11.21 -2.81 0.23
N LEU A 18 -10.17 -2.30 -0.47
CA LEU A 18 -10.32 -1.91 -1.88
C LEU A 18 -10.60 -3.10 -2.82
N LEU A 19 -10.04 -4.30 -2.59
CA LEU A 19 -10.42 -5.50 -3.36
C LEU A 19 -11.92 -5.81 -3.22
N GLU A 20 -12.49 -5.68 -2.02
CA GLU A 20 -13.92 -5.88 -1.75
C GLU A 20 -14.81 -4.79 -2.38
N ASN A 21 -14.35 -3.53 -2.35
CA ASN A 21 -15.06 -2.39 -2.94
C ASN A 21 -15.00 -2.37 -4.48
N LEU A 22 -13.89 -2.81 -5.10
CA LEU A 22 -13.79 -3.01 -6.55
C LEU A 22 -14.85 -4.00 -7.06
N GLU A 23 -15.16 -5.04 -6.29
CA GLU A 23 -16.17 -6.05 -6.60
C GLU A 23 -17.62 -5.51 -6.61
N LYS A 24 -17.88 -4.31 -6.05
CA LYS A 24 -19.16 -3.58 -6.24
C LYS A 24 -19.26 -2.88 -7.59
N ILE A 25 -18.15 -2.61 -8.26
CA ILE A 25 -18.09 -1.96 -9.59
C ILE A 25 -18.91 -0.65 -9.61
N GLU A 26 -18.74 0.17 -8.55
CA GLU A 26 -19.47 1.42 -8.31
C GLU A 26 -21.02 1.26 -8.30
N LYS A 27 -21.49 0.10 -7.79
CA LYS A 27 -22.90 -0.37 -7.82
C LYS A 27 -23.42 -0.63 -9.25
N GLU A 28 -22.62 -1.36 -10.03
CA GLU A 28 -22.81 -1.76 -11.45
C GLU A 28 -23.43 -0.67 -12.37
N ILE B 1 -14.66 5.52 -10.65
CA ILE B 1 -13.28 5.98 -10.28
C ILE B 1 -13.22 6.66 -8.91
N GLN B 2 -13.98 7.73 -8.65
CA GLN B 2 -13.70 8.71 -7.59
C GLN B 2 -13.54 8.11 -6.18
N ALA B 3 -14.36 7.11 -5.81
CA ALA B 3 -14.23 6.42 -4.52
C ALA B 3 -12.91 5.64 -4.39
N ILE B 4 -12.51 4.91 -5.45
CA ILE B 4 -11.24 4.17 -5.49
C ILE B 4 -10.05 5.15 -5.52
N LYS B 5 -10.14 6.24 -6.28
CA LYS B 5 -9.13 7.30 -6.33
C LYS B 5 -8.84 7.91 -4.96
N LYS B 6 -9.89 8.17 -4.17
CA LYS B 6 -9.78 8.65 -2.78
C LYS B 6 -9.02 7.65 -1.91
N GLU B 7 -9.39 6.38 -1.94
CA GLU B 7 -8.78 5.32 -1.12
C GLU B 7 -7.34 4.96 -1.53
N LEU B 8 -7.01 4.94 -2.83
CA LEU B 8 -5.62 4.82 -3.30
C LEU B 8 -4.77 6.00 -2.80
N THR B 9 -5.25 7.25 -2.89
CA THR B 9 -4.59 8.39 -2.24
C THR B 9 -4.47 8.24 -0.72
N GLN B 10 -5.45 7.64 -0.03
CA GLN B 10 -5.30 7.31 1.40
C GLN B 10 -4.18 6.27 1.63
N ILE B 11 -4.00 5.28 0.76
CA ILE B 11 -2.84 4.36 0.85
C ILE B 11 -1.53 5.12 0.67
N LYS B 12 -1.37 6.00 -0.34
CA LYS B 12 -0.19 6.87 -0.48
C LYS B 12 0.12 7.66 0.80
N GLN B 13 -0.91 8.24 1.41
CA GLN B 13 -0.79 9.05 2.63
C GLN B 13 -0.45 8.21 3.87
N LYS B 14 -1.04 7.02 4.03
CA LYS B 14 -0.76 6.10 5.14
C LYS B 14 0.60 5.42 5.00
N VAL B 15 1.03 5.11 3.78
CA VAL B 15 2.41 4.69 3.45
C VAL B 15 3.42 5.81 3.76
N ASP B 16 3.15 7.06 3.36
CA ASP B 16 3.98 8.23 3.68
C ASP B 16 4.09 8.49 5.19
N SER B 17 3.00 8.27 5.92
CA SER B 17 2.97 8.33 7.39
C SER B 17 3.97 7.34 8.04
N LEU B 18 4.16 6.14 7.46
CA LEU B 18 5.15 5.19 7.98
C LEU B 18 6.59 5.67 7.70
N LEU B 19 6.84 6.38 6.60
CA LEU B 19 8.14 6.99 6.33
C LEU B 19 8.56 7.96 7.43
N GLU B 20 7.62 8.72 8.00
CA GLU B 20 7.88 9.57 9.17
C GLU B 20 8.13 8.73 10.44
N ASN B 21 7.33 7.70 10.70
CA ASN B 21 7.52 6.81 11.85
C ASN B 21 8.90 6.11 11.82
N LEU B 22 9.37 5.70 10.64
CA LEU B 22 10.67 5.01 10.46
C LEU B 22 11.88 5.86 10.88
N GLU B 23 11.77 7.19 10.87
CA GLU B 23 12.82 8.10 11.38
C GLU B 23 12.85 8.17 12.93
N LYS B 24 11.91 7.53 13.63
CA LYS B 24 11.62 7.75 15.06
C LYS B 24 11.56 6.43 15.84
N ILE B 25 10.54 5.60 15.58
CA ILE B 25 10.34 4.23 16.12
C ILE B 25 10.28 4.21 17.68
N GLU B 26 10.11 5.36 18.32
CA GLU B 26 10.47 5.58 19.73
C GLU B 26 9.88 6.86 20.37
N LYS B 27 9.55 7.88 19.56
CA LYS B 27 9.30 9.27 19.97
C LYS B 27 8.17 9.91 19.15
N GLU B 28 7.01 9.27 19.15
CA GLU B 28 5.80 9.63 18.38
C GLU B 28 4.48 9.26 19.08
N ILE C 1 15.93 1.63 8.48
CA ILE C 1 15.05 2.52 7.66
C ILE C 1 15.18 2.30 6.16
N GLN C 2 16.32 2.57 5.51
CA GLN C 2 16.43 2.84 4.06
C GLN C 2 15.74 1.81 3.13
N ALA C 3 15.89 0.50 3.40
CA ALA C 3 15.24 -0.55 2.60
C ALA C 3 13.70 -0.52 2.72
N ILE C 4 13.16 -0.42 3.94
CA ILE C 4 11.71 -0.35 4.20
C ILE C 4 11.14 0.95 3.62
N LYS C 5 11.90 2.04 3.77
CA LYS C 5 11.62 3.38 3.23
C LYS C 5 11.49 3.34 1.71
N LYS C 6 12.46 2.78 0.97
CA LYS C 6 12.39 2.74 -0.50
C LYS C 6 11.27 1.83 -0.97
N GLU C 7 11.04 0.70 -0.29
CA GLU C 7 9.91 -0.18 -0.59
C GLU C 7 8.55 0.49 -0.37
N LEU C 8 8.34 1.21 0.74
CA LEU C 8 7.15 2.04 0.98
C LEU C 8 6.98 3.13 -0.10
N THR C 9 8.04 3.87 -0.46
CA THR C 9 8.00 4.80 -1.60
C THR C 9 7.54 4.09 -2.90
N GLN C 10 8.03 2.89 -3.16
CA GLN C 10 7.59 2.05 -4.28
C GLN C 10 6.19 1.42 -4.12
N ILE C 11 5.50 1.58 -2.97
CA ILE C 11 4.10 1.17 -2.81
C ILE C 11 3.23 2.34 -3.17
N LYS C 12 3.50 3.48 -2.54
CA LYS C 12 2.95 4.79 -2.87
C LYS C 12 3.02 5.10 -4.37
N GLN C 13 4.13 4.80 -5.06
CA GLN C 13 4.25 5.04 -6.50
C GLN C 13 3.50 4.00 -7.36
N LYS C 14 3.47 2.72 -6.97
CA LYS C 14 2.65 1.71 -7.67
C LYS C 14 1.16 2.03 -7.53
N VAL C 15 0.72 2.40 -6.33
CA VAL C 15 -0.62 2.90 -6.05
C VAL C 15 -0.95 4.16 -6.86
N ASP C 16 -0.01 5.09 -7.04
CA ASP C 16 -0.19 6.28 -7.89
C ASP C 16 -0.45 5.92 -9.36
N SER C 17 0.27 4.94 -9.91
CA SER C 17 0.01 4.42 -11.26
C SER C 17 -1.41 3.87 -11.44
N LEU C 18 -2.02 3.26 -10.40
CA LEU C 18 -3.40 2.76 -10.48
C LEU C 18 -4.42 3.89 -10.66
N LEU C 19 -4.15 5.10 -10.14
CA LEU C 19 -4.97 6.29 -10.44
C LEU C 19 -4.98 6.60 -11.95
N GLU C 20 -3.81 6.53 -12.59
CA GLU C 20 -3.64 6.79 -14.02
C GLU C 20 -4.27 5.72 -14.92
N ASN C 21 -4.32 4.47 -14.46
CA ASN C 21 -5.04 3.37 -15.11
C ASN C 21 -6.56 3.44 -14.89
N LEU C 22 -7.03 3.92 -13.73
CA LEU C 22 -8.46 4.18 -13.47
C LEU C 22 -9.00 5.36 -14.30
N GLU C 23 -8.17 6.37 -14.56
CA GLU C 23 -8.38 7.41 -15.59
C GLU C 23 -8.38 6.88 -17.03
N LYS C 24 -8.15 5.56 -17.24
CA LYS C 24 -8.20 4.83 -18.52
C LYS C 24 -7.16 5.26 -19.57
N ILE C 25 -6.13 6.01 -19.17
CA ILE C 25 -5.25 6.74 -20.10
C ILE C 25 -3.75 6.46 -19.85
N GLU C 26 -3.35 6.09 -18.63
CA GLU C 26 -1.95 5.80 -18.27
C GLU C 26 -0.98 6.93 -18.67
N LYS C 27 -1.38 8.18 -18.38
CA LYS C 27 -0.68 9.47 -18.61
C LYS C 27 0.66 9.66 -17.85
N GLU C 28 1.38 8.57 -17.57
CA GLU C 28 2.67 8.54 -16.84
C GLU C 28 3.79 9.34 -17.54
N ILE D 1 -12.21 -3.88 -12.98
CA ILE D 1 -11.73 -4.59 -11.77
C ILE D 1 -10.40 -5.32 -11.99
N GLN D 2 -10.32 -6.34 -12.86
CA GLN D 2 -9.27 -7.37 -12.86
C GLN D 2 -7.83 -6.85 -12.76
N ALA D 3 -7.47 -5.81 -13.54
CA ALA D 3 -6.13 -5.20 -13.49
C ALA D 3 -5.81 -4.58 -12.12
N ILE D 4 -6.70 -3.74 -11.57
CA ILE D 4 -6.53 -3.10 -10.26
C ILE D 4 -6.57 -4.14 -9.14
N LYS D 5 -7.40 -5.19 -9.25
CA LYS D 5 -7.41 -6.35 -8.34
C LYS D 5 -6.04 -7.05 -8.31
N LYS D 6 -5.42 -7.27 -9.48
CA LYS D 6 -4.07 -7.87 -9.57
C LYS D 6 -3.02 -6.96 -8.94
N GLU D 7 -3.04 -5.67 -9.26
CA GLU D 7 -2.10 -4.69 -8.72
C GLU D 7 -2.22 -4.53 -7.19
N LEU D 8 -3.42 -4.40 -6.62
CA LEU D 8 -3.62 -4.37 -5.18
C LEU D 8 -3.25 -5.69 -4.48
N THR D 9 -3.47 -6.85 -5.12
CA THR D 9 -2.87 -8.12 -4.66
C THR D 9 -1.34 -8.04 -4.64
N GLN D 10 -0.70 -7.44 -5.64
CA GLN D 10 0.74 -7.19 -5.66
C GLN D 10 1.20 -6.22 -4.55
N ILE D 11 0.37 -5.24 -4.15
CA ILE D 11 0.66 -4.35 -3.02
C ILE D 11 0.65 -5.13 -1.71
N LYS D 12 -0.39 -5.94 -1.45
CA LYS D 12 -0.43 -6.88 -0.31
C LYS D 12 0.81 -7.78 -0.26
N GLN D 13 1.25 -8.30 -1.41
CA GLN D 13 2.42 -9.18 -1.52
C GLN D 13 3.73 -8.46 -1.21
N LYS D 14 3.97 -7.24 -1.75
CA LYS D 14 5.15 -6.45 -1.35
C LYS D 14 5.10 -6.04 0.11
N VAL D 15 3.96 -5.55 0.61
CA VAL D 15 3.79 -5.15 2.01
C VAL D 15 4.03 -6.33 2.98
N ASP D 16 3.59 -7.54 2.64
CA ASP D 16 3.91 -8.77 3.39
C ASP D 16 5.39 -9.14 3.33
N SER D 17 6.04 -8.94 2.18
CA SER D 17 7.50 -9.09 2.03
C SER D 17 8.29 -8.15 2.96
N LEU D 18 7.78 -6.95 3.26
CA LEU D 18 8.41 -6.06 4.24
C LEU D 18 8.27 -6.60 5.68
N LEU D 19 7.17 -7.27 6.03
CA LEU D 19 7.05 -7.99 7.32
C LEU D 19 8.12 -9.08 7.46
N GLU D 20 8.32 -9.89 6.41
CA GLU D 20 9.38 -10.91 6.34
C GLU D 20 10.78 -10.28 6.53
N ASN D 21 11.03 -9.12 5.91
CA ASN D 21 12.29 -8.39 6.00
C ASN D 21 12.54 -7.73 7.38
N LEU D 22 11.50 -7.25 8.07
CA LEU D 22 11.60 -6.62 9.39
C LEU D 22 12.08 -7.59 10.47
N GLU D 23 11.63 -8.85 10.44
CA GLU D 23 12.14 -9.93 11.30
C GLU D 23 13.66 -10.17 11.13
N LYS D 24 14.25 -9.86 9.97
CA LYS D 24 15.70 -9.93 9.75
C LYS D 24 16.46 -8.80 10.47
N ILE D 25 15.78 -7.72 10.85
CA ILE D 25 16.30 -6.65 11.72
C ILE D 25 16.15 -7.05 13.19
N GLU D 26 15.05 -7.71 13.57
CA GLU D 26 14.83 -8.26 14.92
C GLU D 26 15.91 -9.29 15.33
N LYS D 27 16.26 -10.21 14.42
CA LYS D 27 17.28 -11.24 14.64
C LYS D 27 18.70 -10.64 14.60
N GLU D 28 19.40 -10.69 15.74
CA GLU D 28 20.81 -10.31 15.94
C GLU D 28 21.52 -11.14 17.04
N ILE A 1 10.50 -2.74 14.23
CA ILE A 1 9.50 -3.67 13.63
C ILE A 1 8.06 -3.39 14.06
N GLN A 2 7.66 -3.65 15.32
CA GLN A 2 6.25 -3.88 15.70
C GLN A 2 5.25 -2.81 15.25
N ALA A 3 5.59 -1.53 15.38
CA ALA A 3 4.74 -0.42 14.91
C ALA A 3 4.56 -0.45 13.37
N ILE A 4 5.66 -0.59 12.61
CA ILE A 4 5.65 -0.63 11.13
C ILE A 4 4.88 -1.86 10.65
N LYS A 5 5.09 -2.99 11.32
CA LYS A 5 4.39 -4.26 11.09
C LYS A 5 2.88 -4.14 11.28
N LYS A 6 2.41 -3.54 12.37
CA LYS A 6 0.97 -3.27 12.60
C LYS A 6 0.38 -2.35 11.54
N GLU A 7 1.07 -1.26 11.21
CA GLU A 7 0.65 -0.32 10.16
C GLU A 7 0.57 -0.97 8.77
N LEU A 8 1.59 -1.71 8.35
CA LEU A 8 1.57 -2.46 7.09
C LEU A 8 0.55 -3.62 7.06
N THR A 9 0.28 -4.26 8.20
CA THR A 9 -0.86 -5.19 8.34
C THR A 9 -2.19 -4.48 8.07
N GLN A 10 -2.39 -3.26 8.58
CA GLN A 10 -3.55 -2.43 8.22
C GLN A 10 -3.54 -2.01 6.74
N ILE A 11 -2.38 -1.75 6.11
CA ILE A 11 -2.31 -1.51 4.65
C ILE A 11 -2.85 -2.73 3.87
N LYS A 12 -2.41 -3.95 4.20
CA LYS A 12 -2.96 -5.16 3.57
C LYS A 12 -4.48 -5.25 3.72
N GLN A 13 -5.00 -4.98 4.93
CA GLN A 13 -6.42 -5.05 5.23
C GLN A 13 -7.22 -3.99 4.48
N LYS A 14 -6.74 -2.74 4.41
CA LYS A 14 -7.37 -1.66 3.65
C LYS A 14 -7.34 -1.93 2.15
N VAL A 15 -6.21 -2.44 1.63
CA VAL A 15 -6.10 -2.83 0.21
C VAL A 15 -7.01 -4.03 -0.13
N ASP A 16 -7.22 -4.98 0.79
CA ASP A 16 -8.23 -6.05 0.64
C ASP A 16 -9.66 -5.50 0.55
N SER A 17 -10.03 -4.48 1.33
CA SER A 17 -11.36 -3.86 1.26
C SER A 17 -11.68 -3.24 -0.10
N LEU A 18 -10.68 -2.73 -0.82
CA LEU A 18 -10.86 -2.19 -2.18
C LEU A 18 -11.16 -3.28 -3.22
N LEU A 19 -10.69 -4.53 -3.01
CA LEU A 19 -11.09 -5.68 -3.84
C LEU A 19 -12.61 -5.90 -3.79
N GLU A 20 -13.18 -5.89 -2.58
CA GLU A 20 -14.61 -6.09 -2.34
C GLU A 20 -15.46 -4.94 -2.92
N ASN A 21 -14.97 -3.70 -2.79
CA ASN A 21 -15.60 -2.53 -3.39
C ASN A 21 -15.59 -2.52 -4.94
N LEU A 22 -14.52 -3.03 -5.57
CA LEU A 22 -14.37 -3.20 -7.02
C LEU A 22 -15.22 -4.34 -7.57
N GLU A 23 -15.49 -5.36 -6.76
CA GLU A 23 -16.53 -6.38 -6.98
C GLU A 23 -17.97 -5.84 -6.83
N LYS A 24 -18.12 -4.53 -6.54
CA LYS A 24 -19.37 -3.76 -6.54
C LYS A 24 -20.51 -4.41 -5.75
N ILE A 25 -20.22 -4.62 -4.47
CA ILE A 25 -21.07 -5.14 -3.37
C ILE A 25 -22.59 -5.09 -3.65
N GLU A 26 -23.12 -3.90 -3.93
CA GLU A 26 -24.53 -3.67 -4.30
C GLU A 26 -24.69 -2.63 -5.44
N LYS A 27 -23.65 -2.48 -6.27
CA LYS A 27 -23.53 -1.48 -7.36
C LYS A 27 -23.89 -0.05 -6.92
N GLU A 28 -23.18 0.42 -5.89
CA GLU A 28 -23.36 1.73 -5.23
C GLU A 28 -22.01 2.34 -4.82
N ILE B 1 -13.96 5.34 -10.68
CA ILE B 1 -12.66 5.91 -10.21
C ILE B 1 -12.72 6.52 -8.81
N GLN B 2 -13.52 7.56 -8.56
CA GLN B 2 -13.36 8.48 -7.41
C GLN B 2 -13.15 7.81 -6.05
N ALA B 3 -13.96 6.79 -5.70
CA ALA B 3 -13.82 6.07 -4.43
C ALA B 3 -12.47 5.34 -4.28
N ILE B 4 -12.08 4.55 -5.27
CA ILE B 4 -10.81 3.80 -5.25
C ILE B 4 -9.61 4.74 -5.38
N LYS B 5 -9.74 5.85 -6.13
CA LYS B 5 -8.76 6.93 -6.19
C LYS B 5 -8.53 7.53 -4.81
N LYS B 6 -9.60 7.88 -4.07
CA LYS B 6 -9.51 8.46 -2.72
C LYS B 6 -8.81 7.49 -1.77
N GLU B 7 -9.23 6.21 -1.79
CA GLU B 7 -8.65 5.17 -0.95
C GLU B 7 -7.17 4.87 -1.28
N LEU B 8 -6.76 4.78 -2.55
CA LEU B 8 -5.35 4.70 -2.96
C LEU B 8 -4.54 5.93 -2.50
N THR B 9 -5.06 7.15 -2.69
CA THR B 9 -4.45 8.39 -2.15
C THR B 9 -4.29 8.35 -0.62
N GLN B 10 -5.15 7.64 0.11
CA GLN B 10 -5.00 7.36 1.55
C GLN B 10 -4.08 6.17 1.87
N ILE B 11 -3.63 5.35 0.92
CA ILE B 11 -2.70 4.24 1.21
C ILE B 11 -1.29 4.80 1.11
N LYS B 12 -1.03 5.49 0.00
CA LYS B 12 0.10 6.39 -0.22
C LYS B 12 0.40 7.22 1.02
N GLN B 13 -0.60 7.84 1.64
CA GLN B 13 -0.41 8.74 2.80
C GLN B 13 -0.20 8.00 4.14
N LYS B 14 -0.81 6.82 4.38
CA LYS B 14 -0.40 6.01 5.55
C LYS B 14 1.02 5.50 5.38
N VAL B 15 1.37 5.02 4.18
CA VAL B 15 2.74 4.62 3.82
C VAL B 15 3.74 5.78 3.99
N ASP B 16 3.38 7.01 3.60
CA ASP B 16 4.18 8.23 3.83
C ASP B 16 4.37 8.54 5.33
N SER B 17 3.31 8.36 6.13
CA SER B 17 3.39 8.46 7.60
C SER B 17 4.41 7.49 8.19
N LEU B 18 4.55 6.27 7.64
CA LEU B 18 5.57 5.31 8.10
C LEU B 18 7.00 5.78 7.79
N LEU B 19 7.23 6.56 6.72
CA LEU B 19 8.53 7.22 6.48
C LEU B 19 8.88 8.19 7.62
N GLU B 20 7.92 9.02 8.03
CA GLU B 20 8.09 9.99 9.13
C GLU B 20 8.30 9.29 10.48
N ASN B 21 7.58 8.20 10.73
CA ASN B 21 7.72 7.40 11.94
C ASN B 21 9.06 6.64 12.00
N LEU B 22 9.53 6.04 10.89
CA LEU B 22 10.86 5.39 10.81
C LEU B 22 12.00 6.34 11.24
N GLU B 23 11.90 7.62 10.86
CA GLU B 23 12.83 8.70 11.22
C GLU B 23 13.00 8.90 12.74
N LYS B 24 12.11 8.33 13.58
CA LYS B 24 12.22 8.30 15.05
C LYS B 24 11.87 6.92 15.68
N ILE B 25 12.02 5.85 14.90
CA ILE B 25 11.86 4.43 15.35
C ILE B 25 13.06 3.56 14.94
N GLU B 26 13.77 3.87 13.84
CA GLU B 26 14.85 3.05 13.29
C GLU B 26 16.13 3.84 12.96
N LYS B 27 16.65 4.58 13.94
CA LYS B 27 18.04 5.08 13.93
C LYS B 27 19.04 3.92 14.07
N GLU B 28 20.33 4.25 13.93
CA GLU B 28 21.48 3.33 13.82
C GLU B 28 21.29 2.24 12.73
N ILE C 1 15.92 1.64 8.84
CA ILE C 1 15.24 2.66 7.99
C ILE C 1 15.51 2.49 6.50
N GLN C 2 16.72 2.70 5.98
CA GLN C 2 16.99 3.01 4.55
C GLN C 2 16.25 2.12 3.53
N ALA C 3 16.40 0.79 3.62
CA ALA C 3 15.75 -0.15 2.68
C ALA C 3 14.22 -0.13 2.81
N ILE C 4 13.70 -0.02 4.03
CA ILE C 4 12.26 0.05 4.32
C ILE C 4 11.67 1.36 3.79
N LYS C 5 12.38 2.48 3.98
CA LYS C 5 12.05 3.79 3.39
C LYS C 5 11.97 3.71 1.85
N LYS C 6 12.90 2.98 1.22
CA LYS C 6 12.91 2.76 -0.24
C LYS C 6 11.68 1.96 -0.69
N GLU C 7 11.37 0.86 0.00
CA GLU C 7 10.20 0.01 -0.30
C GLU C 7 8.86 0.69 0.00
N LEU C 8 8.72 1.48 1.08
CA LEU C 8 7.55 2.32 1.33
C LEU C 8 7.35 3.34 0.20
N THR C 9 8.39 4.05 -0.23
CA THR C 9 8.32 4.93 -1.41
C THR C 9 7.96 4.17 -2.69
N GLN C 10 8.39 2.92 -2.87
CA GLN C 10 7.89 2.07 -3.95
C GLN C 10 6.39 1.78 -3.80
N ILE C 11 5.87 1.47 -2.60
CA ILE C 11 4.41 1.32 -2.42
C ILE C 11 3.66 2.60 -2.82
N LYS C 12 4.10 3.80 -2.42
CA LYS C 12 3.52 5.06 -2.93
C LYS C 12 3.51 5.13 -4.46
N GLN C 13 4.58 4.72 -5.12
CA GLN C 13 4.73 4.72 -6.57
C GLN C 13 3.83 3.70 -7.28
N LYS C 14 3.73 2.46 -6.78
CA LYS C 14 2.80 1.47 -7.36
C LYS C 14 1.33 1.79 -7.04
N VAL C 15 1.02 2.37 -5.87
CA VAL C 15 -0.30 2.96 -5.61
C VAL C 15 -0.62 4.10 -6.60
N ASP C 16 0.34 5.00 -6.88
CA ASP C 16 0.20 6.06 -7.90
C ASP C 16 -0.04 5.51 -9.31
N SER C 17 0.61 4.40 -9.64
CA SER C 17 0.37 3.66 -10.90
C SER C 17 -1.08 3.21 -11.05
N LEU C 18 -1.82 2.96 -9.95
CA LEU C 18 -3.25 2.63 -10.01
C LEU C 18 -4.15 3.88 -10.02
N LEU C 19 -3.72 4.99 -9.41
CA LEU C 19 -4.35 6.30 -9.64
C LEU C 19 -4.34 6.66 -11.14
N GLU C 20 -3.26 6.31 -11.86
CA GLU C 20 -3.18 6.44 -13.32
C GLU C 20 -4.03 5.41 -14.06
N ASN C 21 -3.90 4.10 -13.75
CA ASN C 21 -4.64 3.05 -14.44
C ASN C 21 -6.17 3.18 -14.31
N LEU C 22 -6.67 3.72 -13.18
CA LEU C 22 -8.10 4.00 -12.97
C LEU C 22 -8.68 5.04 -13.96
N GLU C 23 -7.84 5.86 -14.60
CA GLU C 23 -8.25 6.84 -15.61
C GLU C 23 -8.42 6.22 -17.02
N LYS C 24 -8.09 4.93 -17.20
CA LYS C 24 -8.09 4.23 -18.49
C LYS C 24 -8.71 2.82 -18.46
N ILE C 25 -8.40 2.02 -17.43
CA ILE C 25 -8.90 0.65 -17.15
C ILE C 25 -8.88 -0.22 -18.42
N GLU C 26 -7.71 -0.23 -19.06
CA GLU C 26 -7.42 -0.94 -20.30
C GLU C 26 -6.17 -1.84 -20.19
N LYS C 27 -5.30 -1.59 -19.20
CA LYS C 27 -4.09 -2.37 -18.85
C LYS C 27 -3.28 -2.85 -20.08
N GLU C 28 -2.99 -1.89 -20.96
CA GLU C 28 -2.24 -2.07 -22.24
C GLU C 28 -0.86 -2.75 -22.11
N ILE D 1 -12.39 -3.50 -13.00
CA ILE D 1 -12.29 -4.47 -11.87
C ILE D 1 -11.04 -5.34 -11.95
N GLN D 2 -10.95 -6.34 -12.85
CA GLN D 2 -9.94 -7.41 -12.79
C GLN D 2 -8.49 -6.91 -12.71
N ALA D 3 -8.14 -5.87 -13.48
CA ALA D 3 -6.82 -5.24 -13.44
C ALA D 3 -6.50 -4.69 -12.03
N ILE D 4 -7.32 -3.77 -11.51
CA ILE D 4 -7.09 -3.16 -10.20
C ILE D 4 -7.16 -4.19 -9.07
N LYS D 5 -8.02 -5.22 -9.14
CA LYS D 5 -7.99 -6.32 -8.16
C LYS D 5 -6.66 -7.07 -8.13
N LYS D 6 -6.09 -7.41 -9.29
CA LYS D 6 -4.76 -8.05 -9.38
C LYS D 6 -3.66 -7.13 -8.88
N GLU D 7 -3.73 -5.84 -9.20
CA GLU D 7 -2.73 -4.84 -8.83
C GLU D 7 -2.78 -4.43 -7.35
N LEU D 8 -3.96 -4.37 -6.73
CA LEU D 8 -4.13 -4.30 -5.27
C LEU D 8 -3.56 -5.55 -4.58
N THR D 9 -3.81 -6.75 -5.11
CA THR D 9 -3.12 -7.98 -4.66
C THR D 9 -1.60 -7.93 -4.84
N GLN D 10 -1.07 -7.27 -5.87
CA GLN D 10 0.38 -6.96 -5.94
C GLN D 10 0.82 -6.04 -4.80
N ILE D 11 0.07 -4.99 -4.46
CA ILE D 11 0.37 -4.17 -3.27
C ILE D 11 0.38 -5.01 -1.99
N LYS D 12 -0.60 -5.89 -1.77
CA LYS D 12 -0.64 -6.77 -0.59
C LYS D 12 0.59 -7.67 -0.47
N GLN D 13 1.05 -8.28 -1.56
CA GLN D 13 2.26 -9.12 -1.51
C GLN D 13 3.57 -8.31 -1.45
N LYS D 14 3.62 -7.09 -2.01
CA LYS D 14 4.77 -6.18 -1.87
C LYS D 14 4.87 -5.63 -0.44
N VAL D 15 3.74 -5.35 0.21
CA VAL D 15 3.67 -5.05 1.64
C VAL D 15 3.99 -6.28 2.51
N ASP D 16 3.53 -7.48 2.14
CA ASP D 16 3.88 -8.73 2.85
C ASP D 16 5.39 -9.03 2.78
N SER D 17 6.02 -8.73 1.65
CA SER D 17 7.49 -8.77 1.50
C SER D 17 8.20 -7.85 2.50
N LEU D 18 7.66 -6.64 2.75
CA LEU D 18 8.13 -5.78 3.85
C LEU D 18 7.91 -6.40 5.23
N LEU D 19 6.73 -6.98 5.51
CA LEU D 19 6.47 -7.68 6.78
C LEU D 19 7.49 -8.82 7.04
N GLU D 20 7.89 -9.55 5.99
CA GLU D 20 8.91 -10.61 6.05
C GLU D 20 10.34 -10.06 6.24
N ASN D 21 10.66 -8.93 5.61
CA ASN D 21 11.97 -8.27 5.68
C ASN D 21 12.22 -7.52 7.00
N LEU D 22 11.17 -6.93 7.59
CA LEU D 22 11.21 -6.23 8.88
C LEU D 22 11.68 -7.14 10.05
N GLU D 23 11.50 -8.45 9.91
CA GLU D 23 12.00 -9.47 10.84
C GLU D 23 13.55 -9.59 10.84
N LYS D 24 14.23 -9.16 9.77
CA LYS D 24 15.68 -9.30 9.57
C LYS D 24 16.38 -7.94 9.75
N ILE D 25 16.22 -7.04 8.76
CA ILE D 25 16.85 -5.72 8.58
C ILE D 25 18.39 -5.72 8.60
N GLU D 26 19.02 -6.25 9.64
CA GLU D 26 20.47 -6.29 9.90
C GLU D 26 21.24 -7.34 9.06
N LYS D 27 20.57 -8.03 8.13
CA LYS D 27 21.10 -9.15 7.35
C LYS D 27 20.68 -9.00 5.87
N GLU D 28 21.66 -8.73 5.00
CA GLU D 28 21.53 -8.68 3.54
C GLU D 28 21.33 -10.07 2.90
N ILE A 1 10.01 -2.94 15.52
CA ILE A 1 9.35 -3.81 14.49
C ILE A 1 7.82 -3.80 14.57
N GLN A 2 7.21 -4.17 15.72
CA GLN A 2 5.79 -4.54 15.83
C GLN A 2 4.81 -3.48 15.29
N ALA A 3 5.05 -2.20 15.57
CA ALA A 3 4.22 -1.10 15.06
C ALA A 3 4.27 -0.96 13.53
N ILE A 4 5.45 -1.16 12.94
CA ILE A 4 5.65 -1.07 11.48
C ILE A 4 4.94 -2.24 10.80
N LYS A 5 5.04 -3.44 11.40
CA LYS A 5 4.23 -4.60 10.99
C LYS A 5 2.72 -4.33 11.04
N LYS A 6 2.22 -3.75 12.15
CA LYS A 6 0.79 -3.40 12.31
C LYS A 6 0.31 -2.44 11.22
N GLU A 7 1.09 -1.39 10.94
CA GLU A 7 0.81 -0.44 9.85
C GLU A 7 0.90 -1.06 8.46
N LEU A 8 1.89 -1.90 8.15
CA LEU A 8 1.95 -2.69 6.91
C LEU A 8 0.69 -3.57 6.75
N THR A 9 0.33 -4.37 7.76
CA THR A 9 -0.91 -5.16 7.75
C THR A 9 -2.15 -4.29 7.48
N GLN A 10 -2.23 -3.08 8.04
CA GLN A 10 -3.29 -2.10 7.76
C GLN A 10 -3.30 -1.58 6.30
N ILE A 11 -2.19 -1.67 5.56
CA ILE A 11 -2.13 -1.21 4.15
C ILE A 11 -2.68 -2.32 3.29
N LYS A 12 -2.15 -3.52 3.47
CA LYS A 12 -2.66 -4.77 2.90
C LYS A 12 -4.18 -4.94 3.15
N GLN A 13 -4.66 -4.66 4.36
CA GLN A 13 -6.09 -4.75 4.72
C GLN A 13 -6.94 -3.63 4.10
N LYS A 14 -6.45 -2.38 4.05
CA LYS A 14 -7.18 -1.31 3.34
C LYS A 14 -7.21 -1.55 1.83
N VAL A 15 -6.11 -2.03 1.23
CA VAL A 15 -6.04 -2.52 -0.15
C VAL A 15 -7.03 -3.67 -0.42
N ASP A 16 -7.14 -4.66 0.48
CA ASP A 16 -8.14 -5.74 0.42
C ASP A 16 -9.58 -5.21 0.45
N SER A 17 -9.85 -4.20 1.28
CA SER A 17 -11.15 -3.49 1.31
C SER A 17 -11.53 -2.86 -0.04
N LEU A 18 -10.56 -2.54 -0.91
CA LEU A 18 -10.85 -2.01 -2.25
C LEU A 18 -11.20 -3.12 -3.24
N LEU A 19 -10.69 -4.35 -3.05
CA LEU A 19 -11.21 -5.54 -3.75
C LEU A 19 -12.69 -5.77 -3.39
N GLU A 20 -13.01 -5.69 -2.10
CA GLU A 20 -14.36 -5.85 -1.55
C GLU A 20 -15.35 -4.80 -2.08
N ASN A 21 -14.87 -3.63 -2.50
CA ASN A 21 -15.70 -2.54 -3.03
C ASN A 21 -15.72 -2.43 -4.56
N LEU A 22 -14.62 -2.74 -5.26
CA LEU A 22 -14.62 -2.93 -6.72
C LEU A 22 -15.63 -4.00 -7.17
N GLU A 23 -15.81 -5.05 -6.37
CA GLU A 23 -16.76 -6.14 -6.61
C GLU A 23 -18.24 -5.69 -6.72
N LYS A 24 -18.63 -4.55 -6.12
CA LYS A 24 -19.98 -3.98 -6.30
C LYS A 24 -20.21 -3.44 -7.71
N ILE A 25 -19.17 -2.84 -8.29
CA ILE A 25 -19.13 -2.14 -9.59
C ILE A 25 -20.01 -0.87 -9.57
N GLU A 26 -19.39 0.27 -9.92
CA GLU A 26 -19.98 1.63 -9.99
C GLU A 26 -20.90 2.05 -8.82
N LYS A 27 -20.60 1.60 -7.59
CA LYS A 27 -21.36 1.90 -6.37
C LYS A 27 -21.65 3.39 -6.17
N GLU A 28 -22.92 3.66 -5.80
CA GLU A 28 -23.54 4.95 -5.44
C GLU A 28 -22.94 6.22 -6.12
N ILE B 1 -14.16 4.99 -10.30
CA ILE B 1 -12.92 5.77 -9.99
C ILE B 1 -12.94 6.40 -8.59
N GLN B 2 -13.75 7.44 -8.32
CA GLN B 2 -13.58 8.34 -7.16
C GLN B 2 -13.31 7.65 -5.81
N ALA B 3 -14.09 6.62 -5.45
CA ALA B 3 -13.91 5.90 -4.19
C ALA B 3 -12.52 5.23 -4.08
N ILE B 4 -12.11 4.47 -5.11
CA ILE B 4 -10.83 3.75 -5.13
C ILE B 4 -9.66 4.74 -5.28
N LYS B 5 -9.84 5.82 -6.07
CA LYS B 5 -8.88 6.91 -6.20
C LYS B 5 -8.62 7.60 -4.86
N LYS B 6 -9.67 7.88 -4.09
CA LYS B 6 -9.54 8.49 -2.74
C LYS B 6 -8.86 7.52 -1.77
N GLU B 7 -9.27 6.26 -1.76
CA GLU B 7 -8.70 5.24 -0.88
C GLU B 7 -7.22 4.97 -1.18
N LEU B 8 -6.80 4.83 -2.43
CA LEU B 8 -5.39 4.72 -2.81
C LEU B 8 -4.59 6.02 -2.57
N THR B 9 -5.22 7.20 -2.68
CA THR B 9 -4.61 8.45 -2.16
C THR B 9 -4.39 8.36 -0.64
N GLN B 10 -5.36 7.87 0.14
CA GLN B 10 -5.17 7.61 1.58
C GLN B 10 -4.10 6.54 1.87
N ILE B 11 -3.94 5.51 1.03
CA ILE B 11 -2.80 4.58 1.13
C ILE B 11 -1.46 5.30 0.97
N LYS B 12 -1.30 6.14 -0.06
CA LYS B 12 -0.08 6.94 -0.27
C LYS B 12 0.25 7.82 0.95
N GLN B 13 -0.77 8.41 1.58
CA GLN B 13 -0.63 9.22 2.79
C GLN B 13 -0.33 8.38 4.05
N LYS B 14 -0.93 7.19 4.21
CA LYS B 14 -0.63 6.30 5.33
C LYS B 14 0.77 5.69 5.21
N VAL B 15 1.20 5.33 4.00
CA VAL B 15 2.59 4.95 3.73
C VAL B 15 3.56 6.11 3.97
N ASP B 16 3.21 7.36 3.62
CA ASP B 16 4.01 8.55 3.96
C ASP B 16 4.14 8.76 5.48
N SER B 17 3.08 8.48 6.24
CA SER B 17 3.12 8.47 7.71
C SER B 17 4.14 7.45 8.26
N LEU B 18 4.25 6.26 7.66
CA LEU B 18 5.33 5.31 7.97
C LEU B 18 6.72 5.85 7.56
N LEU B 19 6.87 6.46 6.37
CA LEU B 19 8.14 7.09 5.94
C LEU B 19 8.65 8.11 6.96
N GLU B 20 7.75 8.88 7.60
CA GLU B 20 8.07 9.83 8.67
C GLU B 20 8.39 9.11 10.00
N ASN B 21 7.53 8.19 10.46
CA ASN B 21 7.70 7.50 11.74
C ASN B 21 8.96 6.62 11.82
N LEU B 22 9.44 6.08 10.69
CA LEU B 22 10.70 5.35 10.62
C LEU B 22 11.93 6.20 10.96
N GLU B 23 11.87 7.54 10.83
CA GLU B 23 12.94 8.46 11.21
C GLU B 23 13.18 8.51 12.73
N LYS B 24 12.11 8.41 13.54
CA LYS B 24 12.19 8.41 15.01
C LYS B 24 12.37 7.02 15.64
N ILE B 25 12.09 5.96 14.87
CA ILE B 25 12.31 4.52 15.12
C ILE B 25 11.48 3.92 16.28
N GLU B 26 11.44 4.57 17.45
CA GLU B 26 10.83 4.04 18.68
C GLU B 26 9.30 3.86 18.60
N LYS B 27 8.62 4.69 17.80
CA LYS B 27 7.15 4.79 17.60
C LYS B 27 6.33 4.97 18.89
N GLU B 28 5.71 6.15 19.03
CA GLU B 28 4.78 6.54 20.13
C GLU B 28 3.56 5.62 20.32
N ILE C 1 15.98 1.76 8.92
CA ILE C 1 15.20 2.73 8.09
C ILE C 1 15.42 2.52 6.58
N GLN C 2 16.60 2.80 6.03
CA GLN C 2 16.81 3.06 4.58
C GLN C 2 16.18 2.04 3.59
N ALA C 3 16.20 0.74 3.90
CA ALA C 3 15.60 -0.28 3.03
C ALA C 3 14.05 -0.23 3.04
N ILE C 4 13.42 -0.13 4.22
CA ILE C 4 11.97 0.04 4.37
C ILE C 4 11.54 1.40 3.80
N LYS C 5 12.33 2.46 4.01
CA LYS C 5 12.13 3.79 3.42
C LYS C 5 12.02 3.72 1.89
N LYS C 6 12.94 3.00 1.25
CA LYS C 6 12.96 2.78 -0.22
C LYS C 6 11.76 1.97 -0.69
N GLU C 7 11.44 0.88 0.00
CA GLU C 7 10.35 -0.02 -0.37
C GLU C 7 8.94 0.56 -0.14
N LEU C 8 8.73 1.34 0.93
CA LEU C 8 7.51 2.12 1.12
C LEU C 8 7.35 3.23 0.07
N THR C 9 8.42 3.90 -0.36
CA THR C 9 8.37 4.80 -1.53
C THR C 9 7.96 4.04 -2.79
N GLN C 10 8.44 2.81 -3.00
CA GLN C 10 7.97 1.95 -4.10
C GLN C 10 6.48 1.56 -3.95
N ILE C 11 5.95 1.38 -2.74
CA ILE C 11 4.49 1.22 -2.53
C ILE C 11 3.74 2.48 -2.96
N LYS C 12 4.18 3.69 -2.57
CA LYS C 12 3.55 4.95 -3.02
C LYS C 12 3.55 5.06 -4.55
N GLN C 13 4.65 4.68 -5.21
CA GLN C 13 4.79 4.69 -6.67
C GLN C 13 3.90 3.64 -7.35
N LYS C 14 3.82 2.41 -6.83
CA LYS C 14 2.94 1.37 -7.40
C LYS C 14 1.46 1.69 -7.17
N VAL C 15 1.10 2.27 -6.03
CA VAL C 15 -0.25 2.76 -5.77
C VAL C 15 -0.62 3.97 -6.66
N ASP C 16 0.30 4.90 -6.90
CA ASP C 16 0.13 6.01 -7.86
C ASP C 16 -0.13 5.51 -9.29
N SER C 17 0.55 4.44 -9.69
CA SER C 17 0.30 3.75 -10.96
C SER C 17 -1.17 3.28 -11.09
N LEU C 18 -1.81 2.82 -10.00
CA LEU C 18 -3.22 2.44 -10.03
C LEU C 18 -4.16 3.66 -10.08
N LEU C 19 -3.80 4.80 -9.48
CA LEU C 19 -4.52 6.05 -9.68
C LEU C 19 -4.59 6.43 -11.17
N GLU C 20 -3.49 6.24 -11.91
CA GLU C 20 -3.43 6.45 -13.37
C GLU C 20 -4.27 5.41 -14.16
N ASN C 21 -4.21 4.13 -13.76
CA ASN C 21 -5.03 3.07 -14.34
C ASN C 21 -6.55 3.24 -14.08
N LEU C 22 -6.93 3.91 -12.99
CA LEU C 22 -8.31 4.25 -12.58
C LEU C 22 -8.81 5.54 -13.24
N GLU C 23 -7.91 6.49 -13.55
CA GLU C 23 -8.12 7.57 -14.52
C GLU C 23 -8.36 7.05 -15.96
N LYS C 24 -8.16 5.74 -16.18
CA LYS C 24 -8.55 4.98 -17.38
C LYS C 24 -8.03 5.60 -18.68
N ILE C 25 -6.70 5.65 -18.73
CA ILE C 25 -5.82 6.17 -19.80
C ILE C 25 -6.43 6.10 -21.22
N GLU C 26 -6.90 4.91 -21.64
CA GLU C 26 -7.54 4.67 -22.95
C GLU C 26 -8.96 4.08 -22.86
N LYS C 27 -9.42 3.69 -21.65
CA LYS C 27 -10.73 3.10 -21.33
C LYS C 27 -11.08 1.86 -22.19
N GLU C 28 -10.06 1.09 -22.55
CA GLU C 28 -10.13 -0.06 -23.46
C GLU C 28 -9.14 -1.19 -23.06
N ILE D 1 -12.60 -4.15 -13.20
CA ILE D 1 -12.03 -4.72 -11.94
C ILE D 1 -10.73 -5.50 -12.16
N GLN D 2 -10.70 -6.56 -12.99
CA GLN D 2 -9.66 -7.61 -12.94
C GLN D 2 -8.21 -7.10 -12.91
N ALA D 3 -7.85 -6.09 -13.71
CA ALA D 3 -6.51 -5.49 -13.71
C ALA D 3 -6.16 -4.85 -12.34
N ILE D 4 -6.98 -3.91 -11.85
CA ILE D 4 -6.83 -3.26 -10.54
C ILE D 4 -6.87 -4.31 -9.42
N LYS D 5 -7.73 -5.34 -9.50
CA LYS D 5 -7.75 -6.45 -8.54
C LYS D 5 -6.40 -7.16 -8.48
N LYS D 6 -5.80 -7.50 -9.62
CA LYS D 6 -4.49 -8.18 -9.67
C LYS D 6 -3.41 -7.27 -9.07
N GLU D 7 -3.43 -6.00 -9.41
CA GLU D 7 -2.46 -5.03 -8.92
C GLU D 7 -2.59 -4.73 -7.41
N LEU D 8 -3.81 -4.59 -6.86
CA LEU D 8 -4.08 -4.55 -5.42
C LEU D 8 -3.57 -5.83 -4.72
N THR D 9 -3.83 -7.03 -5.27
CA THR D 9 -3.24 -8.29 -4.78
C THR D 9 -1.70 -8.25 -4.76
N GLN D 10 -1.05 -7.67 -5.77
CA GLN D 10 0.42 -7.47 -5.76
C GLN D 10 0.88 -6.48 -4.68
N ILE D 11 0.10 -5.43 -4.36
CA ILE D 11 0.41 -4.55 -3.22
C ILE D 11 0.36 -5.32 -1.89
N LYS D 12 -0.67 -6.12 -1.62
CA LYS D 12 -0.75 -6.99 -0.43
C LYS D 12 0.50 -7.88 -0.29
N GLN D 13 0.99 -8.45 -1.39
CA GLN D 13 2.18 -9.29 -1.42
C GLN D 13 3.48 -8.50 -1.20
N LYS D 14 3.62 -7.30 -1.80
CA LYS D 14 4.80 -6.45 -1.57
C LYS D 14 4.82 -5.91 -0.13
N VAL D 15 3.67 -5.48 0.40
CA VAL D 15 3.50 -5.14 1.81
C VAL D 15 3.84 -6.32 2.75
N ASP D 16 3.38 -7.54 2.44
CA ASP D 16 3.78 -8.76 3.18
C ASP D 16 5.30 -9.01 3.17
N SER D 17 5.99 -8.70 2.06
CA SER D 17 7.45 -8.82 1.98
C SER D 17 8.17 -7.95 3.02
N LEU D 18 7.66 -6.73 3.30
CA LEU D 18 8.25 -5.85 4.31
C LEU D 18 8.01 -6.34 5.75
N LEU D 19 6.96 -7.11 6.03
CA LEU D 19 6.82 -7.83 7.31
C LEU D 19 8.00 -8.78 7.56
N GLU D 20 8.44 -9.49 6.52
CA GLU D 20 9.54 -10.48 6.58
C GLU D 20 10.93 -9.82 6.60
N ASN D 21 11.09 -8.69 5.90
CA ASN D 21 12.32 -7.88 5.91
C ASN D 21 12.57 -7.18 7.26
N LEU D 22 11.51 -6.79 7.99
CA LEU D 22 11.66 -6.21 9.34
C LEU D 22 12.29 -7.21 10.33
N GLU D 23 11.87 -8.48 10.28
CA GLU D 23 12.50 -9.62 10.94
C GLU D 23 13.92 -9.96 10.42
N LYS D 24 14.40 -9.29 9.37
CA LYS D 24 15.71 -9.48 8.68
C LYS D 24 15.88 -10.84 7.99
N ILE D 25 14.84 -11.66 7.90
CA ILE D 25 14.90 -13.05 7.40
C ILE D 25 15.31 -13.13 5.92
N GLU D 26 14.97 -12.10 5.13
CA GLU D 26 15.38 -11.93 3.72
C GLU D 26 16.15 -10.61 3.53
N LYS D 27 17.00 -10.28 4.52
CA LYS D 27 17.72 -9.00 4.74
C LYS D 27 16.77 -7.87 5.16
N GLU D 28 17.32 -6.72 5.54
CA GLU D 28 16.56 -5.46 5.68
C GLU D 28 15.94 -4.99 4.35
N ILE A 1 10.04 -3.18 15.15
CA ILE A 1 9.03 -3.85 14.28
C ILE A 1 7.58 -3.45 14.59
N GLN A 2 7.06 -3.69 15.81
CA GLN A 2 5.61 -3.79 16.08
C GLN A 2 4.74 -2.66 15.51
N ALA A 3 5.10 -1.39 15.73
CA ALA A 3 4.34 -0.24 15.22
C ALA A 3 4.33 -0.14 13.68
N ILE A 4 5.47 -0.42 13.04
CA ILE A 4 5.64 -0.45 11.57
C ILE A 4 4.78 -1.58 10.99
N LYS A 5 4.87 -2.75 11.63
CA LYS A 5 4.08 -3.95 11.32
C LYS A 5 2.58 -3.70 11.41
N LYS A 6 2.10 -2.98 12.45
CA LYS A 6 0.69 -2.62 12.62
C LYS A 6 0.16 -1.80 11.44
N GLU A 7 0.93 -0.80 11.00
CA GLU A 7 0.57 0.02 9.83
C GLU A 7 0.68 -0.74 8.50
N LEU A 8 1.69 -1.59 8.29
CA LEU A 8 1.76 -2.48 7.12
C LEU A 8 0.53 -3.42 7.05
N THR A 9 0.10 -4.00 8.18
CA THR A 9 -1.16 -4.75 8.26
C THR A 9 -2.38 -3.89 7.93
N GLN A 10 -2.43 -2.62 8.38
CA GLN A 10 -3.48 -1.67 7.97
C GLN A 10 -3.48 -1.43 6.45
N ILE A 11 -2.31 -1.35 5.79
CA ILE A 11 -2.25 -1.27 4.32
C ILE A 11 -2.83 -2.51 3.67
N LYS A 12 -2.43 -3.72 4.09
CA LYS A 12 -3.01 -4.98 3.59
C LYS A 12 -4.54 -5.01 3.74
N GLN A 13 -5.06 -4.62 4.91
CA GLN A 13 -6.49 -4.63 5.21
C GLN A 13 -7.25 -3.57 4.40
N LYS A 14 -6.70 -2.37 4.22
CA LYS A 14 -7.35 -1.31 3.43
C LYS A 14 -7.31 -1.62 1.93
N VAL A 15 -6.21 -2.20 1.45
CA VAL A 15 -6.11 -2.74 0.07
C VAL A 15 -7.05 -3.95 -0.14
N ASP A 16 -7.24 -4.82 0.85
CA ASP A 16 -8.22 -5.91 0.80
C ASP A 16 -9.68 -5.42 0.78
N SER A 17 -9.97 -4.35 1.53
CA SER A 17 -11.25 -3.64 1.45
C SER A 17 -11.52 -3.10 0.04
N LEU A 18 -10.50 -2.65 -0.69
CA LEU A 18 -10.60 -2.30 -2.10
C LEU A 18 -10.81 -3.50 -3.02
N LEU A 19 -10.15 -4.65 -2.77
CA LEU A 19 -10.43 -5.91 -3.50
C LEU A 19 -11.90 -6.33 -3.40
N GLU A 20 -12.53 -6.14 -2.23
CA GLU A 20 -13.96 -6.38 -2.03
C GLU A 20 -14.84 -5.34 -2.75
N ASN A 21 -14.49 -4.05 -2.67
CA ASN A 21 -15.24 -2.95 -3.29
C ASN A 21 -15.32 -3.05 -4.82
N LEU A 22 -14.23 -3.44 -5.49
CA LEU A 22 -14.15 -3.58 -6.95
C LEU A 22 -15.16 -4.57 -7.55
N GLU A 23 -15.63 -5.53 -6.76
CA GLU A 23 -16.67 -6.50 -7.11
C GLU A 23 -18.05 -5.86 -7.40
N LYS A 24 -18.29 -4.61 -7.00
CA LYS A 24 -19.55 -3.88 -7.28
C LYS A 24 -19.40 -2.39 -7.59
N ILE A 25 -18.63 -1.61 -6.82
CA ILE A 25 -18.27 -0.18 -7.02
C ILE A 25 -19.44 0.82 -6.89
N GLU A 26 -20.68 0.42 -7.23
CA GLU A 26 -21.87 1.29 -7.27
C GLU A 26 -22.13 2.10 -6.00
N LYS A 27 -21.84 1.51 -4.82
CA LYS A 27 -22.12 2.04 -3.46
C LYS A 27 -23.63 2.26 -3.19
N GLU A 28 -24.01 2.39 -1.93
CA GLU A 28 -25.38 2.66 -1.47
C GLU A 28 -25.43 3.44 -0.14
N ILE B 1 -14.18 5.12 -10.43
CA ILE B 1 -12.97 5.93 -10.11
C ILE B 1 -12.99 6.50 -8.69
N GLN B 2 -13.83 7.49 -8.37
CA GLN B 2 -13.65 8.38 -7.20
C GLN B 2 -13.48 7.65 -5.86
N ALA B 3 -14.28 6.62 -5.58
CA ALA B 3 -14.18 5.83 -4.35
C ALA B 3 -12.82 5.10 -4.21
N ILE B 4 -12.33 4.48 -5.28
CA ILE B 4 -11.05 3.78 -5.29
C ILE B 4 -9.88 4.77 -5.22
N LYS B 5 -10.00 5.90 -5.93
CA LYS B 5 -9.04 7.02 -5.87
C LYS B 5 -8.90 7.57 -4.46
N LYS B 6 -10.01 7.75 -3.74
CA LYS B 6 -10.03 8.24 -2.35
C LYS B 6 -9.33 7.28 -1.39
N GLU B 7 -9.54 5.97 -1.53
CA GLU B 7 -8.85 4.94 -0.74
C GLU B 7 -7.35 4.85 -1.08
N LEU B 8 -6.95 4.84 -2.36
CA LEU B 8 -5.55 4.80 -2.75
C LEU B 8 -4.75 6.05 -2.34
N THR B 9 -5.34 7.25 -2.34
CA THR B 9 -4.73 8.43 -1.70
C THR B 9 -4.42 8.19 -0.22
N GLN B 10 -5.33 7.56 0.52
CA GLN B 10 -5.10 7.18 1.92
C GLN B 10 -4.02 6.09 2.07
N ILE B 11 -3.84 5.19 1.10
CA ILE B 11 -2.69 4.26 1.09
C ILE B 11 -1.38 5.04 0.97
N LYS B 12 -1.25 5.96 0.01
CA LYS B 12 -0.06 6.83 -0.09
C LYS B 12 0.18 7.62 1.20
N GLN B 13 -0.86 8.12 1.84
CA GLN B 13 -0.81 8.87 3.08
C GLN B 13 -0.35 8.02 4.27
N LYS B 14 -0.91 6.81 4.48
CA LYS B 14 -0.42 5.90 5.53
C LYS B 14 1.00 5.41 5.25
N VAL B 15 1.35 5.12 3.99
CA VAL B 15 2.72 4.77 3.60
C VAL B 15 3.71 5.95 3.81
N ASP B 16 3.29 7.20 3.63
CA ASP B 16 4.09 8.39 3.96
C ASP B 16 4.28 8.58 5.48
N SER B 17 3.23 8.36 6.27
CA SER B 17 3.31 8.29 7.72
C SER B 17 4.24 7.17 8.21
N LEU B 18 4.27 6.02 7.52
CA LEU B 18 5.24 4.94 7.76
C LEU B 18 6.70 5.39 7.51
N LEU B 19 6.96 6.16 6.44
CA LEU B 19 8.29 6.74 6.21
C LEU B 19 8.74 7.63 7.38
N GLU B 20 7.86 8.48 7.92
CA GLU B 20 8.14 9.31 9.10
C GLU B 20 8.36 8.48 10.37
N ASN B 21 7.56 7.42 10.56
CA ASN B 21 7.68 6.48 11.68
C ASN B 21 8.93 5.59 11.62
N LEU B 22 9.59 5.44 10.45
CA LEU B 22 10.94 4.90 10.35
C LEU B 22 12.02 5.98 10.57
N GLU B 23 11.81 7.20 10.06
CA GLU B 23 12.77 8.31 10.17
C GLU B 23 13.19 8.60 11.62
N LYS B 24 12.25 8.50 12.59
CA LYS B 24 12.51 8.67 14.02
C LYS B 24 13.56 7.71 14.60
N ILE B 25 13.77 6.55 13.96
CA ILE B 25 14.73 5.52 14.40
C ILE B 25 16.17 5.95 14.08
N GLU B 26 16.38 6.73 13.01
CA GLU B 26 17.69 7.13 12.47
C GLU B 26 18.65 5.94 12.21
N LYS B 27 18.07 4.77 11.90
CA LYS B 27 18.72 3.44 11.75
C LYS B 27 19.28 2.84 13.06
N GLU B 28 19.31 1.51 13.11
CA GLU B 28 19.98 0.65 14.11
C GLU B 28 20.97 -0.34 13.45
N ILE C 1 15.88 1.14 8.49
CA ILE C 1 15.15 2.10 7.62
C ILE C 1 15.37 1.86 6.12
N GLN C 2 16.56 2.10 5.57
CA GLN C 2 16.79 2.35 4.13
C GLN C 2 16.07 1.38 3.17
N ALA C 3 16.17 0.06 3.39
CA ALA C 3 15.49 -0.94 2.56
C ALA C 3 13.96 -0.80 2.60
N ILE C 4 13.38 -0.70 3.79
CA ILE C 4 11.93 -0.51 3.99
C ILE C 4 11.50 0.86 3.43
N LYS C 5 12.28 1.92 3.63
CA LYS C 5 12.04 3.25 3.04
C LYS C 5 11.96 3.18 1.52
N LYS C 6 12.89 2.48 0.87
CA LYS C 6 12.90 2.32 -0.59
C LYS C 6 11.63 1.61 -1.07
N GLU C 7 11.26 0.53 -0.38
CA GLU C 7 10.05 -0.22 -0.69
C GLU C 7 8.75 0.56 -0.42
N LEU C 8 8.65 1.35 0.66
CA LEU C 8 7.53 2.26 0.91
C LEU C 8 7.42 3.34 -0.20
N THR C 9 8.54 3.87 -0.69
CA THR C 9 8.55 4.71 -1.92
C THR C 9 8.02 3.93 -3.13
N GLN C 10 8.42 2.67 -3.34
CA GLN C 10 7.86 1.83 -4.41
C GLN C 10 6.36 1.53 -4.23
N ILE C 11 5.85 1.38 -3.00
CA ILE C 11 4.41 1.28 -2.73
C ILE C 11 3.68 2.55 -3.13
N LYS C 12 4.16 3.75 -2.72
CA LYS C 12 3.60 5.04 -3.16
C LYS C 12 3.60 5.17 -4.69
N GLN C 13 4.68 4.75 -5.34
CA GLN C 13 4.81 4.77 -6.81
C GLN C 13 3.83 3.81 -7.49
N LYS C 14 3.67 2.57 -7.00
CA LYS C 14 2.79 1.58 -7.65
C LYS C 14 1.31 1.82 -7.31
N VAL C 15 1.00 2.38 -6.13
CA VAL C 15 -0.32 2.98 -5.84
C VAL C 15 -0.63 4.19 -6.74
N ASP C 16 0.33 5.08 -6.98
CA ASP C 16 0.14 6.21 -7.92
C ASP C 16 -0.06 5.77 -9.37
N SER C 17 0.63 4.70 -9.76
CA SER C 17 0.41 4.02 -11.05
C SER C 17 -1.03 3.49 -11.18
N LEU C 18 -1.62 2.95 -10.10
CA LEU C 18 -3.07 2.65 -10.09
C LEU C 18 -3.93 3.91 -10.24
N LEU C 19 -3.65 5.00 -9.51
CA LEU C 19 -4.37 6.28 -9.65
C LEU C 19 -4.34 6.81 -11.10
N GLU C 20 -3.20 6.66 -11.80
CA GLU C 20 -3.05 7.00 -13.23
C GLU C 20 -3.93 6.13 -14.15
N ASN C 21 -4.11 4.85 -13.82
CA ASN C 21 -4.96 3.92 -14.56
C ASN C 21 -6.47 4.11 -14.29
N LEU C 22 -6.87 4.46 -13.06
CA LEU C 22 -8.28 4.70 -12.68
C LEU C 22 -8.96 5.80 -13.51
N GLU C 23 -8.17 6.73 -14.07
CA GLU C 23 -8.61 7.80 -14.98
C GLU C 23 -9.34 7.27 -16.24
N LYS C 24 -9.11 6.00 -16.64
CA LYS C 24 -9.73 5.38 -17.83
C LYS C 24 -10.12 3.91 -17.68
N ILE C 25 -9.26 3.07 -17.10
CA ILE C 25 -9.37 1.60 -16.88
C ILE C 25 -9.56 0.76 -18.16
N GLU C 26 -10.49 1.11 -19.05
CA GLU C 26 -10.89 0.41 -20.27
C GLU C 26 -9.90 0.52 -21.45
N LYS C 27 -8.63 0.92 -21.18
CA LYS C 27 -7.58 1.18 -22.18
C LYS C 27 -6.25 0.55 -21.73
N GLU C 28 -5.66 -0.25 -22.63
CA GLU C 28 -4.40 -0.99 -22.43
C GLU C 28 -3.15 -0.09 -22.38
N ILE D 1 -12.31 -3.87 -13.01
CA ILE D 1 -12.13 -4.84 -11.89
C ILE D 1 -10.82 -5.66 -12.02
N GLN D 2 -10.75 -6.66 -12.90
CA GLN D 2 -9.72 -7.72 -12.86
C GLN D 2 -8.26 -7.22 -12.86
N ALA D 3 -7.94 -6.25 -13.70
CA ALA D 3 -6.60 -5.64 -13.72
C ALA D 3 -6.26 -4.91 -12.41
N ILE D 4 -7.20 -4.13 -11.87
CA ILE D 4 -7.03 -3.38 -10.62
C ILE D 4 -6.83 -4.33 -9.45
N LYS D 5 -7.61 -5.42 -9.42
CA LYS D 5 -7.45 -6.50 -8.43
C LYS D 5 -6.03 -7.07 -8.41
N LYS D 6 -5.46 -7.43 -9.56
CA LYS D 6 -4.08 -7.95 -9.64
C LYS D 6 -3.04 -6.95 -9.14
N GLU D 7 -3.22 -5.66 -9.42
CA GLU D 7 -2.35 -4.59 -8.94
C GLU D 7 -2.46 -4.36 -7.42
N LEU D 8 -3.67 -4.38 -6.84
CA LEU D 8 -3.89 -4.37 -5.39
C LEU D 8 -3.29 -5.62 -4.69
N THR D 9 -3.42 -6.81 -5.28
CA THR D 9 -2.75 -8.03 -4.79
C THR D 9 -1.23 -7.88 -4.77
N GLN D 10 -0.63 -7.20 -5.77
CA GLN D 10 0.79 -6.86 -5.70
C GLN D 10 1.12 -5.90 -4.56
N ILE D 11 0.28 -4.92 -4.23
CA ILE D 11 0.50 -4.06 -3.05
C ILE D 11 0.47 -4.87 -1.75
N LYS D 12 -0.51 -5.77 -1.55
CA LYS D 12 -0.53 -6.71 -0.41
C LYS D 12 0.75 -7.53 -0.32
N GLN D 13 1.21 -8.10 -1.44
CA GLN D 13 2.38 -8.98 -1.50
C GLN D 13 3.72 -8.24 -1.37
N LYS D 14 3.82 -7.01 -1.89
CA LYS D 14 4.98 -6.15 -1.65
C LYS D 14 5.02 -5.69 -0.19
N VAL D 15 3.89 -5.30 0.40
CA VAL D 15 3.77 -5.03 1.85
C VAL D 15 4.10 -6.26 2.73
N ASP D 16 3.70 -7.47 2.34
CA ASP D 16 4.10 -8.73 2.99
C ASP D 16 5.63 -8.93 3.02
N SER D 17 6.32 -8.54 1.95
CA SER D 17 7.79 -8.58 1.92
C SER D 17 8.42 -7.66 2.98
N LEU D 18 7.78 -6.55 3.34
CA LEU D 18 8.29 -5.61 4.35
C LEU D 18 8.05 -6.16 5.77
N LEU D 19 6.91 -6.80 6.00
CA LEU D 19 6.67 -7.60 7.22
C LEU D 19 7.74 -8.71 7.40
N GLU D 20 8.10 -9.40 6.32
CA GLU D 20 9.16 -10.42 6.31
C GLU D 20 10.56 -9.84 6.60
N ASN D 21 10.91 -8.71 5.97
CA ASN D 21 12.18 -8.01 6.17
C ASN D 21 12.35 -7.47 7.60
N LEU D 22 11.29 -6.89 8.19
CA LEU D 22 11.33 -6.32 9.54
C LEU D 22 11.60 -7.35 10.64
N GLU D 23 11.29 -8.63 10.41
CA GLU D 23 11.58 -9.72 11.35
C GLU D 23 13.09 -9.90 11.62
N LYS D 24 13.95 -9.57 10.65
CA LYS D 24 15.42 -9.64 10.79
C LYS D 24 15.98 -8.52 11.67
N ILE D 25 15.41 -7.31 11.58
CA ILE D 25 15.91 -6.05 12.18
C ILE D 25 17.37 -5.72 11.81
N GLU D 26 17.90 -6.28 10.70
CA GLU D 26 19.30 -6.10 10.24
C GLU D 26 19.49 -6.16 8.71
N LYS D 27 18.41 -5.93 7.93
CA LYS D 27 18.31 -6.17 6.48
C LYS D 27 18.31 -7.67 6.13
N GLU D 28 18.13 -7.99 4.85
CA GLU D 28 18.13 -9.35 4.27
C GLU D 28 19.33 -10.24 4.69
N ILE A 1 10.29 -2.84 14.73
CA ILE A 1 9.34 -3.65 13.91
C ILE A 1 7.87 -3.39 14.25
N GLN A 2 7.39 -3.72 15.46
CA GLN A 2 5.96 -3.96 15.75
C GLN A 2 4.99 -2.89 15.26
N ALA A 3 5.30 -1.60 15.44
CA ALA A 3 4.46 -0.50 14.96
C ALA A 3 4.35 -0.47 13.42
N ILE A 4 5.47 -0.55 12.70
CA ILE A 4 5.51 -0.54 11.23
C ILE A 4 4.84 -1.80 10.67
N LYS A 5 5.05 -2.93 11.34
CA LYS A 5 4.43 -4.23 11.04
C LYS A 5 2.91 -4.17 11.17
N LYS A 6 2.39 -3.58 12.26
CA LYS A 6 0.95 -3.39 12.45
C LYS A 6 0.37 -2.49 11.36
N GLU A 7 1.04 -1.38 11.05
CA GLU A 7 0.62 -0.46 9.99
C GLU A 7 0.61 -1.08 8.59
N LEU A 8 1.65 -1.83 8.20
CA LEU A 8 1.66 -2.62 6.96
C LEU A 8 0.52 -3.66 6.94
N THR A 9 0.23 -4.36 8.05
CA THR A 9 -1.00 -5.16 8.16
C THR A 9 -2.29 -4.34 8.02
N GLN A 10 -2.39 -3.14 8.59
CA GLN A 10 -3.52 -2.24 8.33
C GLN A 10 -3.63 -1.87 6.84
N ILE A 11 -2.52 -1.73 6.11
CA ILE A 11 -2.52 -1.52 4.65
C ILE A 11 -3.04 -2.76 3.93
N LYS A 12 -2.61 -3.98 4.28
CA LYS A 12 -3.15 -5.22 3.68
C LYS A 12 -4.68 -5.32 3.85
N GLN A 13 -5.17 -4.99 5.04
CA GLN A 13 -6.60 -4.97 5.36
C GLN A 13 -7.34 -3.90 4.56
N LYS A 14 -6.78 -2.68 4.45
CA LYS A 14 -7.37 -1.57 3.69
C LYS A 14 -7.38 -1.84 2.19
N VAL A 15 -6.30 -2.41 1.62
CA VAL A 15 -6.26 -2.83 0.22
C VAL A 15 -7.23 -3.99 -0.07
N ASP A 16 -7.43 -4.93 0.86
CA ASP A 16 -8.46 -5.98 0.74
C ASP A 16 -9.90 -5.42 0.66
N SER A 17 -10.25 -4.37 1.41
CA SER A 17 -11.56 -3.73 1.29
C SER A 17 -11.79 -3.02 -0.05
N LEU A 18 -10.73 -2.65 -0.80
CA LEU A 18 -10.90 -2.13 -2.17
C LEU A 18 -11.22 -3.26 -3.16
N LEU A 19 -10.71 -4.49 -2.95
CA LEU A 19 -11.18 -5.67 -3.68
C LEU A 19 -12.69 -5.91 -3.44
N GLU A 20 -13.12 -5.84 -2.18
CA GLU A 20 -14.53 -6.01 -1.80
C GLU A 20 -15.44 -4.95 -2.44
N ASN A 21 -15.02 -3.68 -2.43
CA ASN A 21 -15.77 -2.59 -3.04
C ASN A 21 -15.84 -2.69 -4.58
N LEU A 22 -14.74 -3.06 -5.25
CA LEU A 22 -14.69 -3.24 -6.71
C LEU A 22 -15.71 -4.25 -7.27
N GLU A 23 -16.18 -5.21 -6.46
CA GLU A 23 -17.23 -6.16 -6.85
C GLU A 23 -18.63 -5.53 -7.02
N LYS A 24 -18.84 -4.25 -6.63
CA LYS A 24 -20.10 -3.53 -6.81
C LYS A 24 -19.97 -2.04 -7.16
N ILE A 25 -19.15 -1.28 -6.43
CA ILE A 25 -18.95 0.19 -6.56
C ILE A 25 -20.29 0.99 -6.52
N GLU A 26 -21.35 0.41 -5.95
CA GLU A 26 -22.66 1.07 -5.80
C GLU A 26 -22.64 2.16 -4.71
N LYS A 27 -21.77 2.01 -3.70
CA LYS A 27 -21.62 2.90 -2.55
C LYS A 27 -20.16 2.95 -2.05
N GLU A 28 -19.84 3.97 -1.26
CA GLU A 28 -18.59 4.12 -0.50
C GLU A 28 -18.39 3.05 0.61
N ILE B 1 -14.16 5.06 -10.50
CA ILE B 1 -12.84 5.65 -10.12
C ILE B 1 -12.82 6.27 -8.73
N GLN B 2 -13.58 7.34 -8.47
CA GLN B 2 -13.32 8.29 -7.36
C GLN B 2 -13.08 7.65 -5.99
N ALA B 3 -13.92 6.68 -5.58
CA ALA B 3 -13.76 5.99 -4.29
C ALA B 3 -12.43 5.23 -4.18
N ILE B 4 -12.07 4.43 -5.19
CA ILE B 4 -10.82 3.66 -5.22
C ILE B 4 -9.60 4.60 -5.36
N LYS B 5 -9.72 5.68 -6.14
CA LYS B 5 -8.70 6.73 -6.28
C LYS B 5 -8.41 7.42 -4.94
N LYS B 6 -9.45 7.74 -4.17
CA LYS B 6 -9.32 8.38 -2.85
C LYS B 6 -8.72 7.43 -1.81
N GLU B 7 -9.17 6.17 -1.80
CA GLU B 7 -8.63 5.12 -0.94
C GLU B 7 -7.18 4.75 -1.26
N LEU B 8 -6.80 4.65 -2.54
CA LEU B 8 -5.40 4.51 -2.96
C LEU B 8 -4.55 5.71 -2.50
N THR B 9 -5.04 6.94 -2.65
CA THR B 9 -4.36 8.10 -2.05
C THR B 9 -4.13 7.95 -0.54
N GLN B 10 -5.07 7.36 0.22
CA GLN B 10 -4.85 7.01 1.62
C GLN B 10 -3.85 5.86 1.84
N ILE B 11 -3.52 5.04 0.84
CA ILE B 11 -2.54 3.94 1.00
C ILE B 11 -1.17 4.57 0.96
N LYS B 12 -0.92 5.32 -0.11
CA LYS B 12 0.22 6.20 -0.29
C LYS B 12 0.44 7.14 0.93
N GLN B 13 -0.60 7.75 1.48
CA GLN B 13 -0.48 8.64 2.64
C GLN B 13 -0.26 7.91 3.97
N LYS B 14 -0.91 6.76 4.21
CA LYS B 14 -0.62 5.94 5.40
C LYS B 14 0.79 5.34 5.33
N VAL B 15 1.24 4.91 4.15
CA VAL B 15 2.65 4.55 3.85
C VAL B 15 3.62 5.71 4.12
N ASP B 16 3.30 6.93 3.68
CA ASP B 16 4.13 8.13 3.92
C ASP B 16 4.33 8.42 5.42
N SER B 17 3.28 8.21 6.21
CA SER B 17 3.33 8.30 7.66
C SER B 17 4.30 7.30 8.31
N LEU B 18 4.58 6.15 7.68
CA LEU B 18 5.56 5.18 8.18
C LEU B 18 7.01 5.63 7.91
N LEU B 19 7.26 6.38 6.82
CA LEU B 19 8.55 7.05 6.59
C LEU B 19 8.88 8.04 7.72
N GLU B 20 7.88 8.84 8.12
CA GLU B 20 8.01 9.81 9.22
C GLU B 20 8.28 9.12 10.57
N ASN B 21 7.59 8.01 10.84
CA ASN B 21 7.81 7.21 12.04
C ASN B 21 9.16 6.48 12.06
N LEU B 22 9.65 5.97 10.93
CA LEU B 22 10.96 5.29 10.81
C LEU B 22 12.15 6.23 11.10
N GLU B 23 12.01 7.52 10.79
CA GLU B 23 12.96 8.57 11.17
C GLU B 23 12.98 8.88 12.69
N LYS B 24 12.09 8.29 13.49
CA LYS B 24 11.85 8.66 14.91
C LYS B 24 11.94 7.46 15.85
N ILE B 25 11.04 6.48 15.71
CA ILE B 25 10.99 5.15 16.37
C ILE B 25 10.83 5.15 17.91
N GLU B 26 11.36 6.14 18.64
CA GLU B 26 11.38 6.21 20.11
C GLU B 26 9.99 6.32 20.78
N LYS B 27 8.94 6.68 20.03
CA LYS B 27 7.56 6.86 20.55
C LYS B 27 6.51 6.46 19.51
N GLU B 28 5.94 5.26 19.68
CA GLU B 28 4.81 4.72 18.90
C GLU B 28 3.50 5.52 19.04
N ILE C 1 16.52 1.80 8.55
CA ILE C 1 15.50 2.55 7.76
C ILE C 1 15.59 2.31 6.25
N GLN C 2 16.76 2.52 5.61
CA GLN C 2 16.91 2.74 4.16
C GLN C 2 16.15 1.75 3.25
N ALA C 3 16.24 0.44 3.53
CA ALA C 3 15.54 -0.58 2.72
C ALA C 3 14.01 -0.44 2.78
N ILE C 4 13.44 -0.33 3.99
CA ILE C 4 11.99 -0.14 4.22
C ILE C 4 11.55 1.19 3.63
N LYS C 5 12.37 2.24 3.79
CA LYS C 5 12.13 3.59 3.25
C LYS C 5 12.04 3.59 1.72
N LYS C 6 12.98 2.95 1.02
CA LYS C 6 12.94 2.80 -0.44
C LYS C 6 11.68 2.05 -0.88
N GLU C 7 11.38 0.93 -0.23
CA GLU C 7 10.18 0.15 -0.53
C GLU C 7 8.85 0.86 -0.23
N LEU C 8 8.69 1.56 0.89
CA LEU C 8 7.53 2.40 1.18
C LEU C 8 7.33 3.48 0.10
N THR C 9 8.38 4.19 -0.31
CA THR C 9 8.30 5.12 -1.46
C THR C 9 7.92 4.41 -2.76
N GLN C 10 8.37 3.16 -2.99
CA GLN C 10 7.93 2.33 -4.09
C GLN C 10 6.46 1.91 -3.95
N ILE C 11 5.90 1.76 -2.73
CA ILE C 11 4.45 1.59 -2.55
C ILE C 11 3.70 2.84 -2.96
N LYS C 12 4.09 4.04 -2.52
CA LYS C 12 3.51 5.32 -3.00
C LYS C 12 3.49 5.39 -4.52
N GLN C 13 4.59 5.00 -5.18
CA GLN C 13 4.73 5.02 -6.64
C GLN C 13 3.94 3.91 -7.36
N LYS C 14 3.80 2.73 -6.77
CA LYS C 14 2.97 1.64 -7.32
C LYS C 14 1.47 1.93 -7.14
N VAL C 15 1.10 2.52 -6.00
CA VAL C 15 -0.21 3.14 -5.77
C VAL C 15 -0.48 4.28 -6.76
N ASP C 16 0.47 5.20 -7.00
CA ASP C 16 0.37 6.25 -8.03
C ASP C 16 0.14 5.66 -9.43
N SER C 17 0.79 4.53 -9.75
CA SER C 17 0.56 3.80 -11.01
C SER C 17 -0.89 3.31 -11.13
N LEU C 18 -1.52 2.82 -10.05
CA LEU C 18 -2.95 2.52 -10.03
C LEU C 18 -3.84 3.78 -10.14
N LEU C 19 -3.47 4.92 -9.52
CA LEU C 19 -4.18 6.20 -9.73
C LEU C 19 -4.19 6.62 -11.20
N GLU C 20 -3.03 6.52 -11.86
CA GLU C 20 -2.84 6.81 -13.29
C GLU C 20 -3.60 5.81 -14.19
N ASN C 21 -3.74 4.56 -13.76
CA ASN C 21 -4.43 3.49 -14.48
C ASN C 21 -5.97 3.57 -14.39
N LEU C 22 -6.52 3.90 -13.21
CA LEU C 22 -7.98 4.03 -13.00
C LEU C 22 -8.62 5.05 -13.96
N GLU C 23 -7.88 6.08 -14.36
CA GLU C 23 -8.32 7.10 -15.33
C GLU C 23 -8.67 6.53 -16.72
N LYS C 24 -8.11 5.37 -17.12
CA LYS C 24 -8.43 4.71 -18.40
C LYS C 24 -9.79 4.02 -18.40
N ILE C 25 -10.27 3.57 -17.23
CA ILE C 25 -11.61 3.02 -16.95
C ILE C 25 -11.87 1.64 -17.61
N GLU C 26 -11.33 1.38 -18.80
CA GLU C 26 -11.60 0.17 -19.59
C GLU C 26 -10.38 -0.48 -20.27
N LYS C 27 -9.21 0.18 -20.23
CA LYS C 27 -7.91 -0.40 -20.63
C LYS C 27 -7.14 -0.78 -19.36
N GLU C 28 -6.79 -2.06 -19.24
CA GLU C 28 -6.35 -2.73 -18.00
C GLU C 28 -7.16 -2.29 -16.76
N ILE D 1 -12.86 -4.32 -12.99
CA ILE D 1 -12.28 -4.96 -11.76
C ILE D 1 -10.96 -5.69 -12.02
N GLN D 2 -10.92 -6.73 -12.85
CA GLN D 2 -9.91 -7.82 -12.81
C GLN D 2 -8.44 -7.35 -12.70
N ALA D 3 -8.01 -6.40 -13.54
CA ALA D 3 -6.65 -5.88 -13.53
C ALA D 3 -6.32 -5.04 -12.27
N ILE D 4 -7.25 -4.17 -11.82
CA ILE D 4 -7.11 -3.40 -10.58
C ILE D 4 -7.05 -4.35 -9.38
N LYS D 5 -7.91 -5.37 -9.37
CA LYS D 5 -7.87 -6.47 -8.39
C LYS D 5 -6.51 -7.18 -8.34
N LYS D 6 -5.90 -7.45 -9.50
CA LYS D 6 -4.55 -8.03 -9.59
C LYS D 6 -3.49 -7.10 -8.98
N GLU D 7 -3.45 -5.83 -9.39
CA GLU D 7 -2.54 -4.82 -8.86
C GLU D 7 -2.71 -4.49 -7.37
N LEU D 8 -3.93 -4.43 -6.83
CA LEU D 8 -4.18 -4.36 -5.38
C LEU D 8 -3.59 -5.57 -4.65
N THR D 9 -3.75 -6.78 -5.19
CA THR D 9 -3.01 -7.98 -4.71
C THR D 9 -1.49 -7.87 -4.85
N GLN D 10 -0.95 -7.20 -5.87
CA GLN D 10 0.50 -6.87 -5.91
C GLN D 10 0.93 -5.90 -4.79
N ILE D 11 0.09 -4.91 -4.42
CA ILE D 11 0.35 -4.06 -3.24
C ILE D 11 0.38 -4.90 -1.96
N LYS D 12 -0.62 -5.77 -1.73
CA LYS D 12 -0.61 -6.69 -0.59
C LYS D 12 0.63 -7.59 -0.56
N GLN D 13 1.09 -8.06 -1.72
CA GLN D 13 2.32 -8.85 -1.84
C GLN D 13 3.57 -8.05 -1.43
N LYS D 14 3.74 -6.80 -1.90
CA LYS D 14 4.89 -6.00 -1.44
C LYS D 14 4.78 -5.61 0.03
N VAL D 15 3.59 -5.23 0.50
CA VAL D 15 3.36 -4.87 1.90
C VAL D 15 3.61 -6.05 2.85
N ASP D 16 3.25 -7.28 2.45
CA ASP D 16 3.62 -8.52 3.15
C ASP D 16 5.14 -8.78 3.11
N SER D 17 5.77 -8.57 1.96
CA SER D 17 7.22 -8.69 1.79
C SER D 17 8.00 -7.77 2.74
N LEU D 18 7.51 -6.56 3.04
CA LEU D 18 8.13 -5.68 4.05
C LEU D 18 7.96 -6.19 5.49
N LEU D 19 6.95 -7.01 5.81
CA LEU D 19 6.93 -7.71 7.10
C LEU D 19 8.10 -8.69 7.23
N GLU D 20 8.37 -9.48 6.19
CA GLU D 20 9.54 -10.38 6.15
C GLU D 20 10.86 -9.60 6.23
N ASN D 21 10.97 -8.49 5.49
CA ASN D 21 12.14 -7.60 5.51
C ASN D 21 12.39 -6.98 6.91
N LEU D 22 11.32 -6.58 7.61
CA LEU D 22 11.38 -6.04 8.98
C LEU D 22 11.80 -7.11 9.99
N GLU D 23 11.36 -8.36 9.83
CA GLU D 23 11.82 -9.47 10.69
C GLU D 23 13.35 -9.67 10.60
N LYS D 24 13.99 -9.42 9.44
CA LYS D 24 15.46 -9.47 9.31
C LYS D 24 16.17 -8.45 10.20
N ILE D 25 15.55 -7.27 10.40
CA ILE D 25 16.06 -6.19 11.26
C ILE D 25 15.92 -6.56 12.75
N GLU D 26 14.84 -7.26 13.13
CA GLU D 26 14.70 -7.83 14.48
C GLU D 26 15.73 -8.95 14.74
N LYS D 27 15.79 -9.97 13.85
CA LYS D 27 16.81 -11.03 13.83
C LYS D 27 16.82 -11.76 12.47
N GLU D 28 17.99 -11.84 11.84
CA GLU D 28 18.20 -12.50 10.53
C GLU D 28 17.67 -13.95 10.43
#